data_8K4V
#
_entry.id   8K4V
#
_cell.length_a   118.648
_cell.length_b   121.602
_cell.length_c   155.814
_cell.angle_alpha   90.000
_cell.angle_beta   90.000
_cell.angle_gamma   90.000
#
_symmetry.space_group_name_H-M   'P 21 21 21'
#
loop_
_entity.id
_entity.type
_entity.pdbx_description
1 polymer 'HLA class I histocompatibility antigen, A alpha chain'
2 polymer Beta-2-microglobulin
3 polymer 'KRAS G12R peptide (VVVGARGVGK)'
#
loop_
_entity_poly.entity_id
_entity_poly.type
_entity_poly.pdbx_seq_one_letter_code
_entity_poly.pdbx_strand_id
1 'polypeptide(L)'
;MGSHSMRYFYTSVSRPGRGEPRFIAVGYVDDTQFVRFDSDAASQRMEPRAPWIEQEGPEYWDQETRNVKAQSQTDRVDLG
TLRGYYNQSEDGSHTIQIMYGCDVGPDGRFLRGYRQDAYDGKDYIALNEDLRSWTAADMAAQITKRKWEAAHAAEQQRAY
LEGRCVEWLRRYLENGKETLQRTDPPKTHMTHHPISDHEATLRCWALGFYPAEITLTWQRDGEDQTQDTELVETRPAGDG
TFQKWAAVVVPSGEEQRYTCHVQHEGLPKPLTLRWE
;
A,D,G,J
2 'polypeptide(L)'
;MIQRTPKIQVYSRHPAENGKSNFLNCYVSGFHPSDIEVDLLKNGERIEKVEHSDLSFSKDWSFYLLYYTEFTPTEKDEYA
CRVNHVTLSQPKIVKWDRDMGSGGSGAGLNDIFEAQKIEWHE
;
B,E,H,K
3 'polypeptide(L)' VVVGARGVGK C,F,I,L
#
# COMPACT_ATOMS: atom_id res chain seq x y z
N GLY A 2 8.87 36.40 -35.31
CA GLY A 2 9.97 36.03 -34.43
C GLY A 2 10.23 34.54 -34.40
N SER A 3 11.15 34.11 -33.54
CA SER A 3 11.41 32.69 -33.37
C SER A 3 10.31 32.04 -32.52
N HIS A 4 10.05 30.77 -32.80
CA HIS A 4 8.98 30.05 -32.11
C HIS A 4 9.43 28.62 -31.85
N SER A 5 8.72 27.97 -30.93
CA SER A 5 9.03 26.60 -30.55
C SER A 5 7.73 25.84 -30.31
N MET A 6 7.72 24.59 -30.74
CA MET A 6 6.66 23.66 -30.37
C MET A 6 7.25 22.66 -29.38
N ARG A 7 6.56 22.45 -28.27
CA ARG A 7 7.06 21.59 -27.20
C ARG A 7 5.94 20.71 -26.71
N TYR A 8 6.22 19.42 -26.54
CA TYR A 8 5.31 18.48 -25.93
C TYR A 8 5.90 18.01 -24.61
N PHE A 9 5.04 17.86 -23.60
CA PHE A 9 5.46 17.46 -22.26
C PHE A 9 4.63 16.25 -21.87
N TYR A 10 5.30 15.10 -21.71
CA TYR A 10 4.66 13.86 -21.35
C TYR A 10 5.04 13.47 -19.92
N THR A 11 4.05 13.03 -19.15
CA THR A 11 4.29 12.55 -17.79
C THR A 11 3.48 11.28 -17.59
N SER A 12 4.15 10.18 -17.27
CA SER A 12 3.50 8.92 -16.94
C SER A 12 3.92 8.50 -15.55
N VAL A 13 2.95 8.35 -14.65
CA VAL A 13 3.21 8.02 -13.25
C VAL A 13 2.51 6.72 -12.93
N SER A 14 3.28 5.69 -12.59
CA SER A 14 2.72 4.42 -12.18
C SER A 14 2.04 4.55 -10.82
N ARG A 15 0.90 3.87 -10.67
CA ARG A 15 0.15 3.88 -9.41
C ARG A 15 -0.17 2.44 -9.02
N PRO A 16 0.75 1.78 -8.31
CA PRO A 16 0.53 0.37 -7.97
C PRO A 16 -0.69 0.19 -7.07
N GLY A 17 -1.45 -0.87 -7.34
CA GLY A 17 -2.66 -1.14 -6.61
C GLY A 17 -3.81 -0.21 -6.93
N ARG A 18 -3.65 0.69 -7.91
CA ARG A 18 -4.70 1.64 -8.27
C ARG A 18 -4.98 1.69 -9.77
N GLY A 19 -4.54 0.70 -10.55
CA GLY A 19 -4.76 0.75 -11.98
C GLY A 19 -3.54 1.19 -12.77
N GLU A 20 -3.75 1.31 -14.09
CA GLU A 20 -2.67 1.71 -14.99
C GLU A 20 -2.14 3.10 -14.65
N PRO A 21 -0.91 3.39 -15.06
CA PRO A 21 -0.33 4.71 -14.75
C PRO A 21 -1.13 5.87 -15.33
N ARG A 22 -1.04 7.02 -14.66
CA ARG A 22 -1.65 8.23 -15.17
C ARG A 22 -0.76 8.80 -16.27
N PHE A 23 -1.34 9.03 -17.45
CA PHE A 23 -0.60 9.56 -18.59
C PHE A 23 -1.14 10.93 -18.92
N ILE A 24 -0.24 11.92 -18.96
CA ILE A 24 -0.62 13.30 -19.21
C ILE A 24 0.27 13.86 -20.33
N ALA A 25 -0.36 14.37 -21.38
CA ALA A 25 0.32 14.99 -22.50
C ALA A 25 -0.22 16.39 -22.71
N VAL A 26 0.68 17.34 -22.95
CA VAL A 26 0.31 18.72 -23.24
C VAL A 26 1.13 19.19 -24.44
N GLY A 27 0.50 19.96 -25.32
CA GLY A 27 1.17 20.49 -26.49
C GLY A 27 1.24 22.01 -26.41
N TYR A 28 2.43 22.54 -26.68
CA TYR A 28 2.68 23.97 -26.62
C TYR A 28 3.19 24.50 -27.95
N VAL A 29 2.79 25.72 -28.27
CA VAL A 29 3.48 26.59 -29.21
C VAL A 29 3.84 27.86 -28.46
N ASP A 30 5.14 28.12 -28.32
CA ASP A 30 5.66 29.17 -27.44
C ASP A 30 5.15 28.89 -26.03
N ASP A 31 4.38 29.79 -25.42
CA ASP A 31 3.80 29.57 -24.10
C ASP A 31 2.29 29.37 -24.20
N THR A 32 1.79 28.99 -25.36
CA THR A 32 0.36 28.81 -25.60
C THR A 32 0.10 27.32 -25.75
N GLN A 33 -0.55 26.74 -24.74
CA GLN A 33 -0.99 25.35 -24.82
C GLN A 33 -2.09 25.24 -25.86
N PHE A 34 -2.11 24.11 -26.58
CA PHE A 34 -3.13 23.94 -27.62
C PHE A 34 -3.68 22.53 -27.78
N VAL A 35 -3.09 21.50 -27.16
CA VAL A 35 -3.66 20.17 -27.15
C VAL A 35 -3.37 19.53 -25.80
N ARG A 36 -4.24 18.59 -25.40
CA ARG A 36 -4.02 17.86 -24.16
C ARG A 36 -4.52 16.43 -24.32
N PHE A 37 -3.97 15.56 -23.48
CA PHE A 37 -4.52 14.23 -23.27
C PHE A 37 -4.34 13.87 -21.81
N ASP A 38 -5.37 13.24 -21.24
CA ASP A 38 -5.32 12.77 -19.86
C ASP A 38 -5.88 11.34 -19.86
N SER A 39 -5.09 10.40 -19.34
CA SER A 39 -5.50 9.02 -19.26
C SER A 39 -6.76 8.82 -18.41
N ASP A 40 -7.06 9.74 -17.51
CA ASP A 40 -8.21 9.60 -16.63
C ASP A 40 -9.47 10.27 -17.16
N ALA A 41 -9.34 11.18 -18.11
CA ALA A 41 -10.52 11.85 -18.65
C ALA A 41 -11.35 10.89 -19.50
N ALA A 42 -12.67 11.07 -19.45
CA ALA A 42 -13.59 10.11 -20.06
C ALA A 42 -13.55 10.15 -21.59
N SER A 43 -13.11 11.26 -22.18
CA SER A 43 -13.18 11.41 -23.63
C SER A 43 -12.31 10.39 -24.36
N GLN A 44 -11.15 10.04 -23.79
CA GLN A 44 -10.17 9.18 -24.45
C GLN A 44 -9.78 9.75 -25.81
N ARG A 45 -9.63 11.07 -25.87
CA ARG A 45 -9.23 11.75 -27.08
C ARG A 45 -8.21 12.83 -26.74
N MET A 46 -7.39 13.18 -27.73
CA MET A 46 -6.62 14.41 -27.64
C MET A 46 -7.58 15.59 -27.75
N GLU A 47 -7.51 16.50 -26.79
CA GLU A 47 -8.56 17.52 -26.83
C GLU A 47 -7.97 18.89 -27.13
N PRO A 48 -8.67 19.69 -27.95
CA PRO A 48 -8.16 21.04 -28.26
C PRO A 48 -8.21 21.94 -27.05
N ARG A 49 -7.20 22.80 -26.94
CA ARG A 49 -7.15 23.79 -25.85
C ARG A 49 -6.89 25.19 -26.39
N ALA A 50 -6.85 25.38 -27.70
CA ALA A 50 -6.64 26.67 -28.33
C ALA A 50 -7.65 26.86 -29.46
N PRO A 51 -8.03 28.11 -29.75
CA PRO A 51 -9.07 28.31 -30.77
C PRO A 51 -8.62 27.92 -32.17
N TRP A 52 -7.35 28.14 -32.53
CA TRP A 52 -6.91 27.86 -33.88
C TRP A 52 -6.66 26.37 -34.13
N ILE A 53 -6.55 25.56 -33.08
CA ILE A 53 -6.42 24.12 -33.25
C ILE A 53 -7.79 23.45 -33.40
N GLU A 54 -8.86 24.11 -32.97
CA GLU A 54 -10.19 23.51 -32.97
C GLU A 54 -10.72 23.24 -34.38
N GLN A 55 -10.17 23.91 -35.40
CA GLN A 55 -10.60 23.69 -36.76
C GLN A 55 -10.03 22.42 -37.38
N GLU A 56 -9.08 21.77 -36.71
CA GLU A 56 -8.43 20.59 -37.28
C GLU A 56 -9.45 19.48 -37.49
N GLY A 57 -9.36 18.83 -38.64
CA GLY A 57 -10.31 17.79 -39.02
C GLY A 57 -10.30 16.58 -38.11
N PRO A 58 -11.32 15.73 -38.25
CA PRO A 58 -11.38 14.52 -37.41
C PRO A 58 -10.23 13.57 -37.62
N GLU A 59 -9.69 13.49 -38.85
CA GLU A 59 -8.55 12.62 -39.11
C GLU A 59 -7.37 13.01 -38.23
N TYR A 60 -7.16 14.31 -38.05
CA TYR A 60 -6.14 14.81 -37.13
C TYR A 60 -6.34 14.25 -35.73
N TRP A 61 -7.53 14.47 -35.16
CA TRP A 61 -7.80 14.05 -33.79
C TRP A 61 -7.74 12.53 -33.64
N ASP A 62 -8.19 11.80 -34.66
CA ASP A 62 -8.11 10.34 -34.59
C ASP A 62 -6.66 9.88 -34.61
N GLN A 63 -5.83 10.51 -35.45
CA GLN A 63 -4.43 10.13 -35.54
C GLN A 63 -3.65 10.55 -34.30
N GLU A 64 -3.87 11.79 -33.83
CA GLU A 64 -3.15 12.27 -32.66
C GLU A 64 -3.51 11.47 -31.41
N THR A 65 -4.77 11.05 -31.29
CA THR A 65 -5.16 10.21 -30.16
C THR A 65 -4.51 8.85 -30.23
N ARG A 66 -4.47 8.25 -31.42
CA ARG A 66 -3.83 6.94 -31.58
C ARG A 66 -2.36 7.00 -31.24
N ASN A 67 -1.63 7.96 -31.83
CA ASN A 67 -0.19 8.05 -31.61
C ASN A 67 0.14 8.40 -30.16
N VAL A 68 -0.69 9.23 -29.51
CA VAL A 68 -0.43 9.55 -28.12
C VAL A 68 -0.78 8.37 -27.23
N LYS A 69 -1.75 7.55 -27.67
CA LYS A 69 -2.01 6.28 -26.98
C LYS A 69 -0.81 5.36 -27.12
N ALA A 70 -0.17 5.35 -28.29
CA ALA A 70 1.06 4.58 -28.46
C ALA A 70 2.12 5.02 -27.47
N GLN A 71 2.32 6.34 -27.34
CA GLN A 71 3.24 6.87 -26.34
CA GLN A 71 3.25 6.84 -26.34
C GLN A 71 2.79 6.54 -24.92
N SER A 72 1.51 6.21 -24.71
CA SER A 72 1.05 5.80 -23.40
C SER A 72 1.44 4.36 -23.10
N GLN A 73 1.35 3.48 -24.09
CA GLN A 73 1.78 2.09 -23.88
C GLN A 73 3.29 1.99 -23.79
N THR A 74 4.01 2.77 -24.61
CA THR A 74 5.47 2.80 -24.52
C THR A 74 5.92 3.20 -23.12
N ASP A 75 5.25 4.18 -22.51
CA ASP A 75 5.61 4.62 -21.17
C ASP A 75 5.35 3.53 -20.13
N ARG A 76 4.22 2.83 -20.25
CA ARG A 76 3.89 1.78 -19.28
C ARG A 76 4.91 0.64 -19.34
N VAL A 77 5.33 0.25 -20.54
CA VAL A 77 6.36 -0.79 -20.68
C VAL A 77 7.66 -0.32 -20.05
N ASP A 78 8.08 0.92 -20.35
CA ASP A 78 9.37 1.42 -19.88
C ASP A 78 9.41 1.53 -18.36
N LEU A 79 8.27 1.79 -17.71
CA LEU A 79 8.25 1.89 -16.26
C LEU A 79 8.73 0.60 -15.61
N GLY A 80 8.25 -0.54 -16.10
CA GLY A 80 8.73 -1.81 -15.59
C GLY A 80 10.16 -2.08 -15.98
N THR A 81 10.52 -1.78 -17.24
CA THR A 81 11.88 -1.99 -17.70
C THR A 81 12.88 -1.22 -16.83
N LEU A 82 12.55 0.04 -16.50
CA LEU A 82 13.42 0.81 -15.63
C LEU A 82 13.32 0.33 -14.20
N ARG A 83 12.15 -0.16 -13.78
CA ARG A 83 12.06 -0.77 -12.46
C ARG A 83 13.01 -1.95 -12.33
N GLY A 84 13.16 -2.72 -13.41
CA GLY A 84 14.16 -3.78 -13.43
C GLY A 84 15.58 -3.24 -13.46
N TYR A 85 15.80 -2.15 -14.21
CA TYR A 85 17.13 -1.56 -14.28
C TYR A 85 17.56 -0.99 -12.94
N TYR A 86 16.62 -0.42 -12.20
CA TYR A 86 16.92 0.20 -10.92
C TYR A 86 16.58 -0.70 -9.74
N ASN A 87 16.02 -1.88 -10.01
CA ASN A 87 15.73 -2.90 -9.02
C ASN A 87 14.93 -2.32 -7.84
N GLN A 88 13.80 -1.70 -8.17
CA GLN A 88 12.94 -1.05 -7.20
C GLN A 88 11.69 -1.89 -6.99
N SER A 89 11.10 -1.76 -5.79
CA SER A 89 9.88 -2.49 -5.49
C SER A 89 8.77 -2.13 -6.47
N GLU A 90 7.96 -3.14 -6.82
CA GLU A 90 6.81 -2.94 -7.68
C GLU A 90 5.67 -2.23 -6.97
N ASP A 91 5.78 -2.02 -5.65
CA ASP A 91 4.74 -1.38 -4.86
C ASP A 91 4.82 0.14 -4.90
N GLY A 92 6.00 0.68 -5.17
CA GLY A 92 6.18 2.12 -5.18
C GLY A 92 5.75 2.77 -6.48
N SER A 93 5.27 4.00 -6.37
CA SER A 93 4.90 4.79 -7.53
C SER A 93 6.13 5.47 -8.11
N HIS A 94 6.22 5.48 -9.44
CA HIS A 94 7.39 6.01 -10.14
C HIS A 94 6.93 6.92 -11.27
N THR A 95 7.85 7.73 -11.79
CA THR A 95 7.52 8.78 -12.73
C THR A 95 8.49 8.78 -13.90
N ILE A 96 7.96 8.88 -15.11
CA ILE A 96 8.74 9.07 -16.33
C ILE A 96 8.24 10.35 -16.99
N GLN A 97 9.15 11.28 -17.26
CA GLN A 97 8.81 12.55 -17.88
C GLN A 97 9.56 12.68 -19.19
N ILE A 98 8.82 12.98 -20.26
CA ILE A 98 9.39 13.09 -21.60
C ILE A 98 9.03 14.46 -22.17
N MET A 99 10.04 15.17 -22.66
CA MET A 99 9.84 16.46 -23.31
C MET A 99 10.62 16.45 -24.62
N TYR A 100 9.98 16.90 -25.70
CA TYR A 100 10.67 17.05 -26.97
C TYR A 100 10.01 18.20 -27.73
N GLY A 101 10.72 18.69 -28.75
CA GLY A 101 10.18 19.74 -29.58
C GLY A 101 11.25 20.35 -30.45
N CYS A 102 10.80 21.23 -31.34
CA CYS A 102 11.64 21.85 -32.36
C CYS A 102 11.45 23.36 -32.36
N ASP A 103 12.51 24.07 -32.76
CA ASP A 103 12.50 25.52 -32.84
C ASP A 103 12.74 25.96 -34.28
N VAL A 104 12.12 27.09 -34.65
CA VAL A 104 12.34 27.70 -35.95
C VAL A 104 12.64 29.19 -35.74
N GLY A 105 13.33 29.78 -36.71
CA GLY A 105 13.64 31.19 -36.69
C GLY A 105 12.56 32.03 -37.33
N PRO A 106 12.79 33.33 -37.42
CA PRO A 106 11.80 34.22 -38.06
C PRO A 106 11.50 33.86 -39.52
N ASP A 107 12.39 33.14 -40.19
CA ASP A 107 12.13 32.67 -41.54
C ASP A 107 11.47 31.29 -41.57
N GLY A 108 11.18 30.73 -40.40
CA GLY A 108 10.58 29.42 -40.30
C GLY A 108 11.55 28.28 -40.51
N ARG A 109 12.84 28.56 -40.64
CA ARG A 109 13.83 27.53 -40.88
C ARG A 109 14.28 26.91 -39.56
N PHE A 110 14.56 25.60 -39.61
CA PHE A 110 14.93 24.85 -38.43
C PHE A 110 16.14 25.44 -37.71
N LEU A 111 16.05 25.47 -36.38
CA LEU A 111 17.14 25.90 -35.52
C LEU A 111 17.65 24.79 -34.62
N ARG A 112 16.77 24.14 -33.86
CA ARG A 112 17.20 23.17 -32.86
C ARG A 112 16.13 22.12 -32.67
N GLY A 113 16.57 20.93 -32.29
CA GLY A 113 15.68 19.84 -31.93
C GLY A 113 15.96 19.41 -30.51
N TYR A 114 14.92 18.90 -29.84
CA TYR A 114 15.01 18.56 -28.42
C TYR A 114 14.38 17.20 -28.16
N ARG A 115 14.95 16.51 -27.18
CA ARG A 115 14.37 15.28 -26.64
C ARG A 115 15.06 15.00 -25.31
N GLN A 116 14.29 15.01 -24.23
CA GLN A 116 14.83 14.76 -22.90
C GLN A 116 13.87 13.85 -22.15
N ASP A 117 14.40 12.78 -21.58
CA ASP A 117 13.63 11.83 -20.81
C ASP A 117 14.15 11.79 -19.39
N ALA A 118 13.23 11.68 -18.43
CA ALA A 118 13.57 11.68 -17.02
C ALA A 118 12.92 10.51 -16.32
N TYR A 119 13.51 10.11 -15.20
CA TYR A 119 12.98 9.06 -14.33
C TYR A 119 12.99 9.58 -12.90
N ASP A 120 11.81 9.65 -12.28
CA ASP A 120 11.67 10.11 -10.90
C ASP A 120 12.23 11.51 -10.73
N GLY A 121 12.02 12.37 -11.71
CA GLY A 121 12.43 13.74 -11.62
C GLY A 121 13.91 13.99 -11.84
N LYS A 122 14.63 13.00 -12.37
CA LYS A 122 16.06 13.14 -12.66
C LYS A 122 16.34 12.80 -14.11
N ASP A 123 17.36 13.47 -14.66
CA ASP A 123 17.79 13.20 -16.02
C ASP A 123 18.11 11.72 -16.21
N TYR A 124 17.60 11.15 -17.30
CA TYR A 124 17.86 9.76 -17.63
C TYR A 124 18.65 9.67 -18.93
N ILE A 125 18.05 9.95 -20.07
CA ILE A 125 18.75 10.02 -21.35
C ILE A 125 18.30 11.29 -22.06
N ALA A 126 19.20 11.86 -22.85
CA ALA A 126 18.94 13.10 -23.55
C ALA A 126 19.49 13.02 -24.96
N LEU A 127 18.70 13.44 -25.93
CA LEU A 127 19.19 13.55 -27.30
C LEU A 127 20.15 14.73 -27.40
N ASN A 128 21.36 14.46 -27.85
CA ASN A 128 22.38 15.50 -27.97
C ASN A 128 22.05 16.45 -29.11
N GLU A 129 22.77 17.58 -29.14
CA GLU A 129 22.49 18.61 -30.13
C GLU A 129 22.64 18.09 -31.56
N ASP A 130 23.55 17.15 -31.78
CA ASP A 130 23.77 16.64 -33.14
C ASP A 130 22.61 15.78 -33.64
N LEU A 131 21.63 15.45 -32.80
CA LEU A 131 20.50 14.59 -33.16
C LEU A 131 20.95 13.24 -33.69
N ARG A 132 22.16 12.81 -33.30
CA ARG A 132 22.72 11.56 -33.76
C ARG A 132 23.32 10.73 -32.63
N SER A 133 23.39 11.26 -31.41
CA SER A 133 24.00 10.59 -30.29
C SER A 133 23.24 10.97 -29.03
N TRP A 134 23.47 10.20 -27.97
CA TRP A 134 22.74 10.33 -26.72
C TRP A 134 23.72 10.59 -25.57
N THR A 135 23.19 11.09 -24.47
CA THR A 135 23.95 11.28 -23.23
C THR A 135 23.25 10.53 -22.11
N ALA A 136 23.98 9.63 -21.47
CA ALA A 136 23.46 8.81 -20.38
C ALA A 136 23.86 9.42 -19.04
N ALA A 137 22.95 9.36 -18.07
CA ALA A 137 23.20 9.88 -16.74
C ALA A 137 23.66 8.83 -15.74
N ASP A 138 23.42 7.55 -16.01
CA ASP A 138 23.81 6.48 -15.10
C ASP A 138 24.01 5.20 -15.91
N MET A 139 24.41 4.14 -15.19
CA MET A 139 24.65 2.86 -15.85
C MET A 139 23.38 2.29 -16.46
N ALA A 140 22.22 2.61 -15.88
CA ALA A 140 20.96 2.14 -16.44
C ALA A 140 20.71 2.75 -17.81
N ALA A 141 21.03 4.04 -17.98
CA ALA A 141 20.80 4.68 -19.27
C ALA A 141 21.75 4.14 -20.34
N GLN A 142 22.92 3.66 -19.94
CA GLN A 142 23.81 3.00 -20.91
C GLN A 142 23.14 1.79 -21.54
N ILE A 143 22.28 1.11 -20.79
CA ILE A 143 21.50 -0.01 -21.35
C ILE A 143 20.61 0.51 -22.47
N THR A 144 19.86 1.58 -22.20
CA THR A 144 19.01 2.18 -23.22
C THR A 144 19.85 2.84 -24.32
N LYS A 145 20.96 3.48 -23.95
CA LYS A 145 21.82 4.12 -24.94
C LYS A 145 22.27 3.14 -26.01
N ARG A 146 22.83 2.00 -25.60
CA ARG A 146 23.24 1.00 -26.58
C ARG A 146 22.05 0.41 -27.32
N LYS A 147 20.95 0.16 -26.60
CA LYS A 147 19.74 -0.33 -27.26
C LYS A 147 19.33 0.63 -28.37
N TRP A 148 19.27 1.92 -28.04
CA TRP A 148 18.85 2.90 -29.04
C TRP A 148 19.91 3.10 -30.11
N GLU A 149 21.20 2.96 -29.73
CA GLU A 149 22.25 2.95 -30.74
C GLU A 149 22.08 1.74 -31.65
N ALA A 150 21.79 0.57 -31.06
CA ALA A 150 21.56 -0.64 -31.85
C ALA A 150 20.24 -0.57 -32.60
N ALA A 151 19.19 -0.03 -31.96
CA ALA A 151 17.88 0.06 -32.60
C ALA A 151 17.73 1.28 -33.50
N HIS A 152 18.75 2.15 -33.53
CA HIS A 152 18.75 3.34 -34.39
C HIS A 152 17.55 4.23 -34.11
N ALA A 153 17.34 4.54 -32.82
CA ALA A 153 16.22 5.39 -32.43
C ALA A 153 16.41 6.82 -32.92
N ALA A 154 17.66 7.31 -32.89
CA ALA A 154 17.93 8.68 -33.32
C ALA A 154 17.53 8.92 -34.77
N GLU A 155 17.51 7.88 -35.60
CA GLU A 155 17.09 8.06 -36.98
C GLU A 155 15.62 8.46 -37.08
N GLN A 156 14.78 7.93 -36.20
CA GLN A 156 13.36 8.27 -36.25
C GLN A 156 13.07 9.66 -35.68
N GLN A 157 13.75 10.02 -34.58
CA GLN A 157 13.49 11.30 -33.94
C GLN A 157 13.94 12.47 -34.81
N ARG A 158 15.14 12.39 -35.38
CA ARG A 158 15.64 13.47 -36.23
C ARG A 158 14.75 13.69 -37.45
N ALA A 159 14.18 12.60 -38.00
CA ALA A 159 13.31 12.73 -39.16
C ALA A 159 12.07 13.57 -38.84
N TYR A 160 11.47 13.31 -37.67
CA TYR A 160 10.31 14.10 -37.26
C TYR A 160 10.72 15.53 -36.90
N LEU A 161 11.75 15.67 -36.07
CA LEU A 161 12.16 16.98 -35.58
C LEU A 161 12.58 17.89 -36.74
N GLU A 162 13.20 17.34 -37.78
CA GLU A 162 13.56 18.13 -38.95
C GLU A 162 12.44 18.20 -39.98
N GLY A 163 11.38 17.41 -39.80
CA GLY A 163 10.28 17.39 -40.75
C GLY A 163 8.94 17.78 -40.17
N ARG A 164 8.16 16.77 -39.78
CA ARG A 164 6.79 16.99 -39.33
C ARG A 164 6.72 17.97 -38.16
N CYS A 165 7.74 18.02 -37.31
CA CYS A 165 7.73 18.95 -36.18
C CYS A 165 7.70 20.39 -36.66
N VAL A 166 8.70 20.79 -37.45
CA VAL A 166 8.77 22.19 -37.90
C VAL A 166 7.76 22.48 -39.00
N GLU A 167 7.38 21.47 -39.79
CA GLU A 167 6.38 21.67 -40.83
C GLU A 167 5.05 22.10 -40.24
N TRP A 168 4.62 21.42 -39.17
CA TRP A 168 3.33 21.73 -38.56
C TRP A 168 3.44 22.93 -37.63
N LEU A 169 4.61 23.18 -37.05
CA LEU A 169 4.82 24.42 -36.30
C LEU A 169 4.58 25.62 -37.20
N ARG A 170 4.98 25.53 -38.47
CA ARG A 170 4.70 26.58 -39.43
C ARG A 170 3.20 26.71 -39.68
N ARG A 171 2.47 25.59 -39.72
CA ARG A 171 1.04 25.65 -39.97
C ARG A 171 0.28 26.20 -38.78
N TYR A 172 0.62 25.76 -37.56
CA TYR A 172 -0.04 26.29 -36.37
C TYR A 172 0.19 27.79 -36.24
N LEU A 173 1.44 28.22 -36.41
CA LEU A 173 1.77 29.64 -36.33
C LEU A 173 1.08 30.43 -37.44
N GLU A 174 0.80 29.79 -38.58
CA GLU A 174 0.12 30.50 -39.66
C GLU A 174 -1.38 30.55 -39.38
N ASN A 175 -2.00 29.41 -39.12
CA ASN A 175 -3.43 29.40 -38.80
C ASN A 175 -3.71 30.12 -37.49
N GLY A 176 -2.73 30.15 -36.58
CA GLY A 176 -2.88 30.86 -35.34
C GLY A 176 -2.11 32.18 -35.31
N LYS A 177 -1.89 32.76 -36.49
CA LYS A 177 -1.15 34.02 -36.57
C LYS A 177 -1.87 35.12 -35.83
N GLU A 178 -3.19 34.99 -35.67
CA GLU A 178 -3.99 36.03 -35.03
C GLU A 178 -3.64 36.18 -33.55
N THR A 179 -3.25 35.08 -32.91
CA THR A 179 -2.91 35.05 -31.50
C THR A 179 -1.45 34.82 -31.20
N LEU A 180 -0.75 34.04 -32.02
CA LEU A 180 0.61 33.61 -31.70
C LEU A 180 1.68 34.65 -32.01
N GLN A 181 1.40 35.62 -32.89
CA GLN A 181 2.37 36.65 -33.24
C GLN A 181 2.26 37.88 -32.36
N ARG A 182 1.47 37.83 -31.29
CA ARG A 182 1.28 38.98 -30.43
C ARG A 182 2.47 39.12 -29.47
N THR A 183 2.77 40.38 -29.13
CA THR A 183 3.70 40.72 -28.06
C THR A 183 2.96 41.65 -27.12
N ASP A 184 2.45 41.11 -26.01
CA ASP A 184 1.69 41.88 -25.04
C ASP A 184 2.66 42.54 -24.06
N PRO A 185 2.82 43.86 -24.08
CA PRO A 185 3.77 44.49 -23.17
C PRO A 185 3.28 44.44 -21.74
N PRO A 186 4.18 44.43 -20.76
CA PRO A 186 3.74 44.38 -19.37
C PRO A 186 3.13 45.70 -18.91
N LYS A 187 2.05 45.61 -18.14
CA LYS A 187 1.49 46.76 -17.45
C LYS A 187 2.07 46.81 -16.04
N THR A 188 2.84 47.85 -15.76
CA THR A 188 3.66 47.93 -14.56
C THR A 188 3.12 48.98 -13.59
N HIS A 189 3.46 48.79 -12.32
CA HIS A 189 3.17 49.75 -11.26
C HIS A 189 4.02 49.35 -10.06
N MET A 190 4.02 50.21 -9.05
CA MET A 190 4.83 49.99 -7.86
C MET A 190 3.98 50.20 -6.62
N THR A 191 4.27 49.43 -5.58
CA THR A 191 3.58 49.53 -4.31
C THR A 191 4.61 49.72 -3.20
N HIS A 192 4.14 50.30 -2.09
CA HIS A 192 5.02 50.65 -0.98
C HIS A 192 4.33 50.28 0.33
N HIS A 193 4.98 49.45 1.13
CA HIS A 193 4.46 49.06 2.44
C HIS A 193 5.56 49.24 3.47
N PRO A 194 5.37 50.11 4.46
CA PRO A 194 6.36 50.18 5.55
C PRO A 194 6.33 48.90 6.35
N ILE A 195 7.52 48.44 6.76
CA ILE A 195 7.65 47.32 7.67
C ILE A 195 7.83 47.80 9.10
N SER A 196 8.56 48.90 9.28
CA SER A 196 8.78 49.49 10.59
C SER A 196 9.00 50.98 10.41
N ASP A 197 9.38 51.66 11.49
CA ASP A 197 9.67 53.09 11.47
C ASP A 197 10.91 53.44 10.66
N HIS A 198 11.74 52.45 10.31
CA HIS A 198 13.01 52.69 9.65
C HIS A 198 13.19 51.90 8.36
N GLU A 199 12.22 51.09 7.94
CA GLU A 199 12.35 50.30 6.72
C GLU A 199 11.00 50.22 6.02
N ALA A 200 11.04 49.91 4.73
CA ALA A 200 9.84 49.80 3.92
C ALA A 200 10.10 48.84 2.77
N THR A 201 9.02 48.32 2.21
CA THR A 201 9.08 47.35 1.11
C THR A 201 8.59 48.01 -0.18
N LEU A 202 9.42 47.97 -1.22
CA LEU A 202 9.01 48.33 -2.57
C LEU A 202 8.82 47.06 -3.37
N ARG A 203 7.69 46.96 -4.08
CA ARG A 203 7.37 45.79 -4.87
C ARG A 203 7.03 46.26 -6.29
N CYS A 204 7.90 45.92 -7.23
CA CYS A 204 7.75 46.31 -8.63
C CYS A 204 6.90 45.28 -9.37
N TRP A 205 5.83 45.75 -10.01
CA TRP A 205 4.89 44.85 -10.65
C TRP A 205 4.98 44.91 -12.16
N ALA A 206 4.50 43.83 -12.79
CA ALA A 206 4.42 43.74 -14.25
C ALA A 206 3.37 42.68 -14.54
N LEU A 207 2.24 43.09 -15.10
CA LEU A 207 1.10 42.21 -15.28
C LEU A 207 0.67 42.17 -16.74
N GLY A 208 0.03 41.06 -17.09
CA GLY A 208 -0.60 40.95 -18.40
C GLY A 208 0.34 40.84 -19.56
N PHE A 209 1.60 40.47 -19.32
CA PHE A 209 2.58 40.42 -20.39
C PHE A 209 2.66 39.01 -20.99
N TYR A 210 3.03 38.96 -22.28
CA TYR A 210 3.18 37.70 -23.01
C TYR A 210 4.12 37.94 -24.17
N PRO A 211 5.09 37.04 -24.44
CA PRO A 211 5.31 35.81 -23.66
C PRO A 211 5.95 36.05 -22.30
N ALA A 212 6.16 34.97 -21.54
CA ALA A 212 6.51 35.10 -20.13
C ALA A 212 7.94 35.57 -19.91
N GLU A 213 8.82 35.45 -20.91
CA GLU A 213 10.20 35.88 -20.71
C GLU A 213 10.25 37.39 -20.48
N ILE A 214 10.81 37.77 -19.34
CA ILE A 214 10.82 39.16 -18.90
C ILE A 214 11.94 39.29 -17.88
N THR A 215 12.44 40.52 -17.70
CA THR A 215 13.52 40.78 -16.76
C THR A 215 13.12 41.94 -15.88
N LEU A 216 13.15 41.72 -14.57
CA LEU A 216 12.90 42.76 -13.57
C LEU A 216 14.19 42.97 -12.80
N THR A 217 14.67 44.21 -12.77
CA THR A 217 15.96 44.52 -12.17
C THR A 217 15.78 45.72 -11.25
N TRP A 218 16.13 45.56 -9.98
CA TRP A 218 16.13 46.65 -9.01
C TRP A 218 17.55 47.17 -8.85
N GLN A 219 17.70 48.48 -8.99
CA GLN A 219 19.00 49.14 -8.85
C GLN A 219 18.95 50.21 -7.77
N ARG A 220 20.06 50.36 -7.05
CA ARG A 220 20.25 51.43 -6.09
C ARG A 220 21.36 52.33 -6.61
N ASP A 221 21.00 53.58 -6.92
CA ASP A 221 21.91 54.54 -7.54
C ASP A 221 22.48 54.00 -8.86
N GLY A 222 21.68 53.19 -9.56
CA GLY A 222 22.09 52.63 -10.83
C GLY A 222 22.85 51.31 -10.77
N GLU A 223 23.15 50.79 -9.59
CA GLU A 223 23.86 49.52 -9.46
C GLU A 223 22.87 48.42 -9.10
N ASP A 224 22.91 47.32 -9.86
CA ASP A 224 21.99 46.21 -9.65
C ASP A 224 22.09 45.68 -8.21
N GLN A 225 20.94 45.45 -7.59
CA GLN A 225 20.85 44.98 -6.22
C GLN A 225 20.37 43.54 -6.19
N THR A 226 21.02 42.73 -5.35
CA THR A 226 20.60 41.35 -5.11
C THR A 226 20.27 41.08 -3.65
N GLN A 227 21.07 41.58 -2.72
CA GLN A 227 20.71 41.49 -1.31
C GLN A 227 19.43 42.30 -1.05
N ASP A 228 18.63 41.80 -0.10
CA ASP A 228 17.38 42.44 0.29
C ASP A 228 16.41 42.52 -0.89
N THR A 229 16.54 41.61 -1.84
CA THR A 229 15.62 41.51 -2.96
C THR A 229 14.82 40.22 -2.83
N GLU A 230 13.68 40.18 -3.52
CA GLU A 230 12.81 39.01 -3.51
C GLU A 230 12.19 38.87 -4.89
N LEU A 231 12.48 37.76 -5.57
CA LEU A 231 11.99 37.53 -6.92
C LEU A 231 11.22 36.21 -6.95
N VAL A 232 9.94 36.28 -7.30
CA VAL A 232 9.07 35.11 -7.33
C VAL A 232 8.99 34.56 -8.76
N GLU A 233 8.45 33.36 -8.88
CA GLU A 233 8.27 32.71 -10.17
C GLU A 233 7.40 33.56 -11.09
N THR A 234 7.68 33.51 -12.38
CA THR A 234 6.77 34.04 -13.37
C THR A 234 5.50 33.19 -13.38
N ARG A 235 4.34 33.84 -13.27
CA ARG A 235 3.10 33.10 -13.11
C ARG A 235 2.12 33.50 -14.19
N PRO A 236 1.31 32.56 -14.67
CA PRO A 236 0.28 32.89 -15.66
C PRO A 236 -0.94 33.52 -15.00
N ALA A 237 -1.49 34.54 -15.66
CA ALA A 237 -2.72 35.14 -15.15
C ALA A 237 -3.92 34.23 -15.38
N GLY A 238 -3.84 33.33 -16.35
CA GLY A 238 -4.93 32.43 -16.66
C GLY A 238 -5.71 32.75 -17.91
N ASP A 239 -5.39 33.86 -18.58
CA ASP A 239 -6.07 34.30 -19.80
C ASP A 239 -5.15 34.23 -21.02
N GLY A 240 -3.95 33.68 -20.87
CA GLY A 240 -2.94 33.76 -21.90
C GLY A 240 -1.90 34.83 -21.66
N THR A 241 -1.91 35.47 -20.49
CA THR A 241 -0.91 36.45 -20.09
C THR A 241 -0.22 35.97 -18.82
N PHE A 242 0.88 36.65 -18.47
CA PHE A 242 1.70 36.23 -17.36
C PHE A 242 1.97 37.41 -16.43
N GLN A 243 2.35 37.09 -15.20
CA GLN A 243 2.54 38.06 -14.14
C GLN A 243 3.85 37.77 -13.41
N LYS A 244 4.45 38.82 -12.88
CA LYS A 244 5.70 38.70 -12.13
C LYS A 244 5.88 39.95 -11.30
N TRP A 245 6.60 39.82 -10.18
CA TRP A 245 6.95 40.99 -9.40
C TRP A 245 8.29 40.77 -8.72
N ALA A 246 8.97 41.88 -8.43
CA ALA A 246 10.27 41.88 -7.77
C ALA A 246 10.22 42.91 -6.65
N ALA A 247 10.76 42.55 -5.48
CA ALA A 247 10.68 43.41 -4.32
C ALA A 247 12.07 43.82 -3.85
N VAL A 248 12.09 44.85 -3.00
CA VAL A 248 13.32 45.30 -2.35
C VAL A 248 12.92 46.04 -1.08
N VAL A 249 13.65 45.79 0.00
CA VAL A 249 13.46 46.51 1.25
C VAL A 249 14.41 47.70 1.28
N VAL A 250 13.85 48.88 1.53
CA VAL A 250 14.64 50.13 1.50
C VAL A 250 14.49 50.82 2.85
N PRO A 251 15.49 51.57 3.29
CA PRO A 251 15.33 52.37 4.52
C PRO A 251 14.36 53.51 4.27
N SER A 252 13.61 53.88 5.31
CA SER A 252 12.64 54.95 5.17
C SER A 252 13.33 56.23 4.74
N GLY A 253 12.71 56.94 3.80
CA GLY A 253 13.29 58.14 3.24
C GLY A 253 14.29 57.92 2.13
N GLU A 254 14.65 56.66 1.83
CA GLU A 254 15.63 56.36 0.80
C GLU A 254 15.02 55.69 -0.43
N GLU A 255 13.70 55.73 -0.57
CA GLU A 255 13.04 55.10 -1.71
C GLU A 255 13.51 55.71 -3.03
N GLN A 256 13.82 57.02 -3.03
CA GLN A 256 14.13 57.73 -4.26
C GLN A 256 15.41 57.24 -4.94
N ARG A 257 16.29 56.57 -4.20
CA ARG A 257 17.55 56.11 -4.77
C ARG A 257 17.41 54.81 -5.55
N TYR A 258 16.25 54.15 -5.48
CA TYR A 258 16.07 52.82 -6.06
C TYR A 258 15.20 52.90 -7.32
N THR A 259 15.57 52.12 -8.33
CA THR A 259 14.85 52.05 -9.60
C THR A 259 14.63 50.60 -9.98
N CYS A 260 13.44 50.31 -10.51
CA CYS A 260 13.12 49.00 -11.06
C CYS A 260 13.21 49.09 -12.58
N HIS A 261 13.88 48.11 -13.19
CA HIS A 261 14.10 48.09 -14.63
C HIS A 261 13.36 46.89 -15.22
N VAL A 262 12.45 47.15 -16.15
CA VAL A 262 11.58 46.13 -16.72
C VAL A 262 11.94 46.01 -18.20
N GLN A 263 12.39 44.82 -18.60
CA GLN A 263 12.73 44.53 -19.98
C GLN A 263 11.78 43.46 -20.53
N HIS A 264 11.30 43.66 -21.76
CA HIS A 264 10.35 42.72 -22.34
C HIS A 264 10.39 42.84 -23.85
N GLU A 265 9.96 41.77 -24.52
CA GLU A 265 10.01 41.72 -25.98
C GLU A 265 9.00 42.66 -26.60
N GLY A 266 7.83 42.81 -25.99
CA GLY A 266 6.80 43.69 -26.51
C GLY A 266 6.95 45.15 -26.17
N LEU A 267 7.98 45.50 -25.41
CA LEU A 267 8.28 46.89 -25.09
C LEU A 267 9.32 47.41 -26.06
N PRO A 268 9.05 48.51 -26.78
CA PRO A 268 10.09 49.07 -27.66
C PRO A 268 11.34 49.48 -26.91
N LYS A 269 11.19 50.05 -25.71
CA LYS A 269 12.33 50.49 -24.91
C LYS A 269 12.09 50.14 -23.46
N PRO A 270 13.16 49.79 -22.73
CA PRO A 270 13.00 49.43 -21.31
C PRO A 270 12.33 50.52 -20.50
N LEU A 271 11.51 50.11 -19.53
CA LEU A 271 10.88 51.02 -18.60
C LEU A 271 11.68 51.09 -17.30
N THR A 272 11.67 52.27 -16.69
CA THR A 272 12.32 52.50 -15.40
C THR A 272 11.28 53.07 -14.45
N LEU A 273 10.99 52.34 -13.38
CA LEU A 273 9.97 52.71 -12.42
C LEU A 273 10.63 53.20 -11.14
N ARG A 274 10.19 54.36 -10.67
CA ARG A 274 10.69 54.94 -9.43
C ARG A 274 9.51 55.20 -8.51
N TRP A 275 9.77 55.18 -7.21
CA TRP A 275 8.70 55.47 -6.26
C TRP A 275 8.43 56.96 -6.32
N GLU A 276 7.33 57.32 -6.97
CA GLU A 276 6.91 58.73 -7.10
C GLU A 276 5.90 59.09 -6.02
N MET B 1 14.61 8.20 -4.31
CA MET B 1 14.33 9.19 -5.33
C MET B 1 14.10 10.57 -4.70
N ILE B 2 14.00 11.60 -5.53
CA ILE B 2 13.94 12.98 -5.08
C ILE B 2 12.51 13.46 -4.98
N GLN B 3 12.26 14.36 -4.02
CA GLN B 3 10.98 15.02 -3.87
C GLN B 3 11.20 16.50 -3.59
N ARG B 4 10.33 17.35 -4.14
CA ARG B 4 10.47 18.80 -4.05
C ARG B 4 9.20 19.41 -3.45
N THR B 5 9.38 20.33 -2.50
CA THR B 5 8.26 20.98 -1.86
C THR B 5 7.56 21.92 -2.84
N PRO B 6 6.24 22.12 -2.70
CA PRO B 6 5.53 22.99 -3.63
C PRO B 6 5.73 24.46 -3.31
N LYS B 7 5.91 25.25 -4.37
CA LYS B 7 5.93 26.71 -4.25
C LYS B 7 4.55 27.23 -4.62
N ILE B 8 4.08 28.22 -3.86
CA ILE B 8 2.67 28.61 -3.87
C ILE B 8 2.57 30.11 -4.07
N GLN B 9 1.73 30.53 -5.01
CA GLN B 9 1.35 31.92 -5.15
C GLN B 9 -0.17 32.00 -5.15
N VAL B 10 -0.71 32.88 -4.32
CA VAL B 10 -2.14 33.16 -4.29
C VAL B 10 -2.33 34.59 -4.77
N TYR B 11 -3.19 34.77 -5.76
CA TYR B 11 -3.30 36.04 -6.44
C TYR B 11 -4.56 36.02 -7.28
N SER B 12 -5.03 37.20 -7.64
CA SER B 12 -6.16 37.34 -8.54
C SER B 12 -5.64 37.55 -9.95
N ARG B 13 -6.39 37.02 -10.92
CA ARG B 13 -6.05 37.24 -12.32
C ARG B 13 -5.99 38.72 -12.64
N HIS B 14 -7.03 39.45 -12.28
CA HIS B 14 -7.13 40.89 -12.45
C HIS B 14 -7.01 41.60 -11.11
N PRO B 15 -6.69 42.90 -11.11
CA PRO B 15 -6.61 43.63 -9.84
C PRO B 15 -7.90 43.53 -9.05
N ALA B 16 -7.76 43.41 -7.72
CA ALA B 16 -8.91 43.23 -6.86
C ALA B 16 -9.71 44.52 -6.77
N GLU B 17 -11.00 44.44 -7.10
CA GLU B 17 -11.96 45.52 -6.89
C GLU B 17 -13.20 44.92 -6.26
N ASN B 18 -13.55 45.40 -5.07
CA ASN B 18 -14.71 44.86 -4.35
C ASN B 18 -15.98 45.04 -5.19
N GLY B 19 -16.69 43.94 -5.40
CA GLY B 19 -17.89 43.94 -6.21
C GLY B 19 -17.66 43.69 -7.69
N LYS B 20 -16.41 43.63 -8.13
CA LYS B 20 -16.07 43.41 -9.53
C LYS B 20 -15.62 41.97 -9.73
N SER B 21 -16.14 41.31 -10.76
CA SER B 21 -15.84 39.91 -10.99
C SER B 21 -14.35 39.69 -11.24
N ASN B 22 -13.84 38.57 -10.74
CA ASN B 22 -12.42 38.25 -10.86
C ASN B 22 -12.26 36.73 -10.77
N PHE B 23 -11.01 36.27 -10.89
CA PHE B 23 -10.66 34.87 -10.77
C PHE B 23 -9.61 34.71 -9.68
N LEU B 24 -9.88 33.84 -8.71
CA LEU B 24 -8.91 33.55 -7.69
C LEU B 24 -7.96 32.47 -8.19
N ASN B 25 -6.65 32.74 -8.12
CA ASN B 25 -5.64 31.84 -8.64
C ASN B 25 -4.73 31.36 -7.52
N CYS B 26 -4.34 30.10 -7.60
CA CYS B 26 -3.31 29.53 -6.73
C CYS B 26 -2.33 28.78 -7.63
N TYR B 27 -1.15 29.35 -7.82
CA TYR B 27 -0.14 28.79 -8.71
C TYR B 27 0.80 27.93 -7.88
N VAL B 28 0.72 26.62 -8.06
CA VAL B 28 1.56 25.66 -7.36
C VAL B 28 2.62 25.18 -8.35
N SER B 29 3.89 25.35 -7.98
CA SER B 29 5.00 25.08 -8.88
C SER B 29 6.20 24.61 -8.09
N GLY B 30 7.18 24.06 -8.80
CA GLY B 30 8.43 23.65 -8.17
C GLY B 30 8.32 22.45 -7.27
N PHE B 31 7.29 21.63 -7.45
CA PHE B 31 7.02 20.48 -6.59
C PHE B 31 7.25 19.18 -7.36
N HIS B 32 7.49 18.11 -6.59
CA HIS B 32 7.66 16.77 -7.15
C HIS B 32 7.40 15.73 -6.07
N PRO B 33 6.61 14.68 -6.35
CA PRO B 33 5.95 14.35 -7.63
C PRO B 33 4.64 15.10 -7.87
N SER B 34 3.86 14.58 -8.82
CA SER B 34 2.66 15.25 -9.30
C SER B 34 1.50 15.13 -8.34
N ASP B 35 1.44 14.05 -7.56
CA ASP B 35 0.31 13.87 -6.64
C ASP B 35 0.32 14.99 -5.61
N ILE B 36 -0.71 15.84 -5.65
CA ILE B 36 -0.79 17.00 -4.77
C ILE B 36 -2.26 17.39 -4.66
N GLU B 37 -2.63 17.92 -3.50
CA GLU B 37 -3.99 18.37 -3.22
C GLU B 37 -3.98 19.87 -3.01
N VAL B 38 -4.76 20.60 -3.80
CA VAL B 38 -4.81 22.06 -3.75
C VAL B 38 -6.27 22.47 -3.63
N ASP B 39 -6.59 23.20 -2.57
CA ASP B 39 -7.94 23.71 -2.34
C ASP B 39 -7.96 25.22 -2.17
N LEU B 40 -8.97 25.86 -2.74
CA LEU B 40 -9.24 27.28 -2.52
C LEU B 40 -10.26 27.44 -1.41
N LEU B 41 -10.03 28.43 -0.55
CA LEU B 41 -10.83 28.64 0.65
C LEU B 41 -11.41 30.04 0.67
N LYS B 42 -12.64 30.16 1.17
CA LYS B 42 -13.29 31.45 1.42
C LYS B 42 -13.73 31.48 2.88
N ASN B 43 -13.04 32.31 3.68
CA ASN B 43 -13.29 32.41 5.13
C ASN B 43 -13.18 31.05 5.83
N GLY B 44 -12.34 30.17 5.29
CA GLY B 44 -12.09 28.88 5.90
C GLY B 44 -12.99 27.74 5.48
N GLU B 45 -13.78 27.89 4.42
CA GLU B 45 -14.62 26.81 3.92
C GLU B 45 -14.19 26.44 2.50
N ARG B 46 -14.28 25.16 2.18
CA ARG B 46 -13.84 24.66 0.88
C ARG B 46 -14.72 25.23 -0.23
N ILE B 47 -14.09 25.89 -1.19
CA ILE B 47 -14.80 26.37 -2.38
C ILE B 47 -14.97 25.21 -3.34
N GLU B 48 -16.19 24.98 -3.79
CA GLU B 48 -16.45 23.95 -4.78
C GLU B 48 -16.26 24.50 -6.18
N LYS B 49 -16.29 23.59 -7.17
CA LYS B 49 -16.16 23.91 -8.59
C LYS B 49 -14.78 24.46 -8.94
N VAL B 50 -13.80 24.27 -8.06
CA VAL B 50 -12.43 24.68 -8.37
C VAL B 50 -11.87 23.77 -9.45
N GLU B 51 -11.29 24.37 -10.48
CA GLU B 51 -10.67 23.65 -11.58
C GLU B 51 -9.16 23.87 -11.57
N HIS B 52 -8.47 23.12 -12.45
CA HIS B 52 -7.03 23.18 -12.51
C HIS B 52 -6.58 23.00 -13.96
N SER B 53 -5.41 23.54 -14.27
CA SER B 53 -4.82 23.38 -15.58
C SER B 53 -4.29 21.96 -15.75
N ASP B 54 -3.91 21.63 -16.98
CA ASP B 54 -3.32 20.32 -17.24
C ASP B 54 -1.92 20.26 -16.65
N LEU B 55 -1.51 19.06 -16.25
CA LEU B 55 -0.22 18.92 -15.59
C LEU B 55 0.91 19.20 -16.57
N SER B 56 1.92 19.92 -16.10
CA SER B 56 3.13 20.15 -16.86
C SER B 56 4.27 20.35 -15.87
N PHE B 57 5.49 20.39 -16.39
CA PHE B 57 6.68 20.43 -15.56
C PHE B 57 7.67 21.44 -16.14
N SER B 58 8.65 21.81 -15.33
CA SER B 58 9.59 22.87 -15.68
C SER B 58 10.80 22.23 -16.36
N LYS B 59 11.92 22.96 -16.48
CA LYS B 59 13.10 22.34 -17.07
C LYS B 59 13.72 21.34 -16.11
N ASP B 60 13.77 21.68 -14.82
CA ASP B 60 14.27 20.75 -13.81
C ASP B 60 13.26 19.67 -13.46
N TRP B 61 12.31 19.42 -14.36
CA TRP B 61 11.35 18.32 -14.28
C TRP B 61 10.30 18.56 -13.20
N SER B 62 10.45 19.61 -12.40
CA SER B 62 9.48 19.90 -11.36
C SER B 62 8.20 20.46 -11.99
N PHE B 63 7.06 20.10 -11.42
CA PHE B 63 5.78 20.43 -12.03
C PHE B 63 5.27 21.80 -11.61
N TYR B 64 4.29 22.29 -12.35
CA TYR B 64 3.57 23.52 -12.02
C TYR B 64 2.11 23.36 -12.42
N LEU B 65 1.21 23.81 -11.54
CA LEU B 65 -0.22 23.67 -11.71
C LEU B 65 -0.92 24.93 -11.22
N LEU B 66 -1.98 25.34 -11.92
CA LEU B 66 -2.78 26.50 -11.55
C LEU B 66 -4.19 26.06 -11.18
N TYR B 67 -4.60 26.35 -9.95
CA TYR B 67 -5.95 26.08 -9.46
C TYR B 67 -6.73 27.38 -9.40
N TYR B 68 -7.92 27.40 -10.01
CA TYR B 68 -8.64 28.65 -10.18
C TYR B 68 -10.14 28.45 -10.11
N THR B 69 -10.84 29.49 -9.63
CA THR B 69 -12.29 29.58 -9.69
C THR B 69 -12.67 31.06 -9.72
N GLU B 70 -13.82 31.36 -10.32
CA GLU B 70 -14.33 32.73 -10.33
C GLU B 70 -14.93 33.11 -8.99
N PHE B 71 -14.77 34.37 -8.61
CA PHE B 71 -15.28 34.89 -7.35
C PHE B 71 -15.50 36.39 -7.47
N THR B 72 -16.11 36.97 -6.45
CA THR B 72 -16.31 38.41 -6.37
C THR B 72 -15.79 38.89 -5.01
N PRO B 73 -14.70 39.64 -4.98
CA PRO B 73 -14.11 40.04 -3.69
C PRO B 73 -14.95 41.08 -2.97
N THR B 74 -14.92 41.04 -1.64
CA THR B 74 -15.54 42.02 -0.77
C THR B 74 -14.53 42.50 0.26
N GLU B 75 -14.97 43.43 1.12
CA GLU B 75 -14.07 44.03 2.11
C GLU B 75 -13.62 43.01 3.15
N LYS B 76 -14.51 42.10 3.57
CA LYS B 76 -14.25 41.22 4.70
C LYS B 76 -14.03 39.77 4.32
N ASP B 77 -14.36 39.36 3.10
CA ASP B 77 -14.14 37.97 2.71
C ASP B 77 -12.65 37.67 2.74
N GLU B 78 -12.29 36.61 3.45
CA GLU B 78 -10.90 36.17 3.54
C GLU B 78 -10.70 34.94 2.67
N TYR B 79 -9.56 34.89 1.99
CA TYR B 79 -9.25 33.80 1.09
C TYR B 79 -7.87 33.25 1.39
N ALA B 80 -7.68 32.00 1.00
CA ALA B 80 -6.40 31.31 1.18
C ALA B 80 -6.36 30.14 0.22
N CYS B 81 -5.17 29.57 0.06
CA CYS B 81 -4.97 28.37 -0.73
C CYS B 81 -4.48 27.27 0.20
N ARG B 82 -5.11 26.11 0.13
CA ARG B 82 -4.73 24.96 0.95
C ARG B 82 -4.09 23.92 0.04
N VAL B 83 -2.85 23.56 0.37
CA VAL B 83 -2.07 22.62 -0.44
C VAL B 83 -1.49 21.59 0.50
N ASN B 84 -1.70 20.31 0.19
CA ASN B 84 -1.05 19.20 0.86
C ASN B 84 -0.17 18.46 -0.15
N HIS B 85 0.99 18.01 0.32
CA HIS B 85 1.93 17.32 -0.54
C HIS B 85 2.79 16.44 0.35
N VAL B 86 3.28 15.33 -0.22
CA VAL B 86 4.06 14.37 0.56
C VAL B 86 5.27 15.05 1.19
N THR B 87 5.77 16.12 0.55
CA THR B 87 6.89 16.88 1.09
C THR B 87 6.47 17.77 2.27
N LEU B 88 5.17 17.90 2.52
CA LEU B 88 4.66 18.78 3.56
C LEU B 88 4.27 17.94 4.78
N SER B 89 4.73 18.36 5.95
CA SER B 89 4.34 17.67 7.18
C SER B 89 2.89 17.92 7.53
N GLN B 90 2.34 19.06 7.11
CA GLN B 90 0.95 19.40 7.34
C GLN B 90 0.52 20.35 6.24
N PRO B 91 -0.79 20.61 6.12
CA PRO B 91 -1.23 21.60 5.12
C PRO B 91 -0.53 22.93 5.32
N LYS B 92 -0.13 23.53 4.20
CA LYS B 92 0.63 24.77 4.17
C LYS B 92 -0.31 25.95 3.89
N ILE B 93 -0.28 26.96 4.76
CA ILE B 93 -1.22 28.07 4.68
C ILE B 93 -0.58 29.22 3.91
N VAL B 94 -1.26 29.68 2.87
CA VAL B 94 -0.85 30.87 2.14
C VAL B 94 -2.09 31.74 2.03
N LYS B 95 -2.12 32.85 2.76
CA LYS B 95 -3.28 33.74 2.75
C LYS B 95 -3.24 34.65 1.52
N TRP B 96 -4.42 34.90 0.96
CA TRP B 96 -4.51 35.79 -0.20
C TRP B 96 -4.36 37.24 0.26
N ASP B 97 -3.42 37.96 -0.35
CA ASP B 97 -3.24 39.38 -0.10
C ASP B 97 -3.40 40.12 -1.42
N ARG B 98 -4.14 41.24 -1.38
CA ARG B 98 -4.45 41.97 -2.60
C ARG B 98 -3.22 42.64 -3.21
N ASP B 99 -2.16 42.85 -2.43
CA ASP B 99 -0.98 43.56 -2.88
C ASP B 99 0.26 42.66 -2.85
N MET B 100 0.09 41.38 -3.14
CA MET B 100 1.21 40.45 -3.17
C MET B 100 1.09 39.48 -4.34
N VAL C 1 1.31 18.26 -34.06
CA VAL C 1 1.46 16.83 -34.34
C VAL C 1 2.44 16.18 -33.37
N VAL C 2 2.40 14.85 -33.31
CA VAL C 2 3.26 14.11 -32.38
C VAL C 2 4.25 13.27 -33.17
N VAL C 3 4.97 12.38 -32.47
CA VAL C 3 6.16 11.74 -33.01
C VAL C 3 5.84 10.97 -34.29
N GLY C 4 6.86 10.80 -35.14
CA GLY C 4 6.75 10.04 -36.36
C GLY C 4 6.28 8.62 -36.15
N ALA C 5 5.02 8.47 -35.74
CA ALA C 5 4.38 7.18 -35.53
C ALA C 5 5.10 6.33 -34.49
N ARG C 6 6.17 5.65 -34.89
CA ARG C 6 6.74 4.58 -34.09
C ARG C 6 7.56 5.11 -32.93
N GLY C 7 7.57 4.36 -31.84
CA GLY C 7 8.38 4.68 -30.68
C GLY C 7 9.22 3.49 -30.25
N VAL C 8 10.46 3.78 -29.86
CA VAL C 8 11.42 2.72 -29.54
C VAL C 8 11.39 2.47 -28.04
N GLY C 9 11.26 1.20 -27.66
CA GLY C 9 11.21 0.85 -26.25
C GLY C 9 12.53 1.13 -25.54
N LYS C 10 12.42 1.50 -24.27
CA LYS C 10 13.59 1.76 -23.45
C LYS C 10 14.18 0.47 -22.90
N GLY D 2 -21.51 -45.42 -16.63
CA GLY D 2 -21.96 -44.74 -15.43
C GLY D 2 -22.34 -43.29 -15.64
N SER D 3 -22.66 -42.59 -14.57
CA SER D 3 -22.94 -41.17 -14.66
C SER D 3 -21.65 -40.37 -14.79
N HIS D 4 -21.73 -39.24 -15.48
CA HIS D 4 -20.56 -38.42 -15.74
C HIS D 4 -20.93 -36.94 -15.69
N SER D 5 -19.92 -36.10 -15.48
CA SER D 5 -20.10 -34.65 -15.41
C SER D 5 -18.90 -33.95 -16.02
N MET D 6 -19.16 -32.89 -16.78
CA MET D 6 -18.13 -31.96 -17.23
C MET D 6 -18.30 -30.63 -16.51
N ARG D 7 -17.21 -30.08 -15.99
CA ARG D 7 -17.26 -28.86 -15.20
C ARG D 7 -16.13 -27.92 -15.57
N TYR D 8 -16.46 -26.64 -15.72
CA TYR D 8 -15.47 -25.57 -15.90
C TYR D 8 -15.49 -24.62 -14.72
N PHE D 9 -14.29 -24.16 -14.33
CA PHE D 9 -14.11 -23.24 -13.22
C PHE D 9 -13.28 -22.06 -13.70
N TYR D 10 -13.86 -20.87 -13.67
CA TYR D 10 -13.18 -19.64 -14.07
C TYR D 10 -12.89 -18.82 -12.82
N THR D 11 -11.68 -18.28 -12.73
CA THR D 11 -11.30 -17.41 -11.62
C THR D 11 -10.58 -16.19 -12.17
N SER D 12 -11.13 -15.02 -11.88
CA SER D 12 -10.52 -13.75 -12.26
C SER D 12 -10.32 -12.94 -10.99
N VAL D 13 -9.07 -12.57 -10.72
CA VAL D 13 -8.70 -11.80 -9.54
C VAL D 13 -8.10 -10.49 -10.02
N SER D 14 -8.72 -9.38 -9.63
CA SER D 14 -8.18 -8.08 -10.03
C SER D 14 -6.86 -7.82 -9.33
N ARG D 15 -5.91 -7.29 -10.09
CA ARG D 15 -4.60 -6.90 -9.56
C ARG D 15 -4.32 -5.49 -10.06
N PRO D 16 -4.83 -4.48 -9.37
CA PRO D 16 -4.68 -3.10 -9.83
C PRO D 16 -3.21 -2.67 -9.80
N GLY D 17 -2.81 -1.92 -10.83
CA GLY D 17 -1.46 -1.41 -10.93
C GLY D 17 -0.40 -2.46 -11.17
N ARG D 18 -0.79 -3.72 -11.37
CA ARG D 18 0.15 -4.81 -11.61
C ARG D 18 -0.22 -5.56 -12.88
N GLY D 19 -0.99 -4.92 -13.76
CA GLY D 19 -1.51 -5.50 -14.98
C GLY D 19 -2.98 -5.87 -14.84
N GLU D 20 -3.53 -6.35 -15.95
CA GLU D 20 -4.93 -6.73 -15.98
C GLU D 20 -5.16 -7.93 -15.04
N PRO D 21 -6.41 -8.15 -14.62
CA PRO D 21 -6.66 -9.22 -13.64
C PRO D 21 -6.17 -10.58 -14.11
N ARG D 22 -5.79 -11.41 -13.14
CA ARG D 22 -5.33 -12.76 -13.40
C ARG D 22 -6.53 -13.65 -13.70
N PHE D 23 -6.50 -14.31 -14.86
CA PHE D 23 -7.58 -15.18 -15.30
C PHE D 23 -7.08 -16.60 -15.39
N ILE D 24 -7.78 -17.52 -14.71
CA ILE D 24 -7.43 -18.93 -14.70
C ILE D 24 -8.69 -19.72 -15.01
N ALA D 25 -8.60 -20.59 -16.01
CA ALA D 25 -9.71 -21.46 -16.40
C ALA D 25 -9.22 -22.90 -16.35
N VAL D 26 -10.08 -23.78 -15.83
CA VAL D 26 -9.77 -25.20 -15.74
C VAL D 26 -10.96 -25.98 -16.27
N GLY D 27 -10.68 -27.05 -17.00
CA GLY D 27 -11.72 -27.91 -17.54
C GLY D 27 -11.63 -29.29 -16.93
N TYR D 28 -12.78 -29.79 -16.46
CA TYR D 28 -12.88 -31.09 -15.85
C TYR D 28 -13.88 -31.97 -16.58
N VAL D 29 -13.61 -33.27 -16.58
CA VAL D 29 -14.60 -34.31 -16.83
C VAL D 29 -14.60 -35.19 -15.59
N ASP D 30 -15.71 -35.17 -14.85
CA ASP D 30 -15.84 -35.75 -13.52
C ASP D 30 -14.74 -35.12 -12.66
N ASP D 31 -13.78 -35.89 -12.15
CA ASP D 31 -12.68 -35.38 -11.33
C ASP D 31 -11.36 -35.39 -12.09
N THR D 32 -11.41 -35.40 -13.43
CA THR D 32 -10.23 -35.44 -14.28
C THR D 32 -10.12 -34.11 -15.01
N GLN D 33 -9.13 -33.31 -14.61
CA GLN D 33 -8.83 -32.07 -15.33
C GLN D 33 -8.29 -32.41 -16.71
N PHE D 34 -8.64 -31.59 -17.70
CA PHE D 34 -8.18 -31.87 -19.05
C PHE D 34 -7.82 -30.65 -19.88
N VAL D 35 -8.13 -29.41 -19.47
CA VAL D 35 -7.69 -28.21 -20.17
C VAL D 35 -7.37 -27.14 -19.14
N ARG D 36 -6.49 -26.22 -19.53
CA ARG D 36 -6.14 -25.10 -18.66
C ARG D 36 -5.90 -23.85 -19.51
N PHE D 37 -6.09 -22.68 -18.89
CA PHE D 37 -5.66 -21.41 -19.46
C PHE D 37 -5.20 -20.51 -18.34
N ASP D 38 -4.09 -19.81 -18.55
CA ASP D 38 -3.56 -18.86 -17.58
C ASP D 38 -3.16 -17.59 -18.30
N SER D 39 -3.67 -16.45 -17.84
CA SER D 39 -3.32 -15.16 -18.42
C SER D 39 -1.83 -14.88 -18.33
N ASP D 40 -1.11 -15.52 -17.41
CA ASP D 40 0.31 -15.28 -17.22
C ASP D 40 1.19 -16.25 -18.01
N ALA D 41 0.64 -17.36 -18.48
CA ALA D 41 1.45 -18.31 -19.24
C ALA D 41 1.83 -17.72 -20.59
N ALA D 42 3.05 -18.05 -21.05
CA ALA D 42 3.59 -17.40 -22.25
C ALA D 42 2.87 -17.86 -23.50
N SER D 43 2.29 -19.07 -23.49
CA SER D 43 1.66 -19.61 -24.69
C SER D 43 0.43 -18.81 -25.09
N GLN D 44 -0.32 -18.31 -24.11
CA GLN D 44 -1.59 -17.63 -24.35
C GLN D 44 -2.55 -18.48 -25.17
N ARG D 45 -2.63 -19.77 -24.83
CA ARG D 45 -3.50 -20.73 -25.48
C ARG D 45 -4.21 -21.57 -24.41
N MET D 46 -5.36 -22.14 -24.80
CA MET D 46 -5.94 -23.18 -23.96
C MET D 46 -5.01 -24.40 -24.01
N GLU D 47 -4.61 -24.88 -22.84
CA GLU D 47 -3.56 -25.88 -22.87
C GLU D 47 -4.08 -27.23 -22.39
N PRO D 48 -3.69 -28.32 -23.06
CA PRO D 48 -4.16 -29.64 -22.64
C PRO D 48 -3.50 -30.09 -21.34
N ARG D 49 -4.27 -30.80 -20.52
CA ARG D 49 -3.76 -31.44 -19.32
C ARG D 49 -4.14 -32.91 -19.24
N ALA D 50 -4.77 -33.45 -20.28
CA ALA D 50 -5.15 -34.85 -20.36
C ALA D 50 -4.72 -35.41 -21.71
N PRO D 51 -4.38 -36.70 -21.77
CA PRO D 51 -3.87 -37.26 -23.03
C PRO D 51 -4.91 -37.37 -24.13
N TRP D 52 -6.17 -37.68 -23.80
CA TRP D 52 -7.16 -37.93 -24.84
C TRP D 52 -7.67 -36.66 -25.51
N ILE D 53 -7.41 -35.48 -24.92
CA ILE D 53 -7.79 -34.23 -25.57
C ILE D 53 -6.74 -33.77 -26.58
N GLU D 54 -5.50 -34.28 -26.49
CA GLU D 54 -4.43 -33.81 -27.36
C GLU D 54 -4.66 -34.17 -28.82
N GLN D 55 -5.55 -35.12 -29.10
CA GLN D 55 -5.87 -35.49 -30.48
C GLN D 55 -6.74 -34.46 -31.18
N GLU D 56 -7.29 -33.50 -30.45
CA GLU D 56 -8.20 -32.53 -31.04
C GLU D 56 -7.46 -31.62 -32.02
N GLY D 57 -8.09 -31.37 -33.16
CA GLY D 57 -7.51 -30.59 -34.23
C GLY D 57 -7.17 -29.16 -33.87
N PRO D 58 -6.42 -28.50 -34.75
CA PRO D 58 -6.02 -27.11 -34.49
C PRO D 58 -7.20 -26.14 -34.39
N GLU D 59 -8.28 -26.38 -35.14
CA GLU D 59 -9.45 -25.52 -35.06
C GLU D 59 -10.04 -25.53 -33.65
N TYR D 60 -10.09 -26.71 -33.02
CA TYR D 60 -10.55 -26.83 -31.65
C TYR D 60 -9.75 -25.91 -30.73
N TRP D 61 -8.43 -26.04 -30.74
CA TRP D 61 -7.60 -25.24 -29.85
C TRP D 61 -7.71 -23.76 -30.17
N ASP D 62 -7.83 -23.42 -31.45
CA ASP D 62 -8.05 -22.02 -31.82
C ASP D 62 -9.44 -21.55 -31.40
N GLN D 63 -10.45 -22.40 -31.57
CA GLN D 63 -11.83 -22.04 -31.24
C GLN D 63 -12.01 -21.92 -29.73
N GLU D 64 -11.48 -22.91 -28.98
CA GLU D 64 -11.60 -22.86 -27.53
C GLU D 64 -10.82 -21.68 -26.95
N THR D 65 -9.68 -21.32 -27.57
CA THR D 65 -8.91 -20.17 -27.12
C THR D 65 -9.67 -18.87 -27.36
N ARG D 66 -10.36 -18.76 -28.50
CA ARG D 66 -11.13 -17.55 -28.79
C ARG D 66 -12.20 -17.33 -27.74
N ASN D 67 -13.03 -18.36 -27.49
CA ASN D 67 -14.13 -18.22 -26.56
C ASN D 67 -13.64 -18.04 -25.13
N VAL D 68 -12.52 -18.69 -24.76
CA VAL D 68 -12.02 -18.54 -23.39
C VAL D 68 -11.31 -17.21 -23.21
N LYS D 69 -10.69 -16.67 -24.27
CA LYS D 69 -10.12 -15.32 -24.18
C LYS D 69 -11.22 -14.26 -24.04
N ALA D 70 -12.33 -14.44 -24.76
CA ALA D 70 -13.44 -13.49 -24.67
C ALA D 70 -13.93 -13.35 -23.23
N GLN D 71 -14.25 -14.47 -22.59
CA GLN D 71 -14.72 -14.43 -21.20
CA GLN D 71 -14.73 -14.42 -21.20
C GLN D 71 -13.66 -13.91 -20.23
N SER D 72 -12.40 -13.86 -20.65
CA SER D 72 -11.37 -13.29 -19.77
C SER D 72 -11.52 -11.76 -19.70
N GLN D 73 -11.79 -11.13 -20.84
CA GLN D 73 -12.02 -9.69 -20.84
C GLN D 73 -13.38 -9.36 -20.25
N THR D 74 -14.38 -10.22 -20.51
CA THR D 74 -15.70 -10.03 -19.92
C THR D 74 -15.62 -9.98 -18.40
N ASP D 75 -14.80 -10.85 -17.79
CA ASP D 75 -14.63 -10.82 -16.34
C ASP D 75 -13.96 -9.52 -15.91
N ARG D 76 -12.97 -9.06 -16.66
CA ARG D 76 -12.30 -7.81 -16.33
C ARG D 76 -13.27 -6.64 -16.40
N VAL D 77 -14.13 -6.63 -17.43
CA VAL D 77 -15.17 -5.60 -17.52
C VAL D 77 -16.12 -5.70 -16.34
N ASP D 78 -16.61 -6.92 -16.06
CA ASP D 78 -17.58 -7.10 -14.99
C ASP D 78 -16.97 -6.78 -13.62
N LEU D 79 -15.66 -6.97 -13.47
CA LEU D 79 -14.99 -6.66 -12.21
C LEU D 79 -15.18 -5.20 -11.83
N GLY D 80 -15.05 -4.29 -12.80
CA GLY D 80 -15.29 -2.88 -12.53
C GLY D 80 -16.75 -2.59 -12.24
N THR D 81 -17.67 -3.20 -13.00
CA THR D 81 -19.10 -2.96 -12.79
C THR D 81 -19.52 -3.32 -11.37
N LEU D 82 -18.98 -4.44 -10.85
CA LEU D 82 -19.34 -4.86 -9.49
C LEU D 82 -18.71 -3.95 -8.44
N ARG D 83 -17.55 -3.36 -8.74
CA ARG D 83 -17.01 -2.34 -7.84
C ARG D 83 -17.99 -1.19 -7.68
N GLY D 84 -18.69 -0.83 -8.76
CA GLY D 84 -19.75 0.15 -8.66
C GLY D 84 -20.97 -0.33 -7.88
N TYR D 85 -21.32 -1.61 -8.05
CA TYR D 85 -22.48 -2.15 -7.35
C TYR D 85 -22.29 -2.16 -5.84
N TYR D 86 -21.08 -2.45 -5.38
CA TYR D 86 -20.78 -2.58 -3.96
C TYR D 86 -20.15 -1.33 -3.37
N ASN D 87 -19.95 -0.29 -4.17
CA ASN D 87 -19.40 0.99 -3.72
C ASN D 87 -18.04 0.77 -3.04
N GLN D 88 -17.13 0.16 -3.79
CA GLN D 88 -15.83 -0.21 -3.27
C GLN D 88 -14.73 0.70 -3.83
N SER D 89 -13.72 0.94 -2.99
CA SER D 89 -12.55 1.68 -3.42
C SER D 89 -11.82 0.94 -4.53
N GLU D 90 -11.19 1.70 -5.43
CA GLU D 90 -10.39 1.08 -6.49
C GLU D 90 -9.13 0.41 -5.96
N ASP D 91 -8.82 0.55 -4.67
CA ASP D 91 -7.58 0.01 -4.13
C ASP D 91 -7.67 -1.46 -3.79
N GLY D 92 -8.86 -1.97 -3.50
CA GLY D 92 -8.99 -3.36 -3.10
C GLY D 92 -9.02 -4.31 -4.29
N SER D 93 -8.41 -5.46 -4.11
CA SER D 93 -8.43 -6.54 -5.09
C SER D 93 -9.65 -7.40 -4.86
N HIS D 94 -10.29 -7.82 -5.95
CA HIS D 94 -11.52 -8.59 -5.86
C HIS D 94 -11.46 -9.79 -6.80
N THR D 95 -12.35 -10.74 -6.57
CA THR D 95 -12.29 -12.05 -7.22
C THR D 95 -13.65 -12.43 -7.77
N ILE D 96 -13.67 -12.97 -8.98
CA ILE D 96 -14.86 -13.51 -9.61
C ILE D 96 -14.63 -14.98 -9.93
N GLN D 97 -15.51 -15.84 -9.45
CA GLN D 97 -15.43 -17.28 -9.70
C GLN D 97 -16.69 -17.71 -10.43
N ILE D 98 -16.53 -18.41 -11.55
CA ILE D 98 -17.63 -18.86 -12.38
C ILE D 98 -17.50 -20.37 -12.56
N MET D 99 -18.59 -21.09 -12.30
CA MET D 99 -18.63 -22.53 -12.51
C MET D 99 -19.87 -22.86 -13.31
N TYR D 100 -19.70 -23.69 -14.35
CA TYR D 100 -20.83 -24.20 -15.12
C TYR D 100 -20.46 -25.57 -15.67
N GLY D 101 -21.49 -26.30 -16.06
CA GLY D 101 -21.28 -27.62 -16.65
C GLY D 101 -22.59 -28.37 -16.70
N CYS D 102 -22.53 -29.53 -17.34
CA CYS D 102 -23.70 -30.35 -17.62
C CYS D 102 -23.46 -31.78 -17.18
N ASP D 103 -24.56 -32.47 -16.85
CA ASP D 103 -24.53 -33.87 -16.48
C ASP D 103 -25.28 -34.70 -17.51
N VAL D 104 -24.79 -35.92 -17.71
CA VAL D 104 -25.44 -36.90 -18.56
C VAL D 104 -25.57 -38.19 -17.76
N GLY D 105 -26.55 -39.01 -18.16
CA GLY D 105 -26.74 -40.28 -17.50
C GLY D 105 -25.90 -41.37 -18.11
N PRO D 106 -26.05 -42.60 -17.60
CA PRO D 106 -25.30 -43.73 -18.17
C PRO D 106 -25.60 -43.97 -19.63
N ASP D 107 -26.72 -43.48 -20.14
CA ASP D 107 -27.07 -43.56 -21.55
C ASP D 107 -26.57 -42.35 -22.34
N GLY D 108 -25.88 -41.42 -21.68
CA GLY D 108 -25.38 -40.22 -22.30
C GLY D 108 -26.38 -39.11 -22.50
N ARG D 109 -27.61 -39.27 -22.01
CA ARG D 109 -28.63 -38.24 -22.17
C ARG D 109 -28.52 -37.20 -21.06
N PHE D 110 -28.82 -35.95 -21.41
CA PHE D 110 -28.74 -34.85 -20.45
C PHE D 110 -29.61 -35.10 -19.24
N LEU D 111 -29.07 -34.77 -18.06
CA LEU D 111 -29.80 -34.87 -16.80
C LEU D 111 -30.01 -33.53 -16.13
N ARG D 112 -28.93 -32.76 -15.89
CA ARG D 112 -29.02 -31.54 -15.11
C ARG D 112 -27.96 -30.56 -15.60
N GLY D 113 -28.27 -29.27 -15.45
CA GLY D 113 -27.35 -28.20 -15.84
C GLY D 113 -27.02 -27.28 -14.68
N TYR D 114 -25.84 -26.67 -14.74
CA TYR D 114 -25.32 -25.84 -13.68
C TYR D 114 -24.75 -24.54 -14.25
N ARG D 115 -24.86 -23.47 -13.46
CA ARG D 115 -24.18 -22.20 -13.72
C ARG D 115 -24.22 -21.36 -12.46
N GLN D 116 -23.06 -21.05 -11.89
CA GLN D 116 -22.99 -20.25 -10.68
C GLN D 116 -21.81 -19.28 -10.77
N ASP D 117 -22.08 -18.00 -10.49
CA ASP D 117 -21.07 -16.94 -10.49
C ASP D 117 -21.00 -16.32 -9.10
N ALA D 118 -19.77 -16.00 -8.67
CA ALA D 118 -19.54 -15.45 -7.34
C ALA D 118 -18.69 -14.20 -7.41
N TYR D 119 -18.77 -13.39 -6.36
CA TYR D 119 -17.97 -12.18 -6.19
C TYR D 119 -17.35 -12.21 -4.80
N ASP D 120 -16.01 -12.20 -4.75
CA ASP D 120 -15.26 -12.17 -3.49
C ASP D 120 -15.58 -13.37 -2.60
N GLY D 121 -15.75 -14.53 -3.21
CA GLY D 121 -15.93 -15.73 -2.42
C GLY D 121 -17.30 -15.90 -1.81
N LYS D 122 -18.27 -15.12 -2.24
CA LYS D 122 -19.63 -15.20 -1.75
C LYS D 122 -20.59 -15.41 -2.91
N ASP D 123 -21.68 -16.12 -2.65
CA ASP D 123 -22.69 -16.31 -3.69
C ASP D 123 -23.15 -14.97 -4.22
N TYR D 124 -23.19 -14.85 -5.55
CA TYR D 124 -23.63 -13.63 -6.22
C TYR D 124 -24.88 -13.89 -7.02
N ILE D 125 -24.78 -14.59 -8.16
CA ILE D 125 -25.93 -14.95 -8.96
C ILE D 125 -25.81 -16.43 -9.32
N ALA D 126 -26.97 -17.09 -9.44
CA ALA D 126 -27.01 -18.51 -9.73
C ALA D 126 -28.11 -18.80 -10.73
N LEU D 127 -27.79 -19.60 -11.74
CA LEU D 127 -28.81 -20.09 -12.67
C LEU D 127 -29.63 -21.18 -11.97
N ASN D 128 -30.94 -21.00 -11.99
CA ASN D 128 -31.82 -21.99 -11.36
C ASN D 128 -31.82 -23.28 -12.19
N GLU D 129 -32.31 -24.36 -11.59
CA GLU D 129 -32.28 -25.66 -12.26
C GLU D 129 -33.07 -25.65 -13.56
N ASP D 130 -34.13 -24.85 -13.65
CA ASP D 130 -34.99 -24.86 -14.82
C ASP D 130 -34.30 -24.31 -16.08
N LEU D 131 -33.07 -23.80 -15.96
CA LEU D 131 -32.34 -23.22 -17.08
C LEU D 131 -33.10 -22.07 -17.74
N ARG D 132 -34.00 -21.42 -16.97
CA ARG D 132 -34.82 -20.34 -17.50
C ARG D 132 -34.86 -19.11 -16.60
N SER D 133 -34.34 -19.19 -15.38
CA SER D 133 -34.45 -18.08 -14.43
C SER D 133 -33.20 -18.03 -13.57
N TRP D 134 -33.03 -16.90 -12.89
CA TRP D 134 -31.84 -16.63 -12.10
C TRP D 134 -32.20 -16.37 -10.64
N THR D 135 -31.20 -16.53 -9.78
CA THR D 135 -31.33 -16.24 -8.36
C THR D 135 -30.25 -15.26 -7.94
N ALA D 136 -30.66 -14.15 -7.35
CA ALA D 136 -29.74 -13.14 -6.85
C ALA D 136 -29.54 -13.36 -5.36
N ALA D 137 -28.31 -13.14 -4.90
CA ALA D 137 -27.99 -13.33 -3.49
C ALA D 137 -28.07 -12.04 -2.68
N ASP D 138 -28.04 -10.88 -3.36
CA ASP D 138 -28.12 -9.59 -2.70
C ASP D 138 -28.71 -8.59 -3.69
N MET D 139 -28.90 -7.35 -3.22
CA MET D 139 -29.50 -6.33 -4.07
C MET D 139 -28.62 -6.01 -5.27
N ALA D 140 -27.30 -6.14 -5.13
CA ALA D 140 -26.42 -5.88 -6.26
C ALA D 140 -26.63 -6.90 -7.37
N ALA D 141 -26.80 -8.17 -7.02
CA ALA D 141 -27.02 -9.20 -8.03
C ALA D 141 -28.37 -9.05 -8.71
N GLN D 142 -29.34 -8.43 -8.03
CA GLN D 142 -30.63 -8.16 -8.64
C GLN D 142 -30.49 -7.33 -9.90
N ILE D 143 -29.50 -6.42 -9.93
CA ILE D 143 -29.24 -5.61 -11.12
C ILE D 143 -28.84 -6.50 -12.30
N THR D 144 -27.89 -7.42 -12.06
CA THR D 144 -27.49 -8.35 -13.13
C THR D 144 -28.65 -9.25 -13.53
N LYS D 145 -29.45 -9.68 -12.55
CA LYS D 145 -30.64 -10.47 -12.83
C LYS D 145 -31.53 -9.75 -13.84
N ARG D 146 -31.76 -8.45 -13.61
CA ARG D 146 -32.57 -7.66 -14.53
C ARG D 146 -31.89 -7.53 -15.88
N LYS D 147 -30.58 -7.25 -15.88
CA LYS D 147 -29.83 -7.13 -17.13
C LYS D 147 -29.89 -8.42 -17.94
N TRP D 148 -29.65 -9.56 -17.29
CA TRP D 148 -29.58 -10.82 -18.03
C TRP D 148 -30.97 -11.28 -18.49
N GLU D 149 -32.01 -11.01 -17.70
CA GLU D 149 -33.37 -11.31 -18.14
C GLU D 149 -33.74 -10.46 -19.36
N ALA D 150 -33.36 -9.18 -19.35
CA ALA D 150 -33.65 -8.32 -20.50
C ALA D 150 -32.85 -8.76 -21.73
N ALA D 151 -31.59 -9.15 -21.54
CA ALA D 151 -30.73 -9.59 -22.61
C ALA D 151 -30.91 -11.06 -22.98
N HIS D 152 -31.77 -11.78 -22.26
CA HIS D 152 -32.04 -13.20 -22.53
C HIS D 152 -30.77 -14.05 -22.44
N ALA D 153 -30.03 -13.86 -21.35
CA ALA D 153 -28.80 -14.63 -21.18
C ALA D 153 -29.09 -16.11 -20.92
N ALA D 154 -30.15 -16.40 -20.15
CA ALA D 154 -30.49 -17.78 -19.85
C ALA D 154 -30.87 -18.56 -21.11
N GLU D 155 -31.40 -17.88 -22.13
CA GLU D 155 -31.75 -18.57 -23.37
C GLU D 155 -30.51 -19.09 -24.10
N GLN D 156 -29.41 -18.33 -24.07
CA GLN D 156 -28.20 -18.79 -24.75
C GLN D 156 -27.49 -19.87 -23.95
N GLN D 157 -27.50 -19.76 -22.61
CA GLN D 157 -26.84 -20.78 -21.80
C GLN D 157 -27.55 -22.12 -21.93
N ARG D 158 -28.89 -22.11 -21.85
CA ARG D 158 -29.65 -23.35 -22.00
C ARG D 158 -29.42 -23.99 -23.36
N ALA D 159 -29.24 -23.18 -24.40
CA ALA D 159 -28.94 -23.72 -25.72
C ALA D 159 -27.60 -24.47 -25.72
N TYR D 160 -26.58 -23.88 -25.08
CA TYR D 160 -25.30 -24.56 -24.96
C TYR D 160 -25.35 -25.71 -23.99
N LEU D 161 -25.87 -25.47 -22.77
CA LEU D 161 -25.84 -26.48 -21.72
C LEU D 161 -26.58 -27.75 -22.14
N GLU D 162 -27.65 -27.60 -22.91
CA GLU D 162 -28.37 -28.75 -23.45
C GLU D 162 -27.80 -29.20 -24.79
N GLY D 163 -26.85 -28.48 -25.35
CA GLY D 163 -26.30 -28.83 -26.65
C GLY D 163 -24.82 -29.17 -26.63
N ARG D 164 -23.96 -28.21 -26.98
CA ARG D 164 -22.53 -28.48 -27.11
C ARG D 164 -21.93 -29.04 -25.84
N CYS D 165 -22.46 -28.67 -24.67
CA CYS D 165 -21.97 -29.22 -23.42
C CYS D 165 -22.15 -30.74 -23.40
N VAL D 166 -23.39 -31.20 -23.58
CA VAL D 166 -23.63 -32.64 -23.56
C VAL D 166 -23.15 -33.29 -24.85
N GLU D 167 -23.11 -32.54 -25.95
CA GLU D 167 -22.60 -33.08 -27.21
C GLU D 167 -21.13 -33.48 -27.08
N TRP D 168 -20.33 -32.58 -26.49
CA TRP D 168 -18.89 -32.83 -26.40
C TRP D 168 -18.51 -33.69 -25.21
N LEU D 169 -19.27 -33.66 -24.11
CA LEU D 169 -19.01 -34.58 -23.01
C LEU D 169 -19.15 -36.02 -23.48
N ARG D 170 -20.12 -36.29 -24.36
CA ARG D 170 -20.24 -37.63 -24.92
C ARG D 170 -19.02 -37.99 -25.75
N ARG D 171 -18.44 -37.01 -26.45
CA ARG D 171 -17.25 -37.27 -27.25
C ARG D 171 -16.02 -37.48 -26.36
N TYR D 172 -15.88 -36.66 -25.32
CA TYR D 172 -14.75 -36.82 -24.41
C TYR D 172 -14.77 -38.17 -23.73
N LEU D 173 -15.95 -38.61 -23.26
CA LEU D 173 -16.07 -39.92 -22.64
C LEU D 173 -15.70 -41.04 -23.61
N GLU D 174 -15.86 -40.79 -24.91
CA GLU D 174 -15.51 -41.80 -25.91
C GLU D 174 -14.01 -41.85 -26.17
N ASN D 175 -13.40 -40.71 -26.51
CA ASN D 175 -11.98 -40.69 -26.80
C ASN D 175 -11.13 -41.00 -25.57
N GLY D 176 -11.64 -40.73 -24.37
CA GLY D 176 -10.92 -41.07 -23.16
C GLY D 176 -11.50 -42.28 -22.47
N LYS D 177 -12.09 -43.18 -23.25
CA LYS D 177 -12.76 -44.34 -22.69
C LYS D 177 -11.82 -45.24 -21.89
N GLU D 178 -10.54 -45.30 -22.27
CA GLU D 178 -9.62 -46.19 -21.57
C GLU D 178 -9.28 -45.69 -20.16
N THR D 179 -9.32 -44.37 -19.94
CA THR D 179 -8.98 -43.80 -18.64
C THR D 179 -10.19 -43.24 -17.90
N LEU D 180 -11.20 -42.71 -18.60
CA LEU D 180 -12.31 -42.04 -17.94
C LEU D 180 -13.37 -43.00 -17.40
N GLN D 181 -13.43 -44.22 -17.92
CA GLN D 181 -14.42 -45.19 -17.47
C GLN D 181 -13.91 -46.06 -16.33
N ARG D 182 -12.75 -45.75 -15.78
CA ARG D 182 -12.19 -46.56 -14.70
C ARG D 182 -12.84 -46.23 -13.37
N THR D 183 -12.95 -47.24 -12.52
CA THR D 183 -13.30 -47.09 -11.11
C THR D 183 -12.19 -47.81 -10.35
N ASP D 184 -11.23 -47.06 -9.84
CA ASP D 184 -10.11 -47.64 -9.11
C ASP D 184 -10.50 -47.87 -7.67
N PRO D 185 -10.64 -49.13 -7.23
CA PRO D 185 -11.03 -49.37 -5.84
C PRO D 185 -9.93 -48.98 -4.90
N PRO D 186 -10.25 -48.56 -3.68
CA PRO D 186 -9.21 -48.14 -2.75
C PRO D 186 -8.40 -49.32 -2.19
N LYS D 187 -7.09 -49.13 -2.11
CA LYS D 187 -6.21 -50.03 -1.36
C LYS D 187 -6.05 -49.43 0.02
N THR D 188 -6.58 -50.09 1.03
CA THR D 188 -6.73 -49.56 2.38
C THR D 188 -5.83 -50.31 3.36
N HIS D 189 -5.56 -49.66 4.48
CA HIS D 189 -4.84 -50.28 5.59
C HIS D 189 -5.06 -49.43 6.84
N MET D 190 -4.60 -49.96 7.98
CA MET D 190 -4.82 -49.34 9.28
C MET D 190 -3.53 -49.27 10.08
N THR D 191 -3.42 -48.23 10.90
CA THR D 191 -2.28 -48.00 11.77
C THR D 191 -2.77 -47.81 13.21
N HIS D 192 -1.85 -47.97 14.15
CA HIS D 192 -2.14 -47.90 15.58
C HIS D 192 -1.06 -47.06 16.24
N HIS D 193 -1.47 -46.00 16.93
CA HIS D 193 -0.55 -45.09 17.62
C HIS D 193 -1.02 -44.86 19.04
N PRO D 194 -0.22 -45.22 20.05
CA PRO D 194 -0.62 -44.90 21.43
C PRO D 194 -0.61 -43.40 21.68
N ILE D 195 -1.59 -42.94 22.44
CA ILE D 195 -1.62 -41.57 22.94
C ILE D 195 -1.08 -41.49 24.36
N SER D 196 -1.42 -42.47 25.18
CA SER D 196 -0.95 -42.60 26.55
C SER D 196 -1.01 -44.08 26.91
N ASP D 197 -0.77 -44.39 28.19
CA ASP D 197 -0.89 -45.77 28.64
C ASP D 197 -2.32 -46.28 28.62
N HIS D 198 -3.31 -45.39 28.47
CA HIS D 198 -4.71 -45.76 28.53
C HIS D 198 -5.51 -45.32 27.31
N GLU D 199 -4.87 -44.71 26.31
CA GLU D 199 -5.56 -44.29 25.10
C GLU D 199 -4.65 -44.54 23.91
N ALA D 200 -5.25 -44.70 22.73
CA ALA D 200 -4.50 -44.96 21.52
C ALA D 200 -5.33 -44.52 20.32
N THR D 201 -4.64 -44.29 19.21
CA THR D 201 -5.27 -43.84 17.97
C THR D 201 -5.23 -44.93 16.92
N LEU D 202 -6.39 -45.25 16.36
CA LEU D 202 -6.49 -46.08 15.18
C LEU D 202 -6.74 -45.16 13.98
N ARG D 203 -5.99 -45.37 12.91
CA ARG D 203 -6.08 -44.51 11.73
C ARG D 203 -6.38 -45.39 10.52
N CYS D 204 -7.57 -45.24 9.96
CA CYS D 204 -7.99 -45.98 8.78
C CYS D 204 -7.59 -45.20 7.54
N TRP D 205 -6.85 -45.85 6.65
CA TRP D 205 -6.31 -45.21 5.45
C TRP D 205 -7.06 -45.71 4.23
N ALA D 206 -6.94 -44.96 3.14
CA ALA D 206 -7.57 -45.33 1.87
C ALA D 206 -6.79 -44.64 0.76
N LEU D 207 -6.09 -45.43 -0.05
CA LEU D 207 -5.20 -44.90 -1.07
C LEU D 207 -5.57 -45.43 -2.44
N GLY D 208 -5.18 -44.67 -3.46
CA GLY D 208 -5.28 -45.13 -4.83
C GLY D 208 -6.67 -45.25 -5.41
N PHE D 209 -7.68 -44.64 -4.79
CA PHE D 209 -9.04 -44.79 -5.28
C PHE D 209 -9.42 -43.65 -6.22
N TYR D 210 -10.30 -43.97 -7.18
CA TYR D 210 -10.83 -43.01 -8.15
C TYR D 210 -12.15 -43.56 -8.66
N PRO D 211 -13.21 -42.74 -8.79
CA PRO D 211 -13.20 -41.30 -8.46
C PRO D 211 -13.18 -41.01 -6.97
N ALA D 212 -13.16 -39.71 -6.62
CA ALA D 212 -12.87 -39.30 -5.26
C ALA D 212 -14.02 -39.54 -4.30
N GLU D 213 -15.24 -39.73 -4.79
CA GLU D 213 -16.37 -39.93 -3.89
C GLU D 213 -16.17 -41.22 -3.10
N ILE D 214 -16.13 -41.10 -1.78
CA ILE D 214 -15.80 -42.23 -0.91
C ILE D 214 -16.36 -41.91 0.47
N THR D 215 -16.62 -42.95 1.25
CA THR D 215 -17.18 -42.79 2.58
C THR D 215 -16.39 -43.64 3.58
N LEU D 216 -15.92 -43.00 4.64
CA LEU D 216 -15.23 -43.67 5.73
C LEU D 216 -16.08 -43.56 6.99
N THR D 217 -16.36 -44.70 7.61
CA THR D 217 -17.26 -44.77 8.76
C THR D 217 -16.60 -45.57 9.86
N TRP D 218 -16.51 -44.97 11.05
CA TRP D 218 -16.02 -45.65 12.24
C TRP D 218 -17.19 -46.10 13.10
N GLN D 219 -17.19 -47.36 13.48
CA GLN D 219 -18.21 -47.91 14.35
C GLN D 219 -17.54 -48.52 15.58
N ARG D 220 -18.19 -48.37 16.74
CA ARG D 220 -17.79 -49.03 17.97
C ARG D 220 -18.91 -49.97 18.35
N ASP D 221 -18.64 -51.28 18.33
CA ASP D 221 -19.64 -52.31 18.58
C ASP D 221 -20.81 -52.19 17.61
N GLY D 222 -20.54 -51.72 16.39
CA GLY D 222 -21.56 -51.56 15.37
C GLY D 222 -22.27 -50.23 15.35
N GLU D 223 -22.00 -49.32 16.29
CA GLU D 223 -22.63 -48.02 16.32
C GLU D 223 -21.67 -46.97 15.76
N ASP D 224 -22.15 -46.19 14.79
CA ASP D 224 -21.32 -45.18 14.15
C ASP D 224 -20.77 -44.21 15.19
N GLN D 225 -19.47 -43.91 15.09
CA GLN D 225 -18.80 -43.04 16.04
C GLN D 225 -18.44 -41.72 15.37
N THR D 226 -18.70 -40.62 16.08
CA THR D 226 -18.35 -39.29 15.63
C THR D 226 -17.43 -38.55 16.60
N GLN D 227 -17.71 -38.62 17.90
CA GLN D 227 -16.81 -38.03 18.87
C GLN D 227 -15.45 -38.72 18.85
N ASP D 228 -14.40 -37.93 19.11
CA ASP D 228 -13.02 -38.42 19.14
C ASP D 228 -12.60 -39.01 17.80
N THR D 229 -13.23 -38.53 16.72
CA THR D 229 -12.88 -38.92 15.37
C THR D 229 -12.23 -37.74 14.65
N GLU D 230 -11.51 -38.05 13.58
CA GLU D 230 -10.86 -37.03 12.76
C GLU D 230 -10.97 -37.46 11.30
N LEU D 231 -11.61 -36.63 10.49
CA LEU D 231 -11.83 -36.93 9.08
C LEU D 231 -11.21 -35.81 8.25
N VAL D 232 -10.23 -36.16 7.42
CA VAL D 232 -9.52 -35.19 6.62
C VAL D 232 -10.15 -35.13 5.23
N GLU D 233 -9.86 -34.04 4.53
CA GLU D 233 -10.34 -33.87 3.16
C GLU D 233 -9.77 -34.94 2.25
N THR D 234 -10.55 -35.32 1.23
CA THR D 234 -10.02 -36.15 0.16
C THR D 234 -8.94 -35.38 -0.60
N ARG D 235 -7.78 -35.99 -0.77
CA ARG D 235 -6.65 -35.28 -1.33
C ARG D 235 -6.10 -36.00 -2.55
N PRO D 236 -5.64 -35.25 -3.56
CA PRO D 236 -5.05 -35.90 -4.74
C PRO D 236 -3.62 -36.33 -4.51
N ALA D 237 -3.30 -37.54 -4.96
CA ALA D 237 -1.93 -38.02 -4.92
C ALA D 237 -1.08 -37.43 -6.03
N GLY D 238 -1.69 -36.99 -7.12
CA GLY D 238 -0.98 -36.46 -8.26
C GLY D 238 -0.89 -37.38 -9.45
N ASP D 239 -1.43 -38.60 -9.33
CA ASP D 239 -1.37 -39.60 -10.39
C ASP D 239 -2.72 -39.90 -11.01
N GLY D 240 -3.78 -39.21 -10.61
CA GLY D 240 -5.11 -39.58 -10.99
C GLY D 240 -5.85 -40.42 -9.97
N THR D 241 -5.27 -40.58 -8.78
CA THR D 241 -5.91 -41.28 -7.67
C THR D 241 -6.02 -40.33 -6.48
N PHE D 242 -6.79 -40.73 -5.49
CA PHE D 242 -7.05 -39.89 -4.33
C PHE D 242 -6.82 -40.69 -3.06
N GLN D 243 -6.59 -39.95 -1.98
CA GLN D 243 -6.25 -40.54 -0.69
C GLN D 243 -7.09 -39.88 0.38
N LYS D 244 -7.35 -40.64 1.45
CA LYS D 244 -8.15 -40.14 2.56
C LYS D 244 -7.86 -41.01 3.76
N TRP D 245 -8.02 -40.43 4.95
CA TRP D 245 -7.89 -41.21 6.16
C TRP D 245 -8.82 -40.66 7.23
N ALA D 246 -9.23 -41.54 8.14
CA ALA D 246 -10.09 -41.22 9.27
C ALA D 246 -9.50 -41.84 10.51
N ALA D 247 -9.49 -41.08 11.61
CA ALA D 247 -8.87 -41.51 12.85
C ALA D 247 -9.92 -41.61 13.94
N VAL D 248 -9.55 -42.27 15.03
CA VAL D 248 -10.39 -42.36 16.22
C VAL D 248 -9.48 -42.62 17.41
N VAL D 249 -9.77 -41.95 18.52
CA VAL D 249 -9.03 -42.17 19.77
C VAL D 249 -9.77 -43.25 20.54
N VAL D 250 -9.06 -44.32 20.89
CA VAL D 250 -9.68 -45.47 21.53
C VAL D 250 -8.96 -45.75 22.85
N PRO D 251 -9.65 -46.27 23.86
CA PRO D 251 -8.97 -46.70 25.09
C PRO D 251 -8.17 -47.97 24.84
N SER D 252 -7.05 -48.08 25.55
CA SER D 252 -6.18 -49.24 25.40
C SER D 252 -6.93 -50.53 25.73
N GLY D 253 -6.66 -51.57 24.93
CA GLY D 253 -7.34 -52.85 25.07
C GLY D 253 -8.69 -52.93 24.38
N GLU D 254 -9.19 -51.84 23.82
CA GLU D 254 -10.48 -51.83 23.13
C GLU D 254 -10.34 -51.61 21.63
N GLU D 255 -9.13 -51.76 21.09
CA GLU D 255 -8.89 -51.51 19.67
C GLU D 255 -9.74 -52.46 18.81
N GLN D 256 -9.96 -53.69 19.28
CA GLN D 256 -10.69 -54.67 18.50
C GLN D 256 -12.17 -54.32 18.33
N ARG D 257 -12.69 -53.43 19.17
CA ARG D 257 -14.12 -53.08 19.15
C ARG D 257 -14.48 -52.12 18.03
N TYR D 258 -13.50 -51.56 17.33
CA TYR D 258 -13.71 -50.52 16.34
C TYR D 258 -13.54 -51.06 14.93
N THR D 259 -14.40 -50.62 14.02
CA THR D 259 -14.36 -51.05 12.63
C THR D 259 -14.40 -49.83 11.74
N CYS D 260 -13.58 -49.85 10.69
CA CYS D 260 -13.62 -48.85 9.64
C CYS D 260 -14.33 -49.43 8.44
N HIS D 261 -15.29 -48.69 7.90
CA HIS D 261 -16.10 -49.16 6.78
C HIS D 261 -15.84 -48.25 5.59
N VAL D 262 -15.37 -48.83 4.48
CA VAL D 262 -14.93 -48.09 3.31
C VAL D 262 -15.90 -48.40 2.17
N GLN D 263 -16.56 -47.37 1.67
CA GLN D 263 -17.50 -47.49 0.55
C GLN D 263 -16.95 -46.73 -0.64
N HIS D 264 -17.03 -47.35 -1.82
CA HIS D 264 -16.47 -46.75 -3.03
C HIS D 264 -17.16 -47.38 -4.23
N GLU D 265 -17.09 -46.67 -5.35
CA GLU D 265 -17.77 -47.12 -6.56
C GLU D 265 -17.11 -48.36 -7.15
N GLY D 266 -15.78 -48.46 -7.06
CA GLY D 266 -15.04 -49.57 -7.60
C GLY D 266 -14.98 -50.82 -6.75
N LEU D 267 -15.60 -50.83 -5.56
CA LEU D 267 -15.62 -52.02 -4.73
C LEU D 267 -16.92 -52.77 -4.95
N PRO D 268 -16.88 -54.06 -5.31
CA PRO D 268 -18.14 -54.81 -5.43
C PRO D 268 -18.92 -54.85 -4.13
N LYS D 269 -18.24 -55.00 -2.99
CA LYS D 269 -18.90 -54.95 -1.70
C LYS D 269 -17.97 -54.17 -0.78
N PRO D 270 -18.53 -53.36 0.14
CA PRO D 270 -17.69 -52.56 1.04
C PRO D 270 -16.71 -53.41 1.84
N LEU D 271 -15.54 -52.83 2.09
CA LEU D 271 -14.53 -53.45 2.94
C LEU D 271 -14.67 -52.94 4.37
N THR D 272 -14.37 -53.81 5.32
CA THR D 272 -14.38 -53.49 6.74
C THR D 272 -13.00 -53.84 7.32
N LEU D 273 -12.30 -52.84 7.82
CA LEU D 273 -10.96 -53.01 8.34
C LEU D 273 -10.99 -52.99 9.85
N ARG D 274 -10.37 -53.99 10.47
CA ARG D 274 -10.25 -54.07 11.92
C ARG D 274 -8.79 -54.22 12.29
N TRP D 275 -8.44 -53.76 13.49
CA TRP D 275 -7.05 -53.86 13.95
C TRP D 275 -6.75 -55.32 14.30
N GLU D 276 -6.09 -56.02 13.40
CA GLU D 276 -5.68 -57.40 13.69
C GLU D 276 -4.19 -57.48 14.01
N MET E 1 -14.91 -7.96 3.32
CA MET E 1 -15.12 -9.26 2.70
C MET E 1 -14.61 -10.40 3.57
N ILE E 2 -14.86 -11.62 3.14
CA ILE E 2 -14.53 -12.82 3.91
C ILE E 2 -13.17 -13.33 3.45
N GLN E 3 -12.43 -13.93 4.40
CA GLN E 3 -11.19 -14.61 4.10
C GLN E 3 -11.16 -15.92 4.86
N ARG E 4 -10.57 -16.94 4.25
CA ARG E 4 -10.58 -18.29 4.78
C ARG E 4 -9.15 -18.77 4.99
N THR E 5 -8.89 -19.32 6.18
CA THR E 5 -7.56 -19.83 6.47
C THR E 5 -7.30 -21.10 5.65
N PRO E 6 -6.05 -21.35 5.27
CA PRO E 6 -5.76 -22.53 4.46
C PRO E 6 -5.70 -23.80 5.29
N LYS E 7 -6.27 -24.87 4.75
CA LYS E 7 -6.11 -26.20 5.32
C LYS E 7 -4.99 -26.90 4.56
N ILE E 8 -4.13 -27.60 5.30
CA ILE E 8 -2.86 -28.05 4.76
C ILE E 8 -2.69 -29.54 5.05
N GLN E 9 -2.31 -30.29 4.02
CA GLN E 9 -1.91 -31.68 4.18
C GLN E 9 -0.55 -31.87 3.55
N VAL E 10 0.37 -32.49 4.30
CA VAL E 10 1.69 -32.83 3.81
C VAL E 10 1.81 -34.34 3.80
N TYR E 11 2.22 -34.90 2.67
CA TYR E 11 2.20 -36.35 2.51
C TYR E 11 2.99 -36.72 1.28
N SER E 12 3.38 -37.98 1.20
CA SER E 12 4.05 -38.53 0.04
C SER E 12 3.01 -39.20 -0.85
N ARG E 13 3.24 -39.15 -2.17
CA ARG E 13 2.32 -39.78 -3.10
C ARG E 13 2.14 -41.26 -2.76
N HIS E 14 3.23 -41.99 -2.64
CA HIS E 14 3.20 -43.38 -2.24
C HIS E 14 3.79 -43.52 -0.82
N PRO E 15 3.50 -44.62 -0.13
CA PRO E 15 4.09 -44.84 1.20
C PRO E 15 5.61 -44.74 1.15
N ALA E 16 6.17 -44.16 2.21
CA ALA E 16 7.60 -43.87 2.23
C ALA E 16 8.44 -45.14 2.31
N GLU E 17 9.37 -45.27 1.37
CA GLU E 17 10.42 -46.30 1.42
C GLU E 17 11.75 -45.62 1.16
N ASN E 18 12.66 -45.72 2.13
CA ASN E 18 13.97 -45.08 1.99
C ASN E 18 14.71 -45.64 0.78
N GLY E 19 15.15 -44.75 -0.09
CA GLY E 19 15.86 -45.14 -1.31
C GLY E 19 14.98 -45.37 -2.52
N LYS E 20 13.65 -45.35 -2.37
CA LYS E 20 12.75 -45.58 -3.49
C LYS E 20 12.15 -44.24 -3.93
N SER E 21 12.15 -43.99 -5.23
CA SER E 21 11.67 -42.71 -5.76
C SER E 21 10.21 -42.48 -5.42
N ASN E 22 9.86 -41.23 -5.12
CA ASN E 22 8.51 -40.88 -4.71
C ASN E 22 8.28 -39.39 -5.01
N PHE E 23 7.06 -38.94 -4.72
CA PHE E 23 6.67 -37.54 -4.86
C PHE E 23 6.16 -37.00 -3.53
N LEU E 24 6.76 -35.91 -3.07
CA LEU E 24 6.28 -35.23 -1.88
C LEU E 24 5.17 -34.26 -2.26
N ASN E 25 4.06 -34.33 -1.55
CA ASN E 25 2.88 -33.52 -1.85
C ASN E 25 2.58 -32.59 -0.68
N CYS E 26 2.13 -31.38 -1.00
CA CYS E 26 1.59 -30.45 0.00
C CYS E 26 0.26 -29.94 -0.53
N TYR E 27 -0.83 -30.42 0.07
CA TYR E 27 -2.18 -30.06 -0.36
C TYR E 27 -2.68 -28.93 0.53
N VAL E 28 -2.77 -27.73 -0.05
CA VAL E 28 -3.29 -26.55 0.64
C VAL E 28 -4.67 -26.26 0.05
N SER E 29 -5.68 -26.22 0.91
CA SER E 29 -7.07 -26.13 0.47
C SER E 29 -7.88 -25.33 1.48
N GLY E 30 -9.08 -24.94 1.06
CA GLY E 30 -9.97 -24.24 1.96
C GLY E 30 -9.56 -22.82 2.28
N PHE E 31 -8.76 -22.20 1.42
CA PHE E 31 -8.21 -20.87 1.68
C PHE E 31 -8.86 -19.83 0.79
N HIS E 32 -8.82 -18.59 1.26
CA HIS E 32 -9.32 -17.43 0.53
C HIS E 32 -8.66 -16.18 1.09
N PRO E 33 -8.13 -15.26 0.25
CA PRO E 33 -8.20 -15.33 -1.22
C PRO E 33 -7.19 -16.27 -1.88
N SER E 34 -7.04 -16.13 -3.20
CA SER E 34 -6.29 -17.11 -3.99
C SER E 34 -4.77 -16.92 -3.87
N ASP E 35 -4.28 -15.70 -3.70
CA ASP E 35 -2.85 -15.47 -3.60
C ASP E 35 -2.30 -16.12 -2.33
N ILE E 36 -1.37 -17.06 -2.49
CA ILE E 36 -0.82 -17.80 -1.37
C ILE E 36 0.59 -18.26 -1.77
N GLU E 37 1.46 -18.33 -0.76
CA GLU E 37 2.85 -18.72 -0.97
C GLU E 37 3.08 -20.04 -0.26
N VAL E 38 3.52 -21.06 -1.01
CA VAL E 38 3.70 -22.41 -0.50
C VAL E 38 5.11 -22.87 -0.85
N ASP E 39 5.88 -23.27 0.17
CA ASP E 39 7.21 -23.81 -0.02
C ASP E 39 7.32 -25.20 0.62
N LEU E 40 7.99 -26.10 -0.07
CA LEU E 40 8.37 -27.39 0.48
C LEU E 40 9.76 -27.29 1.08
N LEU E 41 9.97 -27.95 2.20
CA LEU E 41 11.22 -27.81 2.96
C LEU E 41 11.91 -29.16 3.07
N LYS E 42 13.24 -29.12 2.97
CA LYS E 42 14.10 -30.28 3.20
C LYS E 42 15.15 -29.87 4.24
N ASN E 43 15.02 -30.42 5.45
CA ASN E 43 15.90 -30.08 6.56
C ASN E 43 15.91 -28.57 6.85
N GLY E 44 14.81 -27.89 6.57
CA GLY E 44 14.72 -26.47 6.81
C GLY E 44 15.20 -25.59 5.69
N GLU E 45 15.35 -26.14 4.48
CA GLU E 45 15.79 -25.39 3.32
C GLU E 45 14.69 -25.33 2.28
N ARG E 46 14.62 -24.21 1.56
CA ARG E 46 13.61 -24.05 0.52
C ARG E 46 13.90 -25.03 -0.60
N ILE E 47 12.94 -25.87 -0.93
CA ILE E 47 13.10 -26.77 -2.06
C ILE E 47 12.80 -26.01 -3.35
N GLU E 48 13.73 -26.04 -4.27
CA GLU E 48 13.55 -25.40 -5.58
C GLU E 48 12.90 -26.39 -6.54
N LYS E 49 12.49 -25.89 -7.70
CA LYS E 49 11.90 -26.67 -8.77
C LYS E 49 10.57 -27.30 -8.37
N VAL E 50 9.94 -26.82 -7.29
CA VAL E 50 8.64 -27.31 -6.88
C VAL E 50 7.58 -26.84 -7.87
N GLU E 51 6.70 -27.75 -8.27
CA GLU E 51 5.59 -27.45 -9.16
C GLU E 51 4.28 -27.51 -8.40
N HIS E 52 3.22 -27.03 -9.06
CA HIS E 52 1.89 -27.00 -8.45
C HIS E 52 0.84 -27.15 -9.54
N SER E 53 -0.32 -27.65 -9.14
CA SER E 53 -1.45 -27.80 -10.04
C SER E 53 -2.08 -26.43 -10.32
N ASP E 54 -2.97 -26.40 -11.32
CA ASP E 54 -3.68 -25.17 -11.65
C ASP E 54 -4.72 -24.83 -10.59
N LEU E 55 -4.98 -23.53 -10.44
CA LEU E 55 -5.89 -23.06 -9.41
C LEU E 55 -7.32 -23.46 -9.75
N SER E 56 -8.05 -23.91 -8.72
CA SER E 56 -9.48 -24.19 -8.82
C SER E 56 -10.07 -24.03 -7.44
N PHE E 57 -11.40 -24.10 -7.37
CA PHE E 57 -12.10 -23.88 -6.12
C PHE E 57 -13.19 -24.93 -5.96
N SER E 58 -13.69 -25.04 -4.73
CA SER E 58 -14.60 -26.12 -4.35
C SER E 58 -16.04 -25.62 -4.53
N LYS E 59 -17.00 -26.31 -3.90
CA LYS E 59 -18.39 -25.85 -3.98
C LYS E 59 -18.59 -24.58 -3.17
N ASP E 60 -17.98 -24.51 -1.98
CA ASP E 60 -18.04 -23.34 -1.12
C ASP E 60 -17.07 -22.24 -1.54
N TRP E 61 -16.65 -22.24 -2.81
CA TRP E 61 -15.86 -21.18 -3.44
C TRP E 61 -14.41 -21.15 -2.95
N SER E 62 -14.08 -21.96 -1.94
CA SER E 62 -12.72 -21.97 -1.43
C SER E 62 -11.79 -22.73 -2.39
N PHE E 63 -10.56 -22.24 -2.53
CA PHE E 63 -9.63 -22.78 -3.49
C PHE E 63 -8.87 -23.97 -2.89
N TYR E 64 -8.22 -24.73 -3.77
CA TYR E 64 -7.36 -25.83 -3.36
C TYR E 64 -6.20 -25.91 -4.34
N LEU E 65 -5.00 -26.17 -3.80
CA LEU E 65 -3.80 -26.26 -4.61
C LEU E 65 -2.93 -27.39 -4.08
N LEU E 66 -2.30 -28.10 -5.01
CA LEU E 66 -1.40 -29.20 -4.70
C LEU E 66 0.01 -28.82 -5.12
N TYR E 67 0.92 -28.75 -4.15
CA TYR E 67 2.33 -28.46 -4.40
C TYR E 67 3.12 -29.76 -4.26
N TYR E 68 3.93 -30.08 -5.26
CA TYR E 68 4.54 -31.39 -5.33
C TYR E 68 5.94 -31.30 -5.92
N THR E 69 6.80 -32.22 -5.50
CA THR E 69 8.11 -32.40 -6.09
C THR E 69 8.56 -33.85 -5.94
N GLU E 70 9.41 -34.28 -6.86
CA GLU E 70 10.01 -35.61 -6.79
C GLU E 70 11.11 -35.62 -5.73
N PHE E 71 11.22 -36.74 -5.00
CA PHE E 71 12.24 -36.85 -3.95
C PHE E 71 12.50 -38.31 -3.63
N THR E 72 13.55 -38.53 -2.85
CA THR E 72 13.88 -39.85 -2.30
C THR E 72 14.17 -39.72 -0.81
N PRO E 73 13.29 -40.25 0.05
CA PRO E 73 13.50 -40.09 1.50
C PRO E 73 14.58 -40.98 2.08
N THR E 74 15.18 -40.52 3.18
CA THR E 74 16.15 -41.27 3.97
C THR E 74 15.67 -41.29 5.42
N GLU E 75 16.45 -41.97 6.29
CA GLU E 75 16.03 -42.12 7.69
C GLU E 75 16.01 -40.78 8.41
N LYS E 76 16.94 -39.89 8.09
CA LYS E 76 17.13 -38.67 8.85
C LYS E 76 16.65 -37.41 8.14
N ASP E 77 16.39 -37.49 6.83
CA ASP E 77 15.87 -36.32 6.13
C ASP E 77 14.49 -35.98 6.67
N GLU E 78 14.31 -34.73 7.08
CA GLU E 78 13.03 -34.22 7.55
C GLU E 78 12.44 -33.30 6.48
N TYR E 79 11.11 -33.35 6.33
CA TYR E 79 10.41 -32.56 5.34
C TYR E 79 9.28 -31.80 6.00
N ALA E 80 8.87 -30.70 5.38
CA ALA E 80 7.78 -29.89 5.87
C ALA E 80 7.25 -29.05 4.72
N CYS E 81 6.06 -28.49 4.94
CA CYS E 81 5.46 -27.53 4.02
C CYS E 81 5.25 -26.21 4.74
N ARG E 82 5.72 -25.13 4.15
CA ARG E 82 5.57 -23.78 4.70
C ARG E 82 4.62 -22.99 3.83
N VAL E 83 3.60 -22.40 4.45
CA VAL E 83 2.57 -21.67 3.74
C VAL E 83 2.41 -20.29 4.37
N ASN E 84 2.43 -19.25 3.54
CA ASN E 84 2.09 -17.90 3.95
C ASN E 84 0.83 -17.45 3.24
N HIS E 85 -0.03 -16.75 3.98
CA HIS E 85 -1.29 -16.25 3.47
C HIS E 85 -1.68 -15.06 4.34
N VAL E 86 -2.41 -14.11 3.76
CA VAL E 86 -2.76 -12.89 4.48
C VAL E 86 -3.53 -13.21 5.75
N THR E 87 -4.27 -14.33 5.77
CA THR E 87 -5.03 -14.72 6.94
C THR E 87 -4.15 -15.26 8.05
N LEU E 88 -2.87 -15.49 7.79
CA LEU E 88 -1.97 -16.09 8.76
C LEU E 88 -1.09 -15.02 9.40
N SER E 89 -1.01 -15.04 10.72
CA SER E 89 -0.15 -14.12 11.45
C SER E 89 1.34 -14.42 11.24
N GLN E 90 1.67 -15.66 10.91
CA GLN E 90 3.04 -16.06 10.64
C GLN E 90 3.02 -17.21 9.66
N PRO E 91 4.16 -17.54 9.05
CA PRO E 91 4.20 -18.70 8.15
C PRO E 91 3.73 -19.95 8.86
N LYS E 92 2.92 -20.75 8.16
CA LYS E 92 2.37 -21.99 8.71
C LYS E 92 3.20 -23.15 8.18
N ILE E 93 3.93 -23.80 9.07
CA ILE E 93 4.82 -24.91 8.73
C ILE E 93 4.25 -26.20 9.29
N VAL E 94 4.17 -27.23 8.45
CA VAL E 94 3.67 -28.55 8.85
C VAL E 94 4.73 -29.58 8.48
N LYS E 95 5.32 -30.22 9.49
CA LYS E 95 6.38 -31.19 9.24
C LYS E 95 5.80 -32.49 8.69
N TRP E 96 6.53 -33.10 7.76
CA TRP E 96 6.04 -34.34 7.16
C TRP E 96 6.21 -35.51 8.12
N ASP E 97 5.12 -36.25 8.31
CA ASP E 97 5.13 -37.49 9.08
C ASP E 97 4.71 -38.62 8.14
N ARG E 98 5.38 -39.76 8.25
CA ARG E 98 5.12 -40.85 7.31
C ARG E 98 3.73 -41.44 7.47
N ASP E 99 3.07 -41.21 8.60
CA ASP E 99 1.78 -41.83 8.87
C ASP E 99 0.67 -40.80 9.08
N MET E 100 0.72 -39.68 8.36
CA MET E 100 -0.35 -38.68 8.47
C MET E 100 -0.67 -38.07 7.11
N VAL F 1 -16.10 -28.63 -24.69
CA VAL F 1 -15.93 -27.27 -25.19
C VAL F 1 -16.49 -26.23 -24.20
N VAL F 2 -16.02 -24.99 -24.34
CA VAL F 2 -16.50 -23.92 -23.49
C VAL F 2 -17.76 -23.29 -24.10
N VAL F 3 -18.48 -22.54 -23.27
CA VAL F 3 -19.69 -21.85 -23.73
C VAL F 3 -19.30 -20.72 -24.67
N GLY F 4 -20.13 -20.50 -25.69
CA GLY F 4 -19.91 -19.41 -26.63
C GLY F 4 -20.16 -18.04 -26.02
N GLY F 7 -21.50 -13.88 -24.83
CA GLY F 7 -21.40 -13.55 -23.42
C GLY F 7 -22.02 -12.22 -23.06
N VAL F 8 -22.93 -12.22 -22.10
CA VAL F 8 -23.69 -11.03 -21.72
C VAL F 8 -23.05 -10.42 -20.47
N GLY F 9 -22.80 -9.12 -20.51
CA GLY F 9 -22.19 -8.46 -19.38
C GLY F 9 -23.09 -8.48 -18.16
N LYS F 10 -22.47 -8.36 -16.99
CA LYS F 10 -23.21 -8.40 -15.73
C LYS F 10 -23.73 -7.02 -15.37
N GLY G 2 -43.03 1.81 23.52
CA GLY G 2 -42.76 0.79 22.52
C GLY G 2 -42.17 -0.49 23.09
N SER G 3 -41.80 -1.40 22.19
CA SER G 3 -41.15 -2.64 22.60
C SER G 3 -39.68 -2.37 22.96
N HIS G 4 -39.15 -3.21 23.84
CA HIS G 4 -37.81 -3.02 24.36
C HIS G 4 -37.10 -4.36 24.42
N SER G 5 -35.76 -4.30 24.46
CA SER G 5 -34.95 -5.50 24.53
C SER G 5 -33.74 -5.26 25.43
N MET G 6 -33.40 -6.25 26.25
CA MET G 6 -32.14 -6.30 26.96
C MET G 6 -31.29 -7.40 26.37
N ARG G 7 -30.01 -7.10 26.13
CA ARG G 7 -29.11 -8.03 25.46
C ARG G 7 -27.77 -8.08 26.18
N TYR G 8 -27.26 -9.28 26.37
CA TYR G 8 -25.89 -9.49 26.83
C TYR G 8 -25.08 -10.16 25.72
N PHE G 9 -23.83 -9.71 25.58
CA PHE G 9 -22.93 -10.18 24.53
C PHE G 9 -21.64 -10.64 25.20
N TYR G 10 -21.31 -11.91 25.07
CA TYR G 10 -20.10 -12.47 25.65
C TYR G 10 -19.11 -12.79 24.56
N THR G 11 -17.84 -12.44 24.80
CA THR G 11 -16.74 -12.72 23.88
C THR G 11 -15.57 -13.26 24.68
N SER G 12 -15.14 -14.46 24.35
CA SER G 12 -13.97 -15.10 24.95
C SER G 12 -12.98 -15.43 23.85
N VAL G 13 -11.77 -14.91 23.96
CA VAL G 13 -10.73 -15.09 22.96
C VAL G 13 -9.55 -15.80 23.60
N SER G 14 -9.23 -16.99 23.10
CA SER G 14 -8.05 -17.72 23.56
C SER G 14 -6.79 -17.01 23.08
N ARG G 15 -5.78 -16.95 23.94
CA ARG G 15 -4.49 -16.36 23.60
C ARG G 15 -3.39 -17.33 24.03
N PRO G 16 -3.03 -18.27 23.15
CA PRO G 16 -2.06 -19.30 23.53
C PRO G 16 -0.69 -18.69 23.82
N GLY G 17 -0.06 -19.20 24.89
CA GLY G 17 1.25 -18.71 25.26
C GLY G 17 1.26 -17.31 25.83
N ARG G 18 0.08 -16.70 26.04
CA ARG G 18 -0.01 -15.32 26.50
C ARG G 18 -0.88 -15.21 27.76
N GLY G 19 -1.12 -16.30 28.47
CA GLY G 19 -1.98 -16.29 29.63
C GLY G 19 -3.36 -16.84 29.32
N GLU G 20 -4.20 -16.84 30.35
CA GLU G 20 -5.55 -17.35 30.21
C GLU G 20 -6.34 -16.49 29.22
N PRO G 21 -7.40 -17.06 28.62
CA PRO G 21 -8.14 -16.32 27.59
C PRO G 21 -8.75 -15.02 28.08
N ARG G 22 -8.90 -14.08 27.14
CA ARG G 22 -9.52 -12.79 27.38
C ARG G 22 -11.04 -12.93 27.38
N PHE G 23 -11.68 -12.51 28.46
CA PHE G 23 -13.14 -12.58 28.59
C PHE G 23 -13.70 -11.17 28.77
N ILE G 24 -14.63 -10.78 27.90
CA ILE G 24 -15.27 -9.46 27.94
C ILE G 24 -16.78 -9.63 27.84
N ALA G 25 -17.51 -9.00 28.75
CA ALA G 25 -18.96 -9.03 28.77
C ALA G 25 -19.51 -7.60 28.69
N VAL G 26 -20.54 -7.40 27.89
CA VAL G 26 -21.20 -6.10 27.75
C VAL G 26 -22.70 -6.30 27.83
N GLY G 27 -23.37 -5.35 28.50
CA GLY G 27 -24.82 -5.38 28.64
C GLY G 27 -25.53 -4.22 27.99
N TYR G 28 -26.58 -4.51 27.22
CA TYR G 28 -27.37 -3.49 26.53
C TYR G 28 -28.84 -3.55 26.94
N VAL G 29 -29.48 -2.39 26.94
CA VAL G 29 -30.93 -2.27 26.89
C VAL G 29 -31.26 -1.47 25.64
N ASP G 30 -31.94 -2.12 24.68
CA ASP G 30 -32.15 -1.59 23.34
C ASP G 30 -30.78 -1.31 22.76
N ASP G 31 -30.42 -0.06 22.43
CA ASP G 31 -29.12 0.29 21.90
C ASP G 31 -28.28 1.07 22.91
N THR G 32 -28.61 0.97 24.20
CA THR G 32 -27.92 1.70 25.27
C THR G 32 -27.17 0.71 26.15
N GLN G 33 -25.83 0.76 26.06
CA GLN G 33 -24.98 -0.04 26.93
C GLN G 33 -25.10 0.43 28.37
N PHE G 34 -24.99 -0.52 29.31
CA PHE G 34 -25.10 -0.16 30.72
C PHE G 34 -24.21 -0.94 31.67
N VAL G 35 -23.57 -2.04 31.26
CA VAL G 35 -22.60 -2.74 32.10
C VAL G 35 -21.48 -3.30 31.23
N ARG G 36 -20.31 -3.50 31.86
CA ARG G 36 -19.17 -4.09 31.20
C ARG G 36 -18.39 -4.93 32.20
N PHE G 37 -17.65 -5.92 31.66
CA PHE G 37 -16.67 -6.68 32.41
C PHE G 37 -15.47 -6.97 31.51
N ASP G 38 -14.27 -6.87 32.06
CA ASP G 38 -13.04 -7.15 31.33
C ASP G 38 -12.13 -8.02 32.20
N SER G 39 -11.74 -9.17 31.67
CA SER G 39 -10.80 -10.05 32.38
C SER G 39 -9.45 -9.39 32.60
N ASP G 40 -9.07 -8.41 31.79
CA ASP G 40 -7.78 -7.76 31.90
C ASP G 40 -7.82 -6.48 32.72
N ALA G 41 -9.00 -5.89 32.94
CA ALA G 41 -9.09 -4.66 33.70
C ALA G 41 -8.78 -4.91 35.17
N ALA G 42 -8.18 -3.91 35.81
CA ALA G 42 -7.68 -4.07 37.17
C ALA G 42 -8.80 -4.23 38.19
N SER G 43 -10.00 -3.71 37.89
CA SER G 43 -11.08 -3.76 38.87
C SER G 43 -11.52 -5.19 39.17
N GLN G 44 -11.52 -6.06 38.15
CA GLN G 44 -12.05 -7.42 38.28
C GLN G 44 -13.49 -7.39 38.81
N ARG G 45 -14.26 -6.42 38.33
CA ARG G 45 -15.65 -6.24 38.71
C ARG G 45 -16.49 -5.97 37.48
N MET G 46 -17.78 -6.26 37.58
CA MET G 46 -18.72 -5.75 36.59
C MET G 46 -18.81 -4.24 36.75
N GLU G 47 -18.64 -3.51 35.65
CA GLU G 47 -18.50 -2.08 35.80
C GLU G 47 -19.68 -1.34 35.19
N PRO G 48 -20.18 -0.30 35.88
CA PRO G 48 -21.31 0.45 35.33
C PRO G 48 -20.90 1.30 34.14
N ARG G 49 -21.81 1.41 33.17
CA ARG G 49 -21.64 2.25 32.00
C ARG G 49 -22.84 3.14 31.74
N ALA G 50 -23.82 3.17 32.64
CA ALA G 50 -25.01 3.99 32.51
C ALA G 50 -25.28 4.75 33.80
N PRO G 51 -25.89 5.93 33.71
CA PRO G 51 -26.08 6.73 34.94
C PRO G 51 -27.05 6.10 35.92
N TRP G 52 -28.13 5.48 35.44
CA TRP G 52 -29.17 4.91 36.28
C TRP G 52 -28.81 3.56 36.88
N ILE G 53 -27.75 2.89 36.40
CA ILE G 53 -27.37 1.60 36.98
C ILE G 53 -26.54 1.74 38.25
N GLU G 54 -25.91 2.88 38.48
CA GLU G 54 -25.05 3.06 39.65
C GLU G 54 -25.82 3.04 40.95
N GLN G 55 -27.14 3.23 40.91
CA GLN G 55 -27.97 3.23 42.11
C GLN G 55 -28.16 1.83 42.69
N GLU G 56 -27.77 0.79 41.97
CA GLU G 56 -27.98 -0.57 42.44
C GLU G 56 -27.18 -0.84 43.70
N GLY G 57 -27.82 -1.54 44.65
CA GLY G 57 -27.21 -1.84 45.91
C GLY G 57 -25.96 -2.68 45.72
N PRO G 58 -25.17 -2.83 46.78
CA PRO G 58 -23.91 -3.60 46.65
C PRO G 58 -24.13 -5.03 46.21
N GLU G 59 -25.23 -5.66 46.61
CA GLU G 59 -25.49 -7.04 46.22
C GLU G 59 -25.57 -7.21 44.71
N TYR G 60 -26.18 -6.24 44.02
CA TYR G 60 -26.26 -6.32 42.57
C TYR G 60 -24.88 -6.51 41.95
N TRP G 61 -23.98 -5.54 42.19
CA TRP G 61 -22.64 -5.66 41.62
C TRP G 61 -21.89 -6.82 42.22
N ASP G 62 -22.15 -7.16 43.49
CA ASP G 62 -21.49 -8.28 44.12
C ASP G 62 -21.89 -9.60 43.46
N GLN G 63 -23.19 -9.78 43.21
CA GLN G 63 -23.65 -11.00 42.57
C GLN G 63 -23.34 -11.00 41.08
N GLU G 64 -23.55 -9.86 40.40
CA GLU G 64 -23.30 -9.79 38.97
C GLU G 64 -21.84 -10.06 38.65
N THR G 65 -20.93 -9.64 39.54
CA THR G 65 -19.51 -9.92 39.34
C THR G 65 -19.21 -11.43 39.48
N ARG G 66 -19.83 -12.08 40.46
CA ARG G 66 -19.58 -13.51 40.66
C ARG G 66 -20.01 -14.32 39.44
N ASN G 67 -21.25 -14.13 38.99
CA ASN G 67 -21.77 -14.93 37.89
C ASN G 67 -21.03 -14.66 36.59
N VAL G 68 -20.60 -13.42 36.37
CA VAL G 68 -19.86 -13.11 35.14
C VAL G 68 -18.42 -13.63 35.24
N LYS G 69 -17.85 -13.69 36.45
CA LYS G 69 -16.53 -14.31 36.60
C LYS G 69 -16.60 -15.81 36.35
N ALA G 70 -17.65 -16.48 36.86
CA ALA G 70 -17.81 -17.91 36.63
C ALA G 70 -17.91 -18.22 35.14
N GLN G 71 -18.79 -17.49 34.42
CA GLN G 71 -18.95 -17.70 32.99
CA GLN G 71 -18.94 -17.73 33.00
C GLN G 71 -17.62 -17.56 32.25
N SER G 72 -16.74 -16.70 32.74
CA SER G 72 -15.42 -16.55 32.14
C SER G 72 -14.64 -17.87 32.21
N GLN G 73 -14.76 -18.58 33.33
CA GLN G 73 -14.08 -19.86 33.47
C GLN G 73 -14.73 -20.94 32.63
N THR G 74 -16.06 -20.92 32.52
CA THR G 74 -16.76 -21.88 31.67
C THR G 74 -16.26 -21.81 30.23
N ASP G 75 -16.05 -20.59 29.72
CA ASP G 75 -15.52 -20.44 28.36
C ASP G 75 -14.09 -20.96 28.29
N ARG G 76 -13.30 -20.71 29.34
CA ARG G 76 -11.91 -21.19 29.36
C ARG G 76 -11.86 -22.71 29.27
N VAL G 77 -12.73 -23.40 30.01
CA VAL G 77 -12.83 -24.85 29.89
C VAL G 77 -13.29 -25.23 28.48
N ASP G 78 -14.36 -24.60 27.99
CA ASP G 78 -14.92 -24.96 26.70
C ASP G 78 -13.99 -24.64 25.54
N LEU G 79 -13.17 -23.60 25.66
CA LEU G 79 -12.26 -23.25 24.56
C LEU G 79 -11.33 -24.40 24.22
N GLY G 80 -10.75 -25.04 25.24
CA GLY G 80 -9.96 -26.23 25.00
C GLY G 80 -10.84 -27.41 24.59
N THR G 81 -12.00 -27.56 25.24
CA THR G 81 -12.91 -28.66 24.93
C THR G 81 -13.34 -28.64 23.47
N LEU G 82 -13.66 -27.46 22.94
CA LEU G 82 -14.07 -27.39 21.54
C LEU G 82 -12.89 -27.59 20.60
N ARG G 83 -11.69 -27.15 21.00
CA ARG G 83 -10.49 -27.46 20.22
C ARG G 83 -10.29 -28.97 20.11
N GLY G 84 -10.64 -29.71 21.17
CA GLY G 84 -10.60 -31.17 21.07
C GLY G 84 -11.62 -31.70 20.09
N TYR G 85 -12.80 -31.06 20.03
CA TYR G 85 -13.83 -31.50 19.09
C TYR G 85 -13.39 -31.31 17.65
N TYR G 86 -12.64 -30.23 17.37
CA TYR G 86 -12.22 -29.88 16.03
C TYR G 86 -10.80 -30.30 15.70
N ASN G 87 -10.07 -30.90 16.64
CA ASN G 87 -8.69 -31.33 16.42
C ASN G 87 -7.83 -30.17 15.92
N GLN G 88 -7.81 -29.10 16.71
CA GLN G 88 -7.09 -27.88 16.34
C GLN G 88 -5.80 -27.81 17.14
N SER G 89 -4.78 -27.18 16.54
CA SER G 89 -3.52 -27.00 17.24
C SER G 89 -3.74 -26.18 18.51
N GLU G 90 -2.98 -26.53 19.56
CA GLU G 90 -3.04 -25.79 20.81
C GLU G 90 -2.37 -24.43 20.73
N ASP G 91 -1.68 -24.14 19.62
CA ASP G 91 -0.98 -22.87 19.44
C ASP G 91 -1.86 -21.78 18.85
N GLY G 92 -2.93 -22.14 18.15
CA GLY G 92 -3.77 -21.14 17.51
C GLY G 92 -4.78 -20.52 18.45
N SER G 93 -5.04 -19.23 18.23
CA SER G 93 -6.02 -18.48 19.00
C SER G 93 -7.42 -18.63 18.40
N HIS G 94 -8.41 -18.81 19.26
CA HIS G 94 -9.79 -19.02 18.84
C HIS G 94 -10.75 -18.18 19.68
N THR G 95 -11.98 -18.05 19.20
CA THR G 95 -12.97 -17.15 19.77
C THR G 95 -14.32 -17.84 19.89
N ILE G 96 -14.99 -17.62 21.03
CA ILE G 96 -16.35 -18.07 21.27
C ILE G 96 -17.19 -16.84 21.60
N GLN G 97 -18.30 -16.67 20.88
CA GLN G 97 -19.18 -15.52 21.04
C GLN G 97 -20.56 -15.99 21.49
N ILE G 98 -21.07 -15.37 22.56
CA ILE G 98 -22.36 -15.74 23.13
C ILE G 98 -23.24 -14.50 23.19
N MET G 99 -24.47 -14.62 22.67
CA MET G 99 -25.45 -13.56 22.75
C MET G 99 -26.77 -14.14 23.23
N TYR G 100 -27.41 -13.48 24.20
CA TYR G 100 -28.72 -13.86 24.68
C TYR G 100 -29.43 -12.61 25.18
N GLY G 101 -30.76 -12.72 25.35
CA GLY G 101 -31.51 -11.61 25.88
C GLY G 101 -33.00 -11.83 25.70
N CYS G 102 -33.76 -10.91 26.29
CA CYS G 102 -35.22 -11.00 26.33
C CYS G 102 -35.84 -9.69 25.88
N ASP G 103 -37.04 -9.79 25.31
CA ASP G 103 -37.78 -8.64 24.81
C ASP G 103 -39.08 -8.48 25.60
N VAL G 104 -39.51 -7.23 25.76
CA VAL G 104 -40.79 -6.91 26.38
C VAL G 104 -41.55 -5.94 25.49
N GLY G 105 -42.87 -5.96 25.59
CA GLY G 105 -43.70 -5.01 24.90
C GLY G 105 -43.95 -3.79 25.77
N PRO G 106 -44.76 -2.85 25.27
CA PRO G 106 -45.09 -1.67 26.11
C PRO G 106 -45.82 -2.03 27.39
N ASP G 107 -46.42 -3.22 27.47
CA ASP G 107 -47.12 -3.70 28.65
C ASP G 107 -46.23 -4.47 29.61
N GLY G 108 -44.94 -4.63 29.31
CA GLY G 108 -44.05 -5.36 30.18
C GLY G 108 -44.14 -6.86 30.07
N ARG G 109 -44.90 -7.39 29.11
CA ARG G 109 -45.09 -8.83 28.98
C ARG G 109 -43.93 -9.46 28.19
N PHE G 110 -43.58 -10.69 28.58
CA PHE G 110 -42.52 -11.42 27.89
C PHE G 110 -42.90 -11.60 26.43
N LEU G 111 -41.93 -11.41 25.54
CA LEU G 111 -42.14 -11.60 24.11
C LEU G 111 -41.30 -12.74 23.54
N ARG G 112 -39.99 -12.72 23.73
CA ARG G 112 -39.12 -13.70 23.08
C ARG G 112 -37.90 -13.96 23.94
N GLY G 113 -37.35 -15.16 23.80
CA GLY G 113 -36.09 -15.52 24.43
C GLY G 113 -35.09 -15.95 23.38
N TYR G 114 -33.81 -15.69 23.66
CA TYR G 114 -32.74 -15.98 22.73
C TYR G 114 -31.56 -16.60 23.45
N ARG G 115 -30.84 -17.46 22.73
CA ARG G 115 -29.54 -17.96 23.18
C ARG G 115 -28.86 -18.57 21.97
N GLN G 116 -27.74 -17.98 21.55
CA GLN G 116 -26.97 -18.46 20.42
C GLN G 116 -25.49 -18.36 20.76
N ASP G 117 -24.77 -19.46 20.55
CA ASP G 117 -23.34 -19.52 20.78
C ASP G 117 -22.61 -19.79 19.47
N ALA G 118 -21.47 -19.16 19.29
CA ALA G 118 -20.71 -19.26 18.05
C ALA G 118 -19.26 -19.62 18.37
N TYR G 119 -18.58 -20.19 17.39
CA TYR G 119 -17.17 -20.54 17.49
C TYR G 119 -16.46 -19.99 16.26
N ASP G 120 -15.50 -19.09 16.48
CA ASP G 120 -14.69 -18.50 15.41
C ASP G 120 -15.56 -17.82 14.35
N GLY G 121 -16.59 -17.12 14.79
CA GLY G 121 -17.41 -16.31 13.91
C GLY G 121 -18.43 -17.06 13.08
N LYS G 122 -18.72 -18.31 13.41
CA LYS G 122 -19.72 -19.09 12.69
C LYS G 122 -20.75 -19.63 13.69
N ASP G 123 -21.98 -19.78 13.23
CA ASP G 123 -23.02 -20.37 14.07
C ASP G 123 -22.57 -21.72 14.58
N TYR G 124 -22.75 -21.95 15.88
CA TYR G 124 -22.38 -23.22 16.51
C TYR G 124 -23.61 -23.93 17.05
N ILE G 125 -24.21 -23.43 18.13
CA ILE G 125 -25.45 -23.99 18.67
C ILE G 125 -26.40 -22.84 18.93
N ALA G 126 -27.70 -23.11 18.80
CA ALA G 126 -28.72 -22.08 18.95
C ALA G 126 -29.91 -22.61 19.71
N LEU G 127 -30.39 -21.84 20.68
CA LEU G 127 -31.64 -22.18 21.36
C LEU G 127 -32.81 -21.89 20.43
N ASN G 128 -33.68 -22.89 20.24
CA ASN G 128 -34.82 -22.73 19.36
C ASN G 128 -35.85 -21.79 19.97
N GLU G 129 -36.80 -21.36 19.13
CA GLU G 129 -37.81 -20.39 19.55
C GLU G 129 -38.65 -20.90 20.71
N ASP G 130 -38.89 -22.22 20.78
CA ASP G 130 -39.73 -22.79 21.82
C ASP G 130 -39.07 -22.74 23.19
N LEU G 131 -37.81 -22.32 23.27
CA LEU G 131 -37.06 -22.24 24.53
C LEU G 131 -36.98 -23.59 25.24
N ARG G 132 -37.07 -24.68 24.46
CA ARG G 132 -36.98 -26.03 24.99
C ARG G 132 -36.04 -26.95 24.22
N SER G 133 -35.50 -26.51 23.09
CA SER G 133 -34.66 -27.36 22.25
C SER G 133 -33.58 -26.52 21.59
N TRP G 134 -32.58 -27.20 21.04
CA TRP G 134 -31.42 -26.57 20.44
C TRP G 134 -31.30 -26.97 18.97
N THR G 135 -30.56 -26.17 18.22
CA THR G 135 -30.23 -26.45 16.84
C THR G 135 -28.72 -26.37 16.68
N ALA G 136 -28.10 -27.44 16.18
CA ALA G 136 -26.67 -27.50 15.97
C ALA G 136 -26.34 -27.15 14.53
N ALA G 137 -25.23 -26.43 14.34
CA ALA G 137 -24.79 -26.02 13.01
C ALA G 137 -23.75 -26.94 12.40
N ASP G 138 -23.12 -27.79 13.21
CA ASP G 138 -22.10 -28.71 12.71
C ASP G 138 -22.09 -29.97 13.56
N MET G 139 -21.27 -30.94 13.15
CA MET G 139 -21.21 -32.22 13.84
C MET G 139 -20.64 -32.08 15.24
N ALA G 140 -19.74 -31.12 15.44
CA ALA G 140 -19.17 -30.91 16.77
C ALA G 140 -20.21 -30.42 17.78
N ALA G 141 -21.11 -29.54 17.36
CA ALA G 141 -22.10 -28.99 18.28
C ALA G 141 -23.10 -30.05 18.76
N GLN G 142 -23.31 -31.10 17.98
CA GLN G 142 -24.19 -32.19 18.43
C GLN G 142 -23.69 -32.80 19.74
N ILE G 143 -22.37 -32.83 19.94
CA ILE G 143 -21.83 -33.33 21.20
C ILE G 143 -22.30 -32.46 22.36
N THR G 144 -22.19 -31.14 22.21
CA THR G 144 -22.69 -30.22 23.24
C THR G 144 -24.21 -30.32 23.38
N LYS G 145 -24.92 -30.45 22.25
CA LYS G 145 -26.37 -30.61 22.29
C LYS G 145 -26.75 -31.82 23.14
N ARG G 146 -26.11 -32.97 22.89
CA ARG G 146 -26.40 -34.17 23.67
C ARG G 146 -25.97 -34.01 25.12
N LYS G 147 -24.80 -33.40 25.36
CA LYS G 147 -24.35 -33.14 26.73
C LYS G 147 -25.37 -32.25 27.47
N TRP G 148 -25.80 -31.17 26.82
CA TRP G 148 -26.69 -30.19 27.47
C TRP G 148 -28.10 -30.73 27.65
N GLU G 149 -28.57 -31.58 26.74
CA GLU G 149 -29.90 -32.16 26.88
C GLU G 149 -30.00 -33.03 28.12
N ALA G 150 -28.94 -33.76 28.45
CA ALA G 150 -28.95 -34.59 29.65
C ALA G 150 -29.04 -33.73 30.91
N ALA G 151 -28.36 -32.58 30.93
CA ALA G 151 -28.38 -31.70 32.10
C ALA G 151 -29.60 -30.77 32.14
N HIS G 152 -30.45 -30.78 31.11
CA HIS G 152 -31.65 -29.94 31.07
C HIS G 152 -31.31 -28.47 31.22
N ALA G 153 -30.34 -28.01 30.42
CA ALA G 153 -29.92 -26.61 30.48
C ALA G 153 -31.01 -25.68 29.96
N ALA G 154 -31.72 -26.09 28.90
CA ALA G 154 -32.76 -25.24 28.34
C ALA G 154 -33.86 -24.94 29.35
N GLU G 155 -34.07 -25.85 30.30
CA GLU G 155 -35.03 -25.58 31.38
C GLU G 155 -34.54 -24.44 32.26
N GLN G 156 -33.23 -24.36 32.46
CA GLN G 156 -32.65 -23.32 33.31
C GLN G 156 -32.63 -21.97 32.61
N GLN G 157 -32.35 -21.95 31.30
CA GLN G 157 -32.37 -20.70 30.56
C GLN G 157 -33.78 -20.17 30.41
N ARG G 158 -34.74 -21.04 30.08
CA ARG G 158 -36.13 -20.63 29.96
C ARG G 158 -36.66 -20.04 31.26
N ALA G 159 -36.22 -20.58 32.39
CA ALA G 159 -36.59 -20.01 33.69
C ALA G 159 -36.04 -18.59 33.82
N TYR G 160 -34.80 -18.38 33.38
CA TYR G 160 -34.20 -17.05 33.43
C TYR G 160 -34.84 -16.11 32.41
N LEU G 161 -34.91 -16.51 31.14
CA LEU G 161 -35.39 -15.62 30.10
C LEU G 161 -36.84 -15.20 30.34
N GLU G 162 -37.67 -16.11 30.85
CA GLU G 162 -39.05 -15.80 31.17
C GLU G 162 -39.24 -15.26 32.57
N GLY G 163 -38.19 -15.25 33.39
CA GLY G 163 -38.30 -14.78 34.76
C GLY G 163 -37.42 -13.58 35.06
N ARG G 164 -36.24 -13.84 35.63
CA ARG G 164 -35.36 -12.76 36.08
C ARG G 164 -34.95 -11.82 34.95
N CYS G 165 -34.87 -12.31 33.72
CA CYS G 165 -34.50 -11.46 32.60
C CYS G 165 -35.49 -10.30 32.44
N VAL G 166 -36.77 -10.63 32.30
CA VAL G 166 -37.78 -9.60 32.12
C VAL G 166 -38.09 -8.89 33.43
N GLU G 167 -37.90 -9.55 34.58
CA GLU G 167 -38.14 -8.88 35.86
C GLU G 167 -37.21 -7.69 36.02
N TRP G 168 -35.93 -7.88 35.74
CA TRP G 168 -34.95 -6.82 35.91
C TRP G 168 -34.96 -5.87 34.72
N LEU G 169 -35.31 -6.36 33.53
CA LEU G 169 -35.51 -5.48 32.40
C LEU G 169 -36.62 -4.48 32.69
N ARG G 170 -37.68 -4.92 33.37
CA ARG G 170 -38.71 -3.99 33.82
C ARG G 170 -38.15 -3.01 34.84
N ARG G 171 -37.22 -3.47 35.68
CA ARG G 171 -36.64 -2.60 36.69
C ARG G 171 -35.69 -1.57 36.05
N TYR G 172 -34.87 -2.01 35.10
CA TYR G 172 -33.98 -1.08 34.40
C TYR G 172 -34.79 -0.04 33.64
N LEU G 173 -35.84 -0.46 32.94
CA LEU G 173 -36.68 0.46 32.20
C LEU G 173 -37.34 1.49 33.11
N GLU G 174 -37.49 1.17 34.40
CA GLU G 174 -38.07 2.12 35.34
C GLU G 174 -37.08 3.18 35.80
N ASN G 175 -35.94 2.76 36.36
CA ASN G 175 -34.97 3.72 36.87
C ASN G 175 -34.33 4.54 35.75
N GLY G 176 -34.23 3.98 34.55
CA GLY G 176 -33.70 4.73 33.42
C GLY G 176 -34.77 5.15 32.44
N LYS G 177 -36.00 5.33 32.91
CA LYS G 177 -37.10 5.68 32.02
C LYS G 177 -36.86 7.02 31.34
N GLU G 178 -36.12 7.92 31.98
CA GLU G 178 -35.90 9.23 31.38
C GLU G 178 -35.04 9.13 30.11
N THR G 179 -34.20 8.09 30.02
CA THR G 179 -33.35 7.87 28.86
C THR G 179 -33.82 6.69 28.01
N LEU G 180 -34.39 5.66 28.63
CA LEU G 180 -34.79 4.47 27.87
C LEU G 180 -36.17 4.61 27.24
N GLN G 181 -37.02 5.49 27.76
CA GLN G 181 -38.35 5.71 27.19
C GLN G 181 -38.37 6.85 26.18
N ARG G 182 -37.21 7.42 25.85
CA ARG G 182 -37.16 8.54 24.92
C ARG G 182 -37.23 8.07 23.48
N THR G 183 -37.82 8.91 22.63
CA THR G 183 -37.76 8.75 21.18
C THR G 183 -37.28 10.07 20.60
N ASP G 184 -35.98 10.15 20.30
CA ASP G 184 -35.42 11.36 19.71
C ASP G 184 -35.55 11.28 18.20
N PRO G 185 -36.39 12.11 17.57
CA PRO G 185 -36.58 12.03 16.12
C PRO G 185 -35.34 12.48 15.37
N PRO G 186 -35.14 12.01 14.14
CA PRO G 186 -33.93 12.40 13.40
C PRO G 186 -33.97 13.85 12.96
N LYS G 187 -32.81 14.50 13.02
CA LYS G 187 -32.61 15.83 12.44
C LYS G 187 -32.11 15.62 11.01
N THR G 188 -32.90 16.00 10.03
CA THR G 188 -32.64 15.66 8.64
C THR G 188 -32.24 16.90 7.85
N HIS G 189 -31.46 16.64 6.79
CA HIS G 189 -31.09 17.66 5.81
C HIS G 189 -30.48 16.92 4.62
N MET G 190 -30.22 17.68 3.55
CA MET G 190 -29.69 17.12 2.32
C MET G 190 -28.52 17.97 1.85
N THR G 191 -27.57 17.32 1.19
CA THR G 191 -26.42 18.00 0.62
C THR G 191 -26.35 17.69 -0.86
N HIS G 192 -25.74 18.60 -1.62
CA HIS G 192 -25.66 18.47 -3.07
C HIS G 192 -24.27 18.90 -3.51
N HIS G 193 -23.55 17.97 -4.15
CA HIS G 193 -22.21 18.24 -4.67
C HIS G 193 -22.13 17.68 -6.09
N PRO G 194 -21.82 18.51 -7.09
CA PRO G 194 -21.69 17.99 -8.45
C PRO G 194 -20.53 17.01 -8.58
N ILE G 195 -20.73 15.99 -9.41
CA ILE G 195 -19.68 15.05 -9.77
C ILE G 195 -18.99 15.45 -11.07
N SER G 196 -19.77 15.95 -12.04
CA SER G 196 -19.24 16.39 -13.32
C SER G 196 -20.19 17.46 -13.87
N ASP G 197 -19.96 17.86 -15.12
CA ASP G 197 -20.85 18.82 -15.77
C ASP G 197 -22.24 18.23 -16.04
N HIS G 198 -22.41 16.91 -15.91
CA HIS G 198 -23.68 16.28 -16.20
C HIS G 198 -24.23 15.41 -15.08
N GLU G 199 -23.54 15.30 -13.95
CA GLU G 199 -24.01 14.48 -12.83
C GLU G 199 -23.68 15.16 -11.50
N ALA G 200 -24.42 14.74 -10.47
CA ALA G 200 -24.25 15.27 -9.12
C ALA G 200 -24.72 14.22 -8.12
N THR G 201 -24.27 14.36 -6.87
CA THR G 201 -24.60 13.43 -5.79
C THR G 201 -25.54 14.09 -4.80
N LEU G 202 -26.67 13.43 -4.53
CA LEU G 202 -27.57 13.80 -3.46
C LEU G 202 -27.36 12.84 -2.29
N ARG G 203 -27.21 13.39 -1.09
CA ARG G 203 -26.95 12.60 0.11
C ARG G 203 -27.96 12.97 1.18
N CYS G 204 -28.83 12.01 1.52
CA CYS G 204 -29.86 12.23 2.53
C CYS G 204 -29.31 11.88 3.91
N TRP G 205 -29.40 12.82 4.84
CA TRP G 205 -28.79 12.70 6.16
C TRP G 205 -29.83 12.49 7.26
N ALA G 206 -29.35 11.97 8.39
CA ALA G 206 -30.18 11.78 9.58
C ALA G 206 -29.24 11.70 10.77
N LEU G 207 -29.30 12.71 11.65
CA LEU G 207 -28.39 12.80 12.78
C LEU G 207 -29.19 12.92 14.08
N GLY G 208 -28.56 12.51 15.17
CA GLY G 208 -29.11 12.73 16.49
C GLY G 208 -30.33 11.90 16.84
N PHE G 209 -30.60 10.82 16.10
CA PHE G 209 -31.80 10.03 16.35
C PHE G 209 -31.48 8.83 17.25
N TYR G 210 -32.52 8.37 17.95
CA TYR G 210 -32.45 7.22 18.84
C TYR G 210 -33.86 6.65 18.97
N PRO G 211 -34.03 5.32 18.89
CA PRO G 211 -32.96 4.32 18.66
C PRO G 211 -32.47 4.28 17.21
N ALA G 212 -31.51 3.40 16.93
CA ALA G 212 -30.80 3.41 15.66
C ALA G 212 -31.65 2.88 14.52
N GLU G 213 -32.74 2.17 14.80
CA GLU G 213 -33.59 1.63 13.74
C GLU G 213 -34.18 2.76 12.93
N ILE G 214 -33.92 2.75 11.62
CA ILE G 214 -34.28 3.85 10.74
C ILE G 214 -34.33 3.31 9.32
N THR G 215 -35.07 4.00 8.45
CA THR G 215 -35.20 3.62 7.05
C THR G 215 -34.91 4.83 6.18
N LEU G 216 -33.95 4.70 5.27
CA LEU G 216 -33.63 5.73 4.29
C LEU G 216 -33.94 5.17 2.91
N THR G 217 -34.80 5.86 2.18
CA THR G 217 -35.32 5.37 0.90
C THR G 217 -35.24 6.45 -0.15
N TRP G 218 -34.60 6.14 -1.28
CA TRP G 218 -34.57 7.03 -2.43
C TRP G 218 -35.59 6.58 -3.46
N GLN G 219 -36.43 7.52 -3.91
CA GLN G 219 -37.41 7.27 -4.95
C GLN G 219 -37.21 8.24 -6.09
N ARG G 220 -37.41 7.76 -7.32
CA ARG G 220 -37.47 8.59 -8.50
C ARG G 220 -38.86 8.42 -9.13
N ASP G 221 -39.61 9.53 -9.18
CA ASP G 221 -41.00 9.52 -9.66
C ASP G 221 -41.88 8.58 -8.84
N GLY G 222 -41.57 8.42 -7.56
CA GLY G 222 -42.35 7.56 -6.70
C GLY G 222 -41.91 6.10 -6.70
N GLU G 223 -40.91 5.75 -7.51
CA GLU G 223 -40.41 4.39 -7.61
C GLU G 223 -39.12 4.28 -6.81
N ASP G 224 -39.06 3.28 -5.93
CA ASP G 224 -37.89 3.11 -5.07
C ASP G 224 -36.62 3.00 -5.91
N GLN G 225 -35.56 3.68 -5.48
CA GLN G 225 -34.30 3.68 -6.19
C GLN G 225 -33.30 2.82 -5.43
N THR G 226 -32.65 1.93 -6.16
CA THR G 226 -31.57 1.07 -5.69
C THR G 226 -30.31 1.25 -6.53
N GLN G 227 -30.47 1.33 -7.84
CA GLN G 227 -29.36 1.58 -8.75
C GLN G 227 -28.72 2.93 -8.44
N ASP G 228 -27.40 2.98 -8.55
CA ASP G 228 -26.62 4.21 -8.34
C ASP G 228 -26.82 4.79 -6.94
N THR G 229 -27.12 3.94 -5.96
CA THR G 229 -27.26 4.37 -4.58
C THR G 229 -26.13 3.83 -3.72
N GLU G 230 -25.92 4.47 -2.57
CA GLU G 230 -24.92 4.05 -1.60
C GLU G 230 -25.49 4.27 -0.21
N LEU G 231 -25.62 3.20 0.56
CA LEU G 231 -26.18 3.23 1.90
C LEU G 231 -25.15 2.70 2.88
N VAL G 232 -24.76 3.52 3.84
CA VAL G 232 -23.73 3.16 4.81
C VAL G 232 -24.40 2.59 6.06
N GLU G 233 -23.59 1.88 6.85
CA GLU G 233 -24.07 1.34 8.13
C GLU G 233 -24.51 2.47 9.04
N THR G 234 -25.51 2.20 9.88
CA THR G 234 -25.84 3.12 10.95
C THR G 234 -24.67 3.20 11.93
N ARG G 235 -24.26 4.42 12.26
CA ARG G 235 -23.05 4.64 13.03
C ARG G 235 -23.38 5.44 14.28
N PRO G 236 -22.69 5.18 15.39
CA PRO G 236 -22.93 5.96 16.61
C PRO G 236 -22.23 7.30 16.53
N ALA G 237 -22.94 8.36 16.95
CA ALA G 237 -22.34 9.68 17.00
C ALA G 237 -21.39 9.84 18.18
N GLY G 238 -21.57 9.06 19.23
CA GLY G 238 -20.77 9.15 20.42
C GLY G 238 -21.45 9.83 21.59
N ASP G 239 -22.67 10.32 21.40
CA ASP G 239 -23.41 11.03 22.44
C ASP G 239 -24.63 10.25 22.94
N GLY G 240 -24.84 9.03 22.47
CA GLY G 240 -26.07 8.31 22.72
C GLY G 240 -27.07 8.37 21.61
N THR G 241 -26.69 8.94 20.45
CA THR G 241 -27.53 9.00 19.26
C THR G 241 -26.80 8.30 18.13
N PHE G 242 -27.51 8.07 17.02
CA PHE G 242 -26.96 7.31 15.91
C PHE G 242 -27.15 8.10 14.63
N GLN G 243 -26.34 7.76 13.63
CA GLN G 243 -26.30 8.52 12.38
C GLN G 243 -26.29 7.57 11.20
N LYS G 244 -26.81 8.05 10.07
CA LYS G 244 -26.86 7.28 8.84
C LYS G 244 -27.07 8.25 7.68
N TRP G 245 -26.59 7.85 6.50
CA TRP G 245 -26.87 8.63 5.30
C TRP G 245 -26.94 7.71 4.09
N ALA G 246 -27.68 8.17 3.08
CA ALA G 246 -27.86 7.45 1.82
C ALA G 246 -27.66 8.43 0.68
N ALA G 247 -26.91 8.01 -0.33
CA ALA G 247 -26.57 8.88 -1.45
C ALA G 247 -27.12 8.30 -2.75
N VAL G 248 -27.17 9.14 -3.78
CA VAL G 248 -27.55 8.72 -5.12
C VAL G 248 -26.98 9.73 -6.11
N VAL G 249 -26.47 9.23 -7.23
CA VAL G 249 -25.98 10.06 -8.32
C VAL G 249 -27.11 10.29 -9.30
N VAL G 250 -27.39 11.55 -9.61
CA VAL G 250 -28.52 11.90 -10.46
C VAL G 250 -28.02 12.71 -11.65
N PRO G 251 -28.68 12.66 -12.80
CA PRO G 251 -28.29 13.54 -13.90
C PRO G 251 -28.64 14.99 -13.59
N SER G 252 -27.81 15.89 -14.07
CA SER G 252 -28.00 17.32 -13.82
C SER G 252 -29.34 17.79 -14.38
N GLY G 253 -30.01 18.65 -13.63
CA GLY G 253 -31.32 19.13 -14.01
C GLY G 253 -32.48 18.25 -13.57
N GLU G 254 -32.21 17.09 -12.98
CA GLU G 254 -33.23 16.13 -12.57
C GLU G 254 -33.34 16.03 -11.05
N GLU G 255 -32.77 17.00 -10.32
CA GLU G 255 -32.72 16.91 -8.86
C GLU G 255 -34.12 16.84 -8.23
N GLN G 256 -35.10 17.55 -8.80
CA GLN G 256 -36.43 17.56 -8.21
C GLN G 256 -37.13 16.21 -8.32
N ARG G 257 -36.67 15.34 -9.21
CA ARG G 257 -37.33 14.06 -9.45
C ARG G 257 -36.99 13.02 -8.39
N TYR G 258 -36.02 13.29 -7.51
CA TYR G 258 -35.54 12.33 -6.54
C TYR G 258 -36.01 12.75 -5.15
N THR G 259 -36.44 11.78 -4.35
CA THR G 259 -36.95 12.04 -3.02
C THR G 259 -36.32 11.10 -2.00
N CYS G 260 -36.00 11.65 -0.83
CA CYS G 260 -35.56 10.84 0.30
C CYS G 260 -36.72 10.70 1.28
N HIS G 261 -36.96 9.47 1.72
CA HIS G 261 -38.08 9.16 2.62
C HIS G 261 -37.50 8.67 3.93
N VAL G 262 -37.86 9.34 5.02
CA VAL G 262 -37.30 9.07 6.34
C VAL G 262 -38.40 8.51 7.23
N GLN G 263 -38.22 7.27 7.67
CA GLN G 263 -39.13 6.59 8.58
C GLN G 263 -38.39 6.30 9.87
N HIS G 264 -39.04 6.56 11.01
CA HIS G 264 -38.37 6.37 12.28
C HIS G 264 -39.41 6.22 13.37
N GLU G 265 -38.98 5.62 14.49
CA GLU G 265 -39.90 5.35 15.60
C GLU G 265 -40.36 6.65 16.26
N GLY G 266 -39.47 7.65 16.33
CA GLY G 266 -39.80 8.94 16.91
C GLY G 266 -40.50 9.89 15.99
N LEU G 267 -40.74 9.50 14.73
CA LEU G 267 -41.48 10.33 13.79
C LEU G 267 -42.93 9.87 13.74
N PRO G 268 -43.89 10.75 14.01
CA PRO G 268 -45.30 10.35 13.87
C PRO G 268 -45.69 9.92 12.46
N LYS G 269 -45.16 10.59 11.44
CA LYS G 269 -45.44 10.27 10.05
C LYS G 269 -44.15 10.38 9.23
N PRO G 270 -43.99 9.54 8.21
CA PRO G 270 -42.78 9.60 7.38
C PRO G 270 -42.56 10.99 6.79
N LEU G 271 -41.29 11.38 6.69
CA LEU G 271 -40.89 12.63 6.07
C LEU G 271 -40.47 12.41 4.63
N THR G 272 -40.72 13.42 3.79
CA THR G 272 -40.31 13.39 2.40
C THR G 272 -39.45 14.62 2.14
N LEU G 273 -38.17 14.37 1.83
CA LEU G 273 -37.20 15.44 1.59
C LEU G 273 -36.88 15.50 0.10
N ARG G 274 -36.97 16.69 -0.48
CA ARG G 274 -36.66 16.93 -1.87
C ARG G 274 -35.61 18.04 -1.97
N TRP G 275 -34.91 18.06 -3.10
CA TRP G 275 -33.82 19.01 -3.31
C TRP G 275 -34.30 20.45 -3.41
N GLU G 276 -33.96 21.25 -2.40
CA GLU G 276 -34.24 22.68 -2.43
C GLU G 276 -33.02 23.45 -2.90
N MET H 1 -10.62 -21.30 8.68
CA MET H 1 -11.72 -20.59 9.32
C MET H 1 -11.97 -19.26 8.62
N ILE H 2 -13.07 -18.59 8.97
CA ILE H 2 -13.47 -17.36 8.27
C ILE H 2 -12.98 -16.15 9.04
N GLN H 3 -12.63 -15.10 8.29
CA GLN H 3 -12.28 -13.80 8.83
C GLN H 3 -12.92 -12.73 7.95
N ARG H 4 -13.29 -11.61 8.56
CA ARG H 4 -14.03 -10.56 7.88
C ARG H 4 -13.24 -9.25 7.94
N THR H 5 -13.13 -8.58 6.79
CA THR H 5 -12.38 -7.34 6.72
C THR H 5 -13.10 -6.22 7.48
N PRO H 6 -12.35 -5.28 8.06
CA PRO H 6 -12.98 -4.20 8.80
C PRO H 6 -13.54 -3.11 7.90
N LYS H 7 -14.74 -2.65 8.23
CA LYS H 7 -15.35 -1.49 7.59
C LYS H 7 -15.16 -0.27 8.47
N ILE H 8 -14.87 0.87 7.85
CA ILE H 8 -14.39 2.05 8.57
C ILE H 8 -15.20 3.26 8.14
N GLN H 9 -15.67 4.03 9.12
CA GLN H 9 -16.31 5.33 8.89
C GLN H 9 -15.62 6.36 9.75
N VAL H 10 -15.24 7.49 9.15
CA VAL H 10 -14.63 8.61 9.87
C VAL H 10 -15.56 9.80 9.78
N TYR H 11 -15.88 10.39 10.94
CA TYR H 11 -16.87 11.45 11.04
C TYR H 11 -16.77 12.09 12.41
N SER H 12 -17.34 13.29 12.52
CA SER H 12 -17.41 14.00 13.79
C SER H 12 -18.74 13.78 14.48
N ARG H 13 -18.72 13.79 15.82
CA ARG H 13 -19.95 13.69 16.59
C ARG H 13 -20.95 14.77 16.19
N HIS H 14 -20.50 16.03 16.19
CA HIS H 14 -21.31 17.17 15.80
C HIS H 14 -20.84 17.69 14.45
N PRO H 15 -21.67 18.46 13.74
CA PRO H 15 -21.24 19.05 12.46
C PRO H 15 -19.96 19.84 12.62
N ALA H 16 -19.07 19.73 11.64
CA ALA H 16 -17.77 20.35 11.71
C ALA H 16 -17.86 21.87 11.59
N GLU H 17 -17.33 22.58 12.57
CA GLU H 17 -17.12 24.02 12.50
C GLU H 17 -15.72 24.31 13.00
N ASN H 18 -14.90 24.91 12.13
CA ASN H 18 -13.51 25.17 12.48
C ASN H 18 -13.42 26.07 13.71
N GLY H 19 -12.65 25.62 14.70
CA GLY H 19 -12.50 26.34 15.94
C GLY H 19 -13.50 25.96 17.02
N LYS H 20 -14.49 25.13 16.71
CA LYS H 20 -15.51 24.71 17.66
C LYS H 20 -15.18 23.30 18.15
N SER H 21 -15.20 23.11 19.47
CA SER H 21 -14.84 21.82 20.04
C SER H 21 -15.80 20.73 19.57
N ASN H 22 -15.27 19.54 19.33
CA ASN H 22 -16.05 18.42 18.81
C ASN H 22 -15.35 17.12 19.20
N PHE H 23 -15.96 16.00 18.79
CA PHE H 23 -15.40 14.68 19.02
C PHE H 23 -15.23 14.00 17.67
N LEU H 24 -14.00 13.57 17.38
CA LEU H 24 -13.69 12.84 16.17
C LEU H 24 -13.96 11.35 16.39
N ASN H 25 -14.69 10.73 15.48
CA ASN H 25 -15.10 9.35 15.61
C ASN H 25 -14.49 8.48 14.51
N CYS H 26 -14.12 7.26 14.88
CA CYS H 26 -13.73 6.23 13.92
C CYS H 26 -14.47 4.96 14.30
N TYR H 27 -15.49 4.61 13.52
CA TYR H 27 -16.33 3.44 13.78
C TYR H 27 -15.83 2.30 12.91
N VAL H 28 -15.21 1.30 13.55
CA VAL H 28 -14.72 0.11 12.87
C VAL H 28 -15.65 -1.03 13.19
N SER H 29 -16.19 -1.67 12.15
CA SER H 29 -17.24 -2.68 12.32
C SER H 29 -17.09 -3.76 11.26
N GLY H 30 -17.79 -4.87 11.49
CA GLY H 30 -17.83 -5.94 10.51
C GLY H 30 -16.57 -6.76 10.39
N PHE H 31 -15.71 -6.76 11.41
CA PHE H 31 -14.45 -7.47 11.35
C PHE H 31 -14.45 -8.66 12.29
N HIS H 32 -13.59 -9.63 11.98
CA HIS H 32 -13.37 -10.83 12.78
C HIS H 32 -11.98 -11.38 12.46
N PRO H 33 -11.17 -11.74 13.47
CA PRO H 33 -11.49 -11.75 14.90
C PRO H 33 -11.44 -10.38 15.58
N SER H 34 -11.40 -10.40 16.92
CA SER H 34 -11.55 -9.19 17.71
C SER H 34 -10.29 -8.33 17.71
N ASP H 35 -9.12 -8.95 17.58
CA ASP H 35 -7.87 -8.20 17.61
C ASP H 35 -7.79 -7.24 16.43
N ILE H 36 -7.71 -5.94 16.73
CA ILE H 36 -7.64 -4.91 15.72
C ILE H 36 -6.93 -3.71 16.32
N GLU H 37 -6.19 -2.98 15.49
CA GLU H 37 -5.42 -1.83 15.91
C GLU H 37 -6.00 -0.59 15.23
N VAL H 38 -6.42 0.38 16.04
CA VAL H 38 -7.07 1.59 15.54
C VAL H 38 -6.38 2.81 16.14
N ASP H 39 -5.89 3.68 15.27
CA ASP H 39 -5.29 4.95 15.67
C ASP H 39 -5.99 6.11 14.96
N LEU H 40 -6.21 7.19 15.69
CA LEU H 40 -6.68 8.44 15.09
C LEU H 40 -5.46 9.30 14.77
N LEU H 41 -5.50 9.99 13.64
CA LEU H 41 -4.35 10.72 13.14
C LEU H 41 -4.66 12.20 12.99
N LYS H 42 -3.68 13.02 13.34
CA LYS H 42 -3.68 14.46 13.11
C LYS H 42 -2.40 14.79 12.35
N ASN H 43 -2.55 15.16 11.08
CA ASN H 43 -1.42 15.43 10.18
C ASN H 43 -0.48 14.22 10.06
N GLY H 44 -1.01 13.01 10.22
CA GLY H 44 -0.23 11.81 10.05
C GLY H 44 0.52 11.32 11.26
N GLU H 45 0.24 11.86 12.45
CA GLU H 45 0.86 11.41 13.68
C GLU H 45 -0.18 10.83 14.63
N ARG H 46 0.23 9.85 15.42
CA ARG H 46 -0.69 9.17 16.33
C ARG H 46 -1.23 10.14 17.37
N ILE H 47 -2.56 10.24 17.43
CA ILE H 47 -3.21 11.06 18.44
C ILE H 47 -3.26 10.28 19.76
N GLU H 48 -2.80 10.91 20.83
CA GLU H 48 -2.81 10.29 22.14
C GLU H 48 -4.15 10.55 22.84
N LYS H 49 -4.34 9.85 23.96
CA LYS H 49 -5.52 9.97 24.82
C LYS H 49 -6.80 9.52 24.11
N VAL H 50 -6.68 8.81 22.99
CA VAL H 50 -7.87 8.27 22.33
C VAL H 50 -8.41 7.11 23.16
N GLU H 51 -9.71 7.13 23.41
CA GLU H 51 -10.38 6.06 24.12
C GLU H 51 -11.34 5.35 23.17
N HIS H 52 -11.89 4.23 23.64
CA HIS H 52 -12.74 3.42 22.79
C HIS H 52 -13.83 2.76 23.62
N SER H 53 -14.93 2.43 22.94
CA SER H 53 -16.03 1.74 23.58
C SER H 53 -15.66 0.29 23.86
N ASP H 54 -16.50 -0.35 24.67
CA ASP H 54 -16.30 -1.76 24.98
C ASP H 54 -16.65 -2.64 23.79
N LEU H 55 -16.01 -3.80 23.71
CA LEU H 55 -16.16 -4.69 22.56
C LEU H 55 -17.56 -5.26 22.50
N SER H 56 -18.12 -5.30 21.29
CA SER H 56 -19.40 -5.94 21.04
C SER H 56 -19.43 -6.42 19.60
N PHE H 57 -20.47 -7.18 19.27
CA PHE H 57 -20.60 -7.79 17.95
C PHE H 57 -22.06 -7.72 17.50
N SER H 58 -22.26 -7.92 16.21
CA SER H 58 -23.52 -7.74 15.51
C SER H 58 -24.28 -9.07 15.42
N LYS H 59 -25.23 -9.15 14.48
CA LYS H 59 -25.99 -10.38 14.28
C LYS H 59 -25.12 -11.49 13.68
N ASP H 60 -24.27 -11.15 12.72
CA ASP H 60 -23.35 -12.12 12.12
C ASP H 60 -22.10 -12.33 12.95
N TRP H 61 -22.12 -12.03 14.25
CA TRP H 61 -21.03 -12.33 15.18
C TRP H 61 -19.83 -11.42 14.93
N SER H 62 -19.88 -10.61 13.87
CA SER H 62 -18.76 -9.73 13.55
C SER H 62 -18.69 -8.57 14.53
N PHE H 63 -17.48 -8.15 14.86
CA PHE H 63 -17.26 -7.17 15.91
C PHE H 63 -17.36 -5.74 15.39
N TYR H 64 -17.53 -4.81 16.32
CA TYR H 64 -17.50 -3.39 16.01
C TYR H 64 -16.94 -2.63 17.21
N LEU H 65 -16.14 -1.60 16.93
CA LEU H 65 -15.52 -0.79 17.97
C LEU H 65 -15.52 0.67 17.52
N LEU H 66 -15.74 1.56 18.49
CA LEU H 66 -15.75 3.00 18.25
C LEU H 66 -14.56 3.61 18.98
N TYR H 67 -13.63 4.18 18.22
CA TYR H 67 -12.49 4.90 18.77
C TYR H 67 -12.71 6.39 18.58
N TYR H 68 -12.59 7.15 19.67
CA TYR H 68 -12.98 8.55 19.64
C TYR H 68 -12.07 9.34 20.56
N THR H 69 -11.89 10.62 20.22
CA THR H 69 -11.22 11.55 21.10
C THR H 69 -11.78 12.95 20.84
N GLU H 70 -11.73 13.79 21.86
CA GLU H 70 -12.15 15.16 21.69
C GLU H 70 -11.10 15.94 20.92
N PHE H 71 -11.55 16.87 20.07
CA PHE H 71 -10.65 17.66 19.26
C PHE H 71 -11.34 18.98 18.91
N THR H 72 -10.56 19.88 18.32
CA THR H 72 -11.09 21.15 17.82
C THR H 72 -10.60 21.29 16.39
N PRO H 73 -11.50 21.22 15.40
CA PRO H 73 -11.04 21.31 14.01
C PRO H 73 -10.61 22.73 13.69
N THR H 74 -9.66 22.84 12.77
CA THR H 74 -9.17 24.10 12.26
C THR H 74 -9.35 24.13 10.76
N GLU H 75 -8.95 25.23 10.14
CA GLU H 75 -9.23 25.42 8.72
C GLU H 75 -8.56 24.35 7.86
N LYS H 76 -7.33 23.97 8.20
CA LYS H 76 -6.55 23.11 7.32
C LYS H 76 -6.17 21.74 7.89
N ASP H 77 -6.32 21.51 9.19
CA ASP H 77 -5.88 20.24 9.77
C ASP H 77 -6.63 19.08 9.12
N GLU H 78 -5.86 18.08 8.68
CA GLU H 78 -6.42 16.86 8.10
C GLU H 78 -6.34 15.76 9.14
N TYR H 79 -7.37 14.92 9.15
CA TYR H 79 -7.47 13.82 10.09
C TYR H 79 -7.74 12.55 9.31
N ALA H 80 -7.41 11.43 9.92
CA ALA H 80 -7.64 10.13 9.30
C ALA H 80 -7.66 9.07 10.39
N CYS H 81 -8.16 7.90 10.03
CA CYS H 81 -8.14 6.75 10.92
C CYS H 81 -7.28 5.68 10.29
N ARG H 82 -6.33 5.16 11.06
CA ARG H 82 -5.41 4.12 10.60
C ARG H 82 -5.76 2.83 11.34
N VAL H 83 -6.00 1.76 10.57
CA VAL H 83 -6.47 0.51 11.12
C VAL H 83 -5.57 -0.62 10.63
N ASN H 84 -5.10 -1.45 11.57
CA ASN H 84 -4.39 -2.68 11.26
C ASN H 84 -5.25 -3.86 11.70
N HIS H 85 -5.25 -4.91 10.88
CA HIS H 85 -6.06 -6.09 11.16
C HIS H 85 -5.45 -7.27 10.43
N VAL H 86 -5.63 -8.47 11.00
CA VAL H 86 -5.05 -9.67 10.42
C VAL H 86 -5.53 -9.87 8.99
N THR H 87 -6.74 -9.42 8.67
CA THR H 87 -7.27 -9.53 7.32
C THR H 87 -6.64 -8.52 6.36
N LEU H 88 -5.85 -7.58 6.88
CA LEU H 88 -5.28 -6.51 6.06
C LEU H 88 -3.84 -6.82 5.72
N SER H 89 -3.50 -6.72 4.43
CA SER H 89 -2.11 -6.87 4.01
C SER H 89 -1.28 -5.68 4.44
N GLN H 90 -1.93 -4.53 4.62
CA GLN H 90 -1.28 -3.32 5.10
C GLN H 90 -2.33 -2.51 5.85
N PRO H 91 -1.91 -1.52 6.64
CA PRO H 91 -2.90 -0.67 7.31
C PRO H 91 -3.79 0.03 6.29
N LYS H 92 -5.10 0.09 6.58
CA LYS H 92 -6.05 0.78 5.73
C LYS H 92 -6.33 2.14 6.36
N ILE H 93 -5.92 3.20 5.66
CA ILE H 93 -6.06 4.57 6.14
C ILE H 93 -7.18 5.23 5.34
N VAL H 94 -8.11 5.87 6.04
CA VAL H 94 -9.23 6.55 5.43
C VAL H 94 -9.22 8.00 5.89
N LYS H 95 -9.00 8.91 4.95
CA LYS H 95 -8.90 10.32 5.28
C LYS H 95 -10.28 10.89 5.58
N TRP H 96 -10.35 11.78 6.57
CA TRP H 96 -11.64 12.33 6.98
C TRP H 96 -12.17 13.31 5.95
N ASP H 97 -13.42 13.13 5.55
CA ASP H 97 -14.12 14.02 4.64
C ASP H 97 -15.30 14.64 5.39
N ARG H 98 -15.49 15.94 5.22
CA ARG H 98 -16.43 16.68 6.04
C ARG H 98 -17.89 16.34 5.77
N ASP H 99 -18.23 15.76 4.62
CA ASP H 99 -19.62 15.46 4.31
C ASP H 99 -19.84 13.95 4.15
N MET H 100 -19.08 13.15 4.89
CA MET H 100 -19.22 11.70 4.88
C MET H 100 -19.03 11.15 6.29
N VAL I 1 -30.16 -8.26 34.68
CA VAL I 1 -29.17 -9.16 35.29
C VAL I 1 -28.72 -10.26 34.33
N VAL I 2 -27.57 -10.85 34.64
CA VAL I 2 -27.03 -11.95 33.85
C VAL I 2 -27.64 -13.26 34.34
N VAL I 3 -27.48 -14.32 33.53
CA VAL I 3 -28.00 -15.63 33.91
C VAL I 3 -27.20 -16.18 35.07
N GLY I 4 -27.88 -16.89 35.97
CA GLY I 4 -27.22 -17.53 37.09
C GLY I 4 -26.37 -18.72 36.69
N GLY I 7 -23.69 -23.31 35.16
CA GLY I 7 -23.28 -23.43 33.77
C GLY I 7 -22.75 -24.81 33.43
N VAL I 8 -23.34 -25.42 32.40
CA VAL I 8 -23.00 -26.79 31.99
C VAL I 8 -22.02 -26.72 30.82
N GLY I 9 -20.94 -27.48 30.91
CA GLY I 9 -19.91 -27.45 29.89
C GLY I 9 -20.40 -27.91 28.54
N LYS I 10 -19.69 -27.45 27.51
CA LYS I 10 -20.02 -27.79 26.13
C LYS I 10 -19.35 -29.09 25.68
N GLY J 2 49.10 3.08 1.68
CA GLY J 2 48.34 3.82 0.68
C GLY J 2 47.97 5.22 1.12
N SER J 3 47.19 5.92 0.30
CA SER J 3 46.71 7.24 0.64
C SER J 3 45.57 7.14 1.65
N HIS J 4 45.44 8.18 2.48
CA HIS J 4 44.45 8.21 3.55
C HIS J 4 43.85 9.60 3.65
N SER J 5 42.71 9.66 4.32
CA SER J 5 41.98 10.91 4.51
C SER J 5 41.37 10.94 5.90
N MET J 6 41.40 12.11 6.54
CA MET J 6 40.67 12.36 7.76
C MET J 6 39.48 13.24 7.43
N ARG J 7 38.30 12.87 7.92
CA ARG J 7 37.07 13.56 7.56
C ARG J 7 36.22 13.78 8.81
N TYR J 8 35.71 15.00 8.97
CA TYR J 8 34.70 15.32 9.96
C TYR J 8 33.42 15.73 9.24
N PHE J 9 32.28 15.30 9.78
CA PHE J 9 30.98 15.56 9.16
C PHE J 9 30.07 16.22 10.19
N TYR J 10 29.63 17.44 9.88
CA TYR J 10 28.77 18.21 10.76
C TYR J 10 27.37 18.31 10.16
N THR J 11 26.35 18.12 11.00
CA THR J 11 24.96 18.28 10.59
C THR J 11 24.22 19.03 11.68
N SER J 12 23.63 20.17 11.33
CA SER J 12 22.79 20.95 12.23
C SER J 12 21.41 21.10 11.62
N VAL J 13 20.39 20.64 12.34
CA VAL J 13 19.01 20.64 11.87
C VAL J 13 18.18 21.49 12.82
N SER J 14 17.55 22.53 12.29
CA SER J 14 16.66 23.36 13.10
C SER J 14 15.42 22.55 13.48
N ARG J 15 14.99 22.69 14.73
CA ARG J 15 13.78 22.02 15.22
C ARG J 15 12.93 23.04 15.95
N PRO J 16 12.03 23.72 15.24
CA PRO J 16 11.26 24.81 15.85
C PRO J 16 10.35 24.30 16.96
N GLY J 17 10.33 25.04 18.07
CA GLY J 17 9.46 24.69 19.18
C GLY J 17 9.81 23.42 19.93
N ARG J 18 10.93 22.78 19.61
CA ARG J 18 11.28 21.49 20.21
C ARG J 18 12.66 21.51 20.86
N GLY J 19 13.18 22.69 21.18
CA GLY J 19 14.51 22.83 21.73
C GLY J 19 15.50 23.32 20.70
N GLU J 20 16.74 23.48 21.15
CA GLU J 20 17.80 23.97 20.29
C GLU J 20 18.05 22.97 19.15
N PRO J 21 18.61 23.43 18.04
CA PRO J 21 18.82 22.54 16.89
C PRO J 21 19.69 21.34 17.27
N ARG J 22 19.44 20.22 16.59
CA ARG J 22 20.21 19.02 16.83
C ARG J 22 21.55 19.08 16.10
N PHE J 23 22.64 18.94 16.84
CA PHE J 23 23.99 18.95 16.29
C PHE J 23 24.66 17.60 16.55
N ILE J 24 25.13 16.97 15.48
CA ILE J 24 25.81 15.68 15.56
C ILE J 24 27.10 15.78 14.76
N ALA J 25 28.22 15.40 15.38
CA ALA J 25 29.51 15.42 14.74
C ALA J 25 30.11 14.01 14.77
N VAL J 26 30.69 13.59 13.65
CA VAL J 26 31.34 12.29 13.54
C VAL J 26 32.67 12.48 12.84
N GLY J 27 33.68 11.75 13.31
CA GLY J 27 34.99 11.80 12.71
C GLY J 27 35.40 10.46 12.13
N TYR J 28 35.88 10.46 10.89
CA TYR J 28 36.34 9.24 10.22
C TYR J 28 37.79 9.42 9.81
N VAL J 29 38.52 8.30 9.83
CA VAL J 29 39.79 8.17 9.11
C VAL J 29 39.61 7.03 8.12
N ASP J 30 39.66 7.36 6.83
CA ASP J 30 39.29 6.44 5.75
C ASP J 30 37.86 5.99 6.03
N ASP J 31 37.59 4.71 6.29
CA ASP J 31 36.23 4.23 6.55
C ASP J 31 36.02 3.84 8.00
N THR J 32 36.85 4.33 8.93
CA THR J 32 36.75 3.98 10.34
C THR J 32 36.35 5.21 11.15
N GLN J 33 35.12 5.21 11.66
CA GLN J 33 34.70 6.26 12.57
C GLN J 33 35.46 6.16 13.88
N PHE J 34 35.77 7.31 14.48
CA PHE J 34 36.53 7.30 15.73
C PHE J 34 36.13 8.35 16.76
N VAL J 35 35.28 9.32 16.44
CA VAL J 35 34.76 10.27 17.42
C VAL J 35 33.31 10.57 17.09
N ARG J 36 32.55 10.97 18.12
CA ARG J 36 31.16 11.38 17.93
C ARG J 36 30.83 12.49 18.92
N PHE J 37 29.85 13.30 18.54
CA PHE J 37 29.25 14.29 19.42
C PHE J 37 27.76 14.36 19.13
N ASP J 38 26.94 14.49 20.17
CA ASP J 38 25.50 14.58 20.02
C ASP J 38 24.98 15.70 20.92
N SER J 39 24.27 16.67 20.31
CA SER J 39 23.67 17.74 21.09
C SER J 39 22.63 17.23 22.06
N ASP J 40 22.03 16.07 21.80
CA ASP J 40 21.01 15.50 22.66
C ASP J 40 21.55 14.50 23.66
N ALA J 41 22.76 13.98 23.45
CA ALA J 41 23.32 13.02 24.38
C ALA J 41 23.70 13.69 25.70
N ALA J 42 23.54 12.94 26.79
CA ALA J 42 23.69 13.54 28.11
C ALA J 42 25.14 13.90 28.41
N SER J 43 26.11 13.22 27.79
CA SER J 43 27.50 13.51 28.09
C SER J 43 27.89 14.91 27.63
N GLN J 44 27.34 15.35 26.49
CA GLN J 44 27.71 16.62 25.87
C GLN J 44 29.22 16.70 25.66
N ARG J 45 29.81 15.59 25.24
CA ARG J 45 31.24 15.50 25.01
C ARG J 45 31.51 14.77 23.70
N MET J 46 32.68 15.04 23.13
CA MET J 46 33.17 14.22 22.04
C MET J 46 33.55 12.83 22.56
N GLU J 47 32.99 11.79 21.94
CA GLU J 47 33.12 10.44 22.47
C GLU J 47 33.94 9.55 21.54
N PRO J 48 34.81 8.71 22.09
CA PRO J 48 35.62 7.82 21.23
C PRO J 48 34.78 6.70 20.63
N ARG J 49 35.14 6.32 19.39
CA ARG J 49 34.53 5.18 18.73
C ARG J 49 35.57 4.22 18.16
N ALA J 50 36.85 4.44 18.45
CA ALA J 50 37.94 3.58 18.02
C ALA J 50 38.84 3.28 19.21
N PRO J 51 39.46 2.10 19.25
CA PRO J 51 40.26 1.74 20.44
C PRO J 51 41.52 2.57 20.62
N TRP J 52 42.20 2.95 19.53
CA TRP J 52 43.48 3.62 19.64
C TRP J 52 43.37 5.10 20.00
N ILE J 53 42.17 5.68 19.90
CA ILE J 53 41.99 7.07 20.33
C ILE J 53 41.79 7.16 21.83
N GLU J 54 41.44 6.04 22.48
CA GLU J 54 41.16 6.02 23.90
C GLU J 54 42.39 6.33 24.75
N GLN J 55 43.58 6.21 24.19
CA GLN J 55 44.80 6.53 24.93
C GLN J 55 45.04 8.02 25.06
N GLU J 56 44.28 8.85 24.34
CA GLU J 56 44.48 10.30 24.41
C GLU J 56 44.12 10.81 25.80
N GLY J 57 44.98 11.69 26.33
CA GLY J 57 44.79 12.25 27.63
C GLY J 57 43.54 13.11 27.71
N PRO J 58 43.14 13.48 28.93
CA PRO J 58 41.95 14.34 29.06
C PRO J 58 42.10 15.68 28.39
N GLU J 59 43.33 16.21 28.31
CA GLU J 59 43.56 17.49 27.64
C GLU J 59 43.12 17.44 26.19
N TYR J 60 43.40 16.33 25.49
CA TYR J 60 42.90 16.16 24.13
C TYR J 60 41.38 16.29 24.09
N TRP J 61 40.69 15.48 24.89
CA TRP J 61 39.23 15.48 24.90
C TRP J 61 38.67 16.82 25.37
N ASP J 62 39.38 17.51 26.26
CA ASP J 62 38.92 18.80 26.74
C ASP J 62 38.89 19.85 25.63
N GLN J 63 39.94 19.91 24.80
CA GLN J 63 39.99 20.92 23.75
C GLN J 63 39.02 20.58 22.61
N GLU J 64 38.96 19.30 22.21
CA GLU J 64 38.09 18.92 21.10
C GLU J 64 36.63 19.20 21.42
N THR J 65 36.25 19.01 22.69
CA THR J 65 34.88 19.36 23.09
C THR J 65 34.66 20.86 23.04
N ARG J 66 35.67 21.64 23.47
CA ARG J 66 35.55 23.10 23.45
C ARG J 66 35.34 23.62 22.02
N ASN J 67 36.20 23.21 21.10
CA ASN J 67 36.15 23.74 19.73
C ASN J 67 34.89 23.27 18.98
N VAL J 68 34.44 22.05 19.25
CA VAL J 68 33.26 21.55 18.53
C VAL J 68 31.99 22.18 19.08
N LYS J 69 31.97 22.53 20.37
CA LYS J 69 30.84 23.27 20.90
C LYS J 69 30.80 24.68 20.31
N ALA J 70 31.95 25.33 20.18
CA ALA J 70 32.01 26.64 19.54
C ALA J 70 31.51 26.58 18.10
N GLN J 71 31.67 25.43 17.44
CA GLN J 71 31.17 25.27 16.08
CA GLN J 71 31.17 25.30 16.07
C GLN J 71 29.66 25.05 16.06
N SER J 72 29.15 24.25 17.00
CA SER J 72 27.72 24.04 17.10
C SER J 72 26.97 25.36 17.25
N GLN J 73 27.56 26.30 17.98
CA GLN J 73 26.94 27.61 18.14
C GLN J 73 27.02 28.41 16.85
N THR J 74 28.12 28.31 16.12
CA THR J 74 28.23 28.95 14.81
C THR J 74 27.14 28.48 13.88
N ASP J 75 26.82 27.18 13.90
CA ASP J 75 25.76 26.64 13.04
C ASP J 75 24.40 27.23 13.42
N ARG J 76 24.15 27.38 14.72
CA ARG J 76 22.88 27.90 15.18
C ARG J 76 22.64 29.34 14.70
N VAL J 77 23.66 30.19 14.74
CA VAL J 77 23.54 31.54 14.22
C VAL J 77 23.26 31.53 12.72
N ASP J 78 24.05 30.74 11.97
CA ASP J 78 23.93 30.75 10.52
C ASP J 78 22.57 30.28 10.04
N LEU J 79 21.91 29.42 10.81
CA LEU J 79 20.60 28.91 10.40
C LEU J 79 19.58 30.03 10.20
N GLY J 80 19.55 30.99 11.13
CA GLY J 80 18.66 32.13 10.97
C GLY J 80 19.07 33.08 9.86
N THR J 81 20.38 33.38 9.77
CA THR J 81 20.86 34.31 8.74
C THR J 81 20.53 33.82 7.34
N LEU J 82 20.68 32.52 7.09
CA LEU J 82 20.37 32.00 5.75
C LEU J 82 18.87 32.02 5.50
N ARG J 83 18.07 31.84 6.54
CA ARG J 83 16.63 32.02 6.39
C ARG J 83 16.31 33.43 5.92
N GLY J 84 17.08 34.42 6.38
CA GLY J 84 16.92 35.77 5.85
C GLY J 84 17.29 35.87 4.39
N TYR J 85 18.35 35.15 3.98
CA TYR J 85 18.76 35.16 2.58
C TYR J 85 17.69 34.52 1.69
N TYR J 86 17.02 33.49 2.19
CA TYR J 86 16.03 32.75 1.43
C TYR J 86 14.60 33.16 1.73
N ASN J 87 14.40 34.10 2.66
CA ASN J 87 13.07 34.62 3.00
C ASN J 87 12.11 33.47 3.36
N GLN J 88 12.52 32.69 4.36
CA GLN J 88 11.81 31.49 4.75
C GLN J 88 11.06 31.69 6.08
N SER J 89 9.94 30.98 6.21
CA SER J 89 9.18 30.98 7.46
C SER J 89 10.02 30.40 8.60
N GLU J 90 9.82 30.92 9.81
CA GLU J 90 10.50 30.36 10.96
C GLU J 90 9.94 29.01 11.38
N ASP J 91 8.80 28.59 10.82
CA ASP J 91 8.17 27.36 11.24
C ASP J 91 8.74 26.13 10.53
N GLY J 92 9.32 26.30 9.36
CA GLY J 92 9.88 25.17 8.65
C GLY J 92 11.26 24.83 9.20
N SER J 93 11.54 23.54 9.26
CA SER J 93 12.84 23.05 9.72
C SER J 93 13.83 23.00 8.57
N HIS J 94 15.07 23.39 8.86
CA HIS J 94 16.11 23.46 7.85
C HIS J 94 17.39 22.81 8.38
N THR J 95 18.28 22.46 7.46
CA THR J 95 19.47 21.67 7.77
C THR J 95 20.68 22.26 7.06
N ILE J 96 21.79 22.36 7.79
CA ILE J 96 23.08 22.76 7.24
C ILE J 96 24.09 21.66 7.56
N GLN J 97 24.79 21.19 6.52
CA GLN J 97 25.77 20.11 6.63
C GLN J 97 27.15 20.62 6.25
N ILE J 98 28.14 20.33 7.07
CA ILE J 98 29.52 20.80 6.87
C ILE J 98 30.44 19.59 6.79
N MET J 99 31.28 19.55 5.76
CA MET J 99 32.28 18.51 5.57
C MET J 99 33.63 19.16 5.31
N TYR J 100 34.67 18.68 5.99
CA TYR J 100 36.03 19.13 5.74
C TYR J 100 37.00 17.98 6.04
N GLY J 101 38.21 18.12 5.52
CA GLY J 101 39.24 17.12 5.79
C GLY J 101 40.39 17.27 4.84
N CYS J 102 41.43 16.47 5.11
CA CYS J 102 42.68 16.52 4.37
C CYS J 102 43.08 15.11 3.93
N ASP J 103 43.81 15.04 2.82
CA ASP J 103 44.30 13.78 2.29
C ASP J 103 45.82 13.75 2.33
N VAL J 104 46.38 12.56 2.58
CA VAL J 104 47.82 12.34 2.54
C VAL J 104 48.12 11.11 1.69
N GLY J 105 49.31 11.10 1.12
CA GLY J 105 49.79 9.95 0.36
C GLY J 105 50.56 8.98 1.24
N PRO J 106 51.09 7.91 0.64
CA PRO J 106 51.91 6.97 1.41
C PRO J 106 53.17 7.62 2.00
N ASP J 107 53.59 8.77 1.48
CA ASP J 107 54.74 9.50 2.00
C ASP J 107 54.39 10.49 3.09
N GLY J 108 53.12 10.57 3.49
CA GLY J 108 52.72 11.51 4.51
C GLY J 108 52.59 12.93 4.04
N ARG J 109 52.73 13.17 2.73
CA ARG J 109 52.67 14.52 2.20
C ARG J 109 51.24 14.97 1.97
N PHE J 110 51.03 16.27 2.16
CA PHE J 110 49.72 16.85 1.91
C PHE J 110 49.31 16.61 0.46
N LEU J 111 48.05 16.23 0.26
CA LEU J 111 47.50 16.03 -1.08
C LEU J 111 46.40 17.02 -1.40
N ARG J 112 45.37 17.08 -0.56
CA ARG J 112 44.19 17.89 -0.84
C ARG J 112 43.56 18.34 0.45
N GLY J 113 42.86 19.47 0.38
CA GLY J 113 42.06 19.95 1.49
C GLY J 113 40.63 20.07 1.00
N TYR J 114 39.69 19.88 1.92
CA TYR J 114 38.28 19.89 1.59
C TYR J 114 37.54 20.78 2.57
N ARG J 115 36.51 21.45 2.06
CA ARG J 115 35.58 22.18 2.91
C ARG J 115 34.35 22.50 2.08
N GLN J 116 33.22 21.93 2.45
CA GLN J 116 31.97 22.17 1.74
C GLN J 116 30.85 22.32 2.75
N ASP J 117 30.07 23.38 2.60
CA ASP J 117 28.90 23.62 3.41
C ASP J 117 27.68 23.60 2.50
N ALA J 118 26.60 22.99 2.97
CA ALA J 118 25.41 22.81 2.16
C ALA J 118 24.20 23.30 2.94
N TYR J 119 23.12 23.57 2.20
CA TYR J 119 21.87 24.01 2.79
C TYR J 119 20.74 23.14 2.27
N ASP J 120 20.12 22.38 3.18
CA ASP J 120 18.94 21.57 2.87
C ASP J 120 19.20 20.59 1.72
N GLY J 121 20.38 19.98 1.73
CA GLY J 121 20.74 18.95 0.79
C GLY J 121 21.19 19.40 -0.58
N LYS J 122 21.48 20.68 -0.77
CA LYS J 122 22.04 21.18 -2.02
C LYS J 122 23.31 21.97 -1.73
N ASP J 123 24.25 21.91 -2.67
CA ASP J 123 25.48 22.68 -2.56
C ASP J 123 25.19 24.16 -2.36
N TYR J 124 25.89 24.77 -1.41
CA TYR J 124 25.75 26.19 -1.10
C TYR J 124 27.02 26.94 -1.47
N ILE J 125 28.11 26.75 -0.72
CA ILE J 125 29.40 27.31 -1.06
C ILE J 125 30.42 26.20 -0.90
N ALA J 126 31.49 26.27 -1.69
CA ALA J 126 32.50 25.23 -1.69
C ALA J 126 33.88 25.88 -1.73
N LEU J 127 34.78 25.39 -0.90
CA LEU J 127 36.17 25.83 -0.96
C LEU J 127 36.82 25.24 -2.21
N ASN J 128 37.41 26.11 -3.03
CA ASN J 128 38.05 25.64 -4.25
C ASN J 128 39.32 24.86 -3.90
N GLU J 129 39.81 24.12 -4.90
CA GLU J 129 40.97 23.25 -4.67
C GLU J 129 42.20 24.04 -4.24
N ASP J 130 42.32 25.29 -4.69
CA ASP J 130 43.49 26.10 -4.39
C ASP J 130 43.59 26.50 -2.92
N LEU J 131 42.58 26.20 -2.11
CA LEU J 131 42.54 26.56 -0.69
C LEU J 131 42.66 28.07 -0.49
N ARG J 132 42.31 28.85 -1.52
CA ARG J 132 42.45 30.31 -1.46
C ARG J 132 41.23 31.06 -1.99
N SER J 133 40.24 30.37 -2.57
CA SER J 133 39.07 31.02 -3.15
C SER J 133 37.85 30.14 -2.93
N TRP J 134 36.68 30.73 -3.12
CA TRP J 134 35.42 30.06 -2.90
C TRP J 134 34.60 30.06 -4.18
N THR J 135 33.66 29.12 -4.27
CA THR J 135 32.72 29.05 -5.37
C THR J 135 31.31 28.99 -4.78
N ALA J 136 30.45 29.90 -5.20
CA ALA J 136 29.08 29.96 -4.72
C ALA J 136 28.16 29.24 -5.71
N ALA J 137 27.15 28.57 -5.17
CA ALA J 137 26.19 27.83 -5.99
C ALA J 137 24.96 28.67 -6.33
N ASP J 138 24.74 29.76 -5.60
CA ASP J 138 23.61 30.64 -5.85
C ASP J 138 23.97 32.05 -5.40
N MET J 139 23.08 33.00 -5.68
CA MET J 139 23.34 34.39 -5.32
C MET J 139 23.34 34.59 -3.81
N ALA J 140 22.57 33.77 -3.08
CA ALA J 140 22.55 33.88 -1.62
C ALA J 140 23.91 33.55 -1.03
N ALA J 141 24.59 32.53 -1.57
CA ALA J 141 25.91 32.18 -1.05
C ALA J 141 26.94 33.24 -1.39
N GLN J 142 26.72 34.02 -2.45
CA GLN J 142 27.63 35.11 -2.79
C GLN J 142 27.73 36.12 -1.66
N ILE J 143 26.62 36.37 -0.96
CA ILE J 143 26.65 37.25 0.21
C ILE J 143 27.53 36.64 1.30
N THR J 144 27.34 35.35 1.57
CA THR J 144 28.22 34.65 2.50
C THR J 144 29.64 34.59 1.95
N LYS J 145 29.77 34.39 0.64
CA LYS J 145 31.07 34.36 -0.02
C LYS J 145 31.86 35.65 0.25
N ARG J 146 31.21 36.81 0.07
CA ARG J 146 31.90 38.08 0.26
C ARG J 146 32.36 38.28 1.70
N LYS J 147 31.50 37.94 2.67
CA LYS J 147 31.86 38.08 4.07
C LYS J 147 33.11 37.29 4.41
N TRP J 148 33.21 36.05 3.93
CA TRP J 148 34.33 35.20 4.29
C TRP J 148 35.63 35.69 3.65
N GLU J 149 35.56 36.27 2.45
CA GLU J 149 36.73 36.87 1.83
C GLU J 149 37.23 38.08 2.62
N ALA J 150 36.30 38.90 3.14
CA ALA J 150 36.70 40.11 3.86
C ALA J 150 37.43 39.77 5.16
N ALA J 151 36.96 38.74 5.87
CA ALA J 151 37.62 38.33 7.11
C ALA J 151 38.80 37.40 6.85
N HIS J 152 39.06 37.05 5.60
CA HIS J 152 40.16 36.16 5.22
C HIS J 152 40.02 34.82 5.95
N ALA J 153 38.80 34.27 5.89
CA ALA J 153 38.53 33.00 6.54
C ALA J 153 39.25 31.84 5.87
N ALA J 154 39.35 31.88 4.53
CA ALA J 154 40.04 30.83 3.82
C ALA J 154 41.51 30.74 4.24
N GLU J 155 42.08 31.85 4.69
CA GLU J 155 43.45 31.84 5.19
C GLU J 155 43.53 31.00 6.46
N GLN J 156 42.50 31.04 7.30
CA GLN J 156 42.49 30.25 8.53
C GLN J 156 42.22 28.78 8.23
N GLN J 157 41.34 28.50 7.25
CA GLN J 157 41.04 27.12 6.91
C GLN J 157 42.25 26.42 6.32
N ARG J 158 42.96 27.09 5.41
CA ARG J 158 44.17 26.52 4.84
C ARG J 158 45.21 26.23 5.90
N ALA J 159 45.27 27.07 6.94
CA ALA J 159 46.19 26.82 8.05
C ALA J 159 45.87 25.52 8.76
N TYR J 160 44.58 25.26 9.00
CA TYR J 160 44.20 23.99 9.64
C TYR J 160 44.38 22.83 8.69
N LEU J 161 43.83 22.94 7.47
CA LEU J 161 43.85 21.82 6.52
C LEU J 161 45.28 21.42 6.18
N GLU J 162 46.19 22.40 6.07
CA GLU J 162 47.59 22.12 5.82
C GLU J 162 48.40 21.95 7.09
N GLY J 163 47.81 22.21 8.26
CA GLY J 163 48.53 22.13 9.52
C GLY J 163 48.00 21.10 10.48
N ARG J 164 47.12 21.51 11.40
CA ARG J 164 46.63 20.60 12.44
C ARG J 164 45.99 19.35 11.85
N CYS J 165 45.38 19.47 10.67
CA CYS J 165 44.76 18.31 10.03
C CYS J 165 45.79 17.24 9.69
N VAL J 166 46.84 17.60 8.96
CA VAL J 166 47.81 16.60 8.50
C VAL J 166 48.72 16.15 9.63
N GLU J 167 48.98 17.01 10.63
CA GLU J 167 49.81 16.60 11.75
C GLU J 167 49.17 15.48 12.55
N TRP J 168 47.87 15.61 12.84
CA TRP J 168 47.19 14.63 13.68
C TRP J 168 46.77 13.39 12.90
N LEU J 169 46.50 13.52 11.60
CA LEU J 169 46.26 12.33 10.79
C LEU J 169 47.47 11.41 10.80
N ARG J 170 48.67 11.99 10.80
CA ARG J 170 49.89 11.19 10.91
C ARG J 170 49.96 10.47 12.26
N ARG J 171 49.50 11.11 13.33
CA ARG J 171 49.55 10.47 14.64
C ARG J 171 48.52 9.35 14.76
N TYR J 172 47.31 9.58 14.26
CA TYR J 172 46.28 8.55 14.34
C TYR J 172 46.68 7.29 13.57
N LEU J 173 47.18 7.48 12.34
CA LEU J 173 47.60 6.34 11.52
C LEU J 173 48.74 5.57 12.19
N GLU J 174 49.55 6.23 13.01
CA GLU J 174 50.61 5.53 13.72
C GLU J 174 50.08 4.80 14.94
N ASN J 175 49.33 5.50 15.81
CA ASN J 175 48.81 4.88 17.01
C ASN J 175 47.82 3.78 16.67
N GLY J 176 47.15 3.90 15.52
CA GLY J 176 46.23 2.88 15.04
C GLY J 176 46.81 2.09 13.89
N LYS J 177 48.14 1.95 13.86
CA LYS J 177 48.80 1.28 12.74
C LYS J 177 48.32 -0.14 12.56
N GLU J 178 47.95 -0.83 13.64
CA GLU J 178 47.50 -2.20 13.53
C GLU J 178 46.11 -2.28 12.89
N THR J 179 45.31 -1.23 13.04
CA THR J 179 43.95 -1.21 12.52
C THR J 179 43.77 -0.31 11.31
N LEU J 180 44.47 0.82 11.23
CA LEU J 180 44.25 1.74 10.12
C LEU J 180 45.04 1.35 8.88
N GLN J 181 46.13 0.60 9.04
CA GLN J 181 46.95 0.16 7.92
C GLN J 181 46.56 -1.22 7.41
N ARG J 182 45.48 -1.80 7.93
CA ARG J 182 45.07 -3.14 7.55
C ARG J 182 44.31 -3.12 6.23
N THR J 183 44.49 -4.20 5.46
CA THR J 183 43.66 -4.49 4.29
C THR J 183 43.18 -5.94 4.40
N ASP J 184 41.94 -6.14 4.86
CA ASP J 184 41.38 -7.48 4.92
C ASP J 184 40.76 -7.77 3.56
N PRO J 185 41.31 -8.72 2.79
CA PRO J 185 40.79 -8.95 1.43
C PRO J 185 39.38 -9.54 1.48
N PRO J 186 38.61 -9.36 0.41
CA PRO J 186 37.22 -9.86 0.42
C PRO J 186 37.15 -11.38 0.38
N LYS J 187 36.19 -11.93 1.11
CA LYS J 187 35.87 -13.35 1.02
C LYS J 187 34.78 -13.50 -0.02
N THR J 188 35.10 -14.15 -1.14
CA THR J 188 34.20 -14.21 -2.28
C THR J 188 33.71 -15.64 -2.50
N HIS J 189 32.53 -15.75 -3.10
CA HIS J 189 31.95 -17.02 -3.52
C HIS J 189 30.77 -16.71 -4.44
N MET J 190 30.20 -17.75 -5.03
CA MET J 190 29.12 -17.60 -5.98
C MET J 190 27.98 -18.55 -5.63
N THR J 191 26.76 -18.10 -5.90
CA THR J 191 25.56 -18.87 -5.63
C THR J 191 24.72 -19.00 -6.91
N HIS J 192 23.83 -19.98 -6.92
CA HIS J 192 23.03 -20.30 -8.10
C HIS J 192 21.59 -20.52 -7.67
N HIS J 193 20.67 -19.73 -8.23
CA HIS J 193 19.25 -19.85 -7.92
C HIS J 193 18.47 -19.86 -9.24
N PRO J 194 17.71 -20.92 -9.53
CA PRO J 194 16.90 -20.92 -10.75
C PRO J 194 15.78 -19.90 -10.69
N ILE J 195 15.52 -19.26 -11.83
CA ILE J 195 14.34 -18.42 -11.99
C ILE J 195 13.21 -19.18 -12.67
N SER J 196 13.57 -20.00 -13.66
CA SER J 196 12.65 -20.86 -14.37
C SER J 196 13.44 -22.04 -14.92
N ASP J 197 12.79 -22.87 -15.73
CA ASP J 197 13.49 -23.96 -16.40
C ASP J 197 14.46 -23.46 -17.47
N HIS J 198 14.39 -22.17 -17.83
CA HIS J 198 15.19 -21.63 -18.92
C HIS J 198 16.05 -20.42 -18.55
N GLU J 199 16.01 -19.95 -17.30
CA GLU J 199 16.82 -18.82 -16.87
C GLU J 199 17.29 -19.05 -15.44
N ALA J 200 18.35 -18.36 -15.05
CA ALA J 200 18.91 -18.51 -13.71
C ALA J 200 19.65 -17.25 -13.30
N THR J 201 19.80 -17.07 -11.98
CA THR J 201 20.49 -15.94 -11.40
C THR J 201 21.79 -16.40 -10.76
N LEU J 202 22.90 -15.78 -11.15
CA LEU J 202 24.19 -15.96 -10.50
C LEU J 202 24.49 -14.75 -9.62
N ARG J 203 24.97 -15.00 -8.40
CA ARG J 203 25.23 -13.94 -7.42
C ARG J 203 26.68 -14.04 -6.95
N CYS J 204 27.47 -13.01 -7.28
CA CYS J 204 28.86 -12.91 -6.86
C CYS J 204 28.95 -12.20 -5.52
N TRP J 205 29.62 -12.80 -4.56
CA TRP J 205 29.67 -12.29 -3.20
C TRP J 205 31.04 -11.70 -2.88
N ALA J 206 31.07 -10.83 -1.88
CA ALA J 206 32.30 -10.25 -1.37
C ALA J 206 32.02 -9.73 0.03
N LEU J 207 32.58 -10.40 1.05
CA LEU J 207 32.29 -10.08 2.44
C LEU J 207 33.58 -9.84 3.22
N GLY J 208 33.47 -9.09 4.30
CA GLY J 208 34.57 -8.96 5.24
C GLY J 208 35.75 -8.16 4.76
N PHE J 209 35.59 -7.35 3.72
CA PHE J 209 36.70 -6.62 3.15
C PHE J 209 36.82 -5.22 3.76
N TYR J 210 38.04 -4.69 3.73
CA TYR J 210 38.35 -3.35 4.21
C TYR J 210 39.61 -2.91 3.50
N PRO J 211 39.68 -1.65 3.01
CA PRO J 211 38.64 -0.62 3.08
C PRO J 211 37.45 -0.86 2.14
N ALA J 212 36.47 0.05 2.18
CA ALA J 212 35.18 -0.20 1.54
C ALA J 212 35.24 -0.13 0.02
N GLU J 213 36.25 0.51 -0.55
CA GLU J 213 36.33 0.60 -2.01
C GLU J 213 36.54 -0.77 -2.61
N ILE J 214 35.64 -1.17 -3.51
CA ILE J 214 35.67 -2.50 -4.10
C ILE J 214 34.89 -2.42 -5.40
N THR J 215 35.22 -3.29 -6.34
CA THR J 215 34.56 -3.31 -7.65
C THR J 215 34.20 -4.74 -8.01
N LEU J 216 32.93 -4.97 -8.31
CA LEU J 216 32.45 -6.26 -8.81
C LEU J 216 31.98 -6.06 -10.24
N THR J 217 32.50 -6.89 -11.15
CA THR J 217 32.22 -6.77 -12.56
C THR J 217 31.83 -8.14 -13.08
N TRP J 218 30.66 -8.23 -13.71
CA TRP J 218 30.19 -9.44 -14.36
C TRP J 218 30.46 -9.33 -15.85
N GLN J 219 31.12 -10.34 -16.40
CA GLN J 219 31.49 -10.38 -17.80
C GLN J 219 30.92 -11.60 -18.50
N ARG J 220 30.60 -11.43 -19.78
CA ARG J 220 30.19 -12.52 -20.66
C ARG J 220 31.27 -12.71 -21.71
N ASP J 221 31.92 -13.87 -21.68
CA ASP J 221 33.05 -14.18 -22.57
C ASP J 221 34.18 -13.15 -22.44
N GLY J 222 34.35 -12.59 -21.25
CA GLY J 222 35.37 -11.60 -21.01
C GLY J 222 34.96 -10.17 -21.31
N GLU J 223 33.75 -9.97 -21.82
CA GLU J 223 33.24 -8.63 -22.13
C GLU J 223 32.25 -8.21 -21.05
N ASP J 224 32.44 -7.00 -20.53
CA ASP J 224 31.62 -6.48 -19.44
C ASP J 224 30.13 -6.51 -19.79
N GLN J 225 29.33 -6.95 -18.82
CA GLN J 225 27.89 -7.05 -18.95
C GLN J 225 27.21 -5.96 -18.12
N THR J 226 26.20 -5.33 -18.70
CA THR J 226 25.40 -4.32 -18.02
C THR J 226 23.91 -4.65 -17.97
N GLN J 227 23.34 -5.12 -19.08
CA GLN J 227 21.93 -5.51 -19.09
C GLN J 227 21.67 -6.67 -18.14
N ASP J 228 20.48 -6.63 -17.50
CA ASP J 228 20.01 -7.70 -16.62
C ASP J 228 20.95 -7.93 -15.44
N THR J 229 21.69 -6.90 -15.02
CA THR J 229 22.59 -7.01 -13.89
C THR J 229 22.05 -6.20 -12.71
N GLU J 230 22.55 -6.52 -11.52
CA GLU J 230 22.15 -5.84 -10.29
C GLU J 230 23.35 -5.72 -9.36
N LEU J 231 23.68 -4.48 -9.00
CA LEU J 231 24.80 -4.18 -8.12
C LEU J 231 24.25 -3.43 -6.90
N VAL J 232 24.46 -3.99 -5.71
CA VAL J 232 23.94 -3.38 -4.50
C VAL J 232 25.01 -2.47 -3.90
N GLU J 233 24.56 -1.54 -3.06
CA GLU J 233 25.49 -0.61 -2.41
C GLU J 233 26.45 -1.37 -1.49
N THR J 234 27.67 -0.84 -1.38
CA THR J 234 28.58 -1.31 -0.35
C THR J 234 28.04 -0.93 1.02
N ARG J 235 27.92 -1.91 1.90
CA ARG J 235 27.28 -1.75 3.19
C ARG J 235 28.20 -2.21 4.31
N PRO J 236 28.12 -1.57 5.48
CA PRO J 236 28.94 -2.01 6.61
C PRO J 236 28.33 -3.24 7.27
N ALA J 237 29.19 -4.21 7.59
CA ALA J 237 28.75 -5.41 8.28
C ALA J 237 28.49 -5.18 9.76
N GLY J 238 29.10 -4.17 10.36
CA GLY J 238 28.95 -3.88 11.77
C GLY J 238 30.12 -4.26 12.64
N ASP J 239 31.15 -4.89 12.08
CA ASP J 239 32.34 -5.28 12.82
C ASP J 239 33.58 -4.51 12.39
N GLY J 240 33.43 -3.53 11.50
CA GLY J 240 34.56 -2.89 10.88
C GLY J 240 34.90 -3.41 9.50
N THR J 241 34.08 -4.29 8.93
CA THR J 241 34.23 -4.81 7.59
C THR J 241 32.99 -4.47 6.77
N PHE J 242 33.07 -4.70 5.46
CA PHE J 242 32.02 -4.28 4.54
C PHE J 242 31.60 -5.45 3.66
N GLN J 243 30.42 -5.31 3.07
CA GLN J 243 29.81 -6.36 2.27
C GLN J 243 29.30 -5.77 0.96
N LYS J 244 29.29 -6.61 -0.07
CA LYS J 244 28.77 -6.23 -1.38
C LYS J 244 28.52 -7.50 -2.17
N TRP J 245 27.55 -7.43 -3.08
CA TRP J 245 27.34 -8.53 -4.02
C TRP J 245 26.78 -7.97 -5.31
N ALA J 246 27.05 -8.69 -6.40
CA ALA J 246 26.61 -8.32 -7.74
C ALA J 246 26.00 -9.52 -8.42
N ALA J 247 24.87 -9.30 -9.09
CA ALA J 247 24.09 -10.36 -9.72
C ALA J 247 24.01 -10.14 -11.21
N VAL J 248 23.58 -11.19 -11.91
CA VAL J 248 23.30 -11.16 -13.33
C VAL J 248 22.31 -12.27 -13.63
N VAL J 249 21.35 -12.00 -14.49
CA VAL J 249 20.39 -13.01 -14.93
C VAL J 249 20.98 -13.69 -16.14
N VAL J 250 21.12 -15.02 -16.07
CA VAL J 250 21.80 -15.78 -17.12
C VAL J 250 20.88 -16.87 -17.67
N PRO J 251 21.02 -17.24 -18.94
CA PRO J 251 20.24 -18.36 -19.47
C PRO J 251 20.74 -19.70 -18.95
N SER J 252 19.80 -20.63 -18.78
CA SER J 252 20.12 -21.97 -18.29
C SER J 252 21.06 -22.69 -19.26
N GLY J 253 22.03 -23.41 -18.71
CA GLY J 253 23.03 -24.11 -19.50
C GLY J 253 24.18 -23.26 -19.97
N GLU J 254 24.11 -21.93 -19.80
CA GLU J 254 25.17 -21.01 -20.19
C GLU J 254 25.80 -20.33 -18.99
N GLU J 255 25.58 -20.88 -17.78
CA GLU J 255 26.10 -20.26 -16.56
C GLU J 255 27.62 -20.18 -16.59
N GLN J 256 28.27 -21.15 -17.23
CA GLN J 256 29.73 -21.19 -17.27
C GLN J 256 30.33 -20.03 -18.04
N ARG J 257 29.53 -19.35 -18.87
CA ARG J 257 30.03 -18.26 -19.70
C ARG J 257 30.19 -16.94 -18.95
N TYR J 258 29.69 -16.84 -17.73
CA TYR J 258 29.69 -15.58 -17.00
C TYR J 258 30.71 -15.64 -15.87
N THR J 259 31.45 -14.54 -15.69
CA THR J 259 32.51 -14.44 -14.69
C THR J 259 32.36 -13.18 -13.87
N CYS J 260 32.66 -13.28 -12.57
CA CYS J 260 32.71 -12.14 -11.67
C CYS J 260 34.17 -11.74 -11.42
N HIS J 261 34.44 -10.44 -11.52
CA HIS J 261 35.80 -9.90 -11.37
C HIS J 261 35.82 -8.98 -10.15
N VAL J 262 36.70 -9.29 -9.20
CA VAL J 262 36.76 -8.60 -7.91
C VAL J 262 38.10 -7.89 -7.81
N GLN J 263 38.06 -6.56 -7.68
CA GLN J 263 39.25 -5.74 -7.49
C GLN J 263 39.17 -5.05 -6.14
N HIS J 264 40.27 -5.07 -5.39
CA HIS J 264 40.32 -4.52 -4.04
C HIS J 264 41.77 -4.24 -3.67
N GLU J 265 41.97 -3.38 -2.67
CA GLU J 265 43.32 -3.01 -2.27
C GLU J 265 44.05 -4.19 -1.65
N GLY J 266 43.34 -5.04 -0.91
CA GLY J 266 43.96 -6.18 -0.29
C GLY J 266 44.18 -7.36 -1.21
N LEU J 267 43.76 -7.24 -2.47
CA LEU J 267 44.00 -8.26 -3.48
C LEU J 267 45.21 -7.87 -4.31
N PRO J 268 46.24 -8.71 -4.40
CA PRO J 268 47.38 -8.36 -5.27
C PRO J 268 47.00 -8.24 -6.74
N LYS J 269 46.13 -9.12 -7.22
CA LYS J 269 45.67 -9.13 -8.59
C LYS J 269 44.18 -9.46 -8.62
N PRO J 270 43.44 -8.96 -9.62
CA PRO J 270 42.00 -9.22 -9.69
C PRO J 270 41.67 -10.71 -9.62
N LEU J 271 40.56 -11.02 -8.97
CA LEU J 271 40.06 -12.39 -8.89
C LEU J 271 39.02 -12.62 -9.99
N THR J 272 38.99 -13.85 -10.50
CA THR J 272 38.01 -14.25 -11.51
C THR J 272 37.27 -15.48 -11.01
N LEU J 273 35.97 -15.33 -10.79
CA LEU J 273 35.13 -16.39 -10.25
C LEU J 273 34.19 -16.93 -11.32
N ARG J 274 34.15 -18.26 -11.46
CA ARG J 274 33.26 -18.94 -12.38
C ARG J 274 32.43 -19.96 -11.61
N TRP J 275 31.28 -20.32 -12.21
CA TRP J 275 30.36 -21.30 -11.61
C TRP J 275 30.99 -22.69 -11.63
N GLU J 276 31.42 -23.17 -10.47
CA GLU J 276 31.98 -24.52 -10.35
C GLU J 276 30.94 -25.51 -9.82
N MET K 1 12.20 22.83 -0.91
CA MET K 1 13.49 22.15 -0.79
C MET K 1 13.40 20.74 -1.34
N ILE K 2 14.55 20.06 -1.43
CA ILE K 2 14.62 18.73 -2.01
C ILE K 2 14.61 17.71 -0.89
N GLN K 3 14.00 16.56 -1.16
CA GLN K 3 13.99 15.43 -0.24
C GLN K 3 14.29 14.16 -1.01
N ARG K 4 14.95 13.22 -0.36
CA ARG K 4 15.38 11.98 -0.99
C ARG K 4 14.78 10.81 -0.24
N THR K 5 14.17 9.88 -0.98
CA THR K 5 13.59 8.71 -0.36
C THR K 5 14.70 7.79 0.16
N PRO K 6 14.45 7.08 1.26
CA PRO K 6 15.50 6.21 1.81
C PRO K 6 15.60 4.90 1.05
N LYS K 7 16.84 4.48 0.79
CA LYS K 7 17.14 3.17 0.24
C LYS K 7 17.54 2.24 1.38
N ILE K 8 17.05 1.00 1.32
CA ILE K 8 17.06 0.10 2.47
C ILE K 8 17.63 -1.26 2.07
N GLN K 9 18.52 -1.79 2.89
CA GLN K 9 19.05 -3.14 2.77
C GLN K 9 18.84 -3.88 4.07
N VAL K 10 18.33 -5.11 3.99
CA VAL K 10 18.18 -6.00 5.15
C VAL K 10 19.12 -7.18 4.95
N TYR K 11 19.95 -7.46 5.95
CA TYR K 11 21.01 -8.45 5.80
C TYR K 11 21.61 -8.75 7.16
N SER K 12 22.30 -9.89 7.24
CA SER K 12 23.01 -10.32 8.44
C SER K 12 24.49 -9.97 8.33
N ARG K 13 25.11 -9.70 9.48
CA ARG K 13 26.55 -9.48 9.52
C ARG K 13 27.31 -10.67 8.96
N HIS K 14 27.00 -11.86 9.47
CA HIS K 14 27.61 -13.11 9.06
C HIS K 14 26.65 -13.94 8.22
N PRO K 15 27.14 -14.91 7.45
CA PRO K 15 26.24 -15.82 6.75
C PRO K 15 25.28 -16.50 7.71
N ALA K 16 24.04 -16.67 7.26
CA ALA K 16 23.00 -17.23 8.13
C ALA K 16 23.27 -18.70 8.43
N GLU K 17 23.32 -19.04 9.71
CA GLU K 17 23.39 -20.41 10.17
C GLU K 17 22.35 -20.61 11.27
N ASN K 18 21.42 -21.53 11.05
CA ASN K 18 20.35 -21.77 12.00
C ASN K 18 20.91 -22.19 13.35
N GLY K 19 20.51 -21.46 14.40
CA GLY K 19 20.96 -21.74 15.74
C GLY K 19 22.27 -21.07 16.14
N LYS K 20 22.95 -20.42 15.20
CA LYS K 20 24.23 -19.77 15.47
C LYS K 20 24.04 -18.27 15.59
N SER K 21 24.67 -17.68 16.61
CA SER K 21 24.50 -16.26 16.88
C SER K 21 24.95 -15.43 15.70
N ASN K 22 24.22 -14.34 15.45
CA ASN K 22 24.48 -13.48 14.30
C ASN K 22 23.95 -12.08 14.64
N PHE K 23 24.14 -11.15 13.71
CA PHE K 23 23.66 -9.78 13.86
C PHE K 23 22.79 -9.42 12.66
N LEU K 24 21.56 -9.00 12.93
CA LEU K 24 20.66 -8.55 11.89
C LEU K 24 20.93 -7.07 11.60
N ASN K 25 21.15 -6.75 10.33
CA ASN K 25 21.51 -5.40 9.91
C ASN K 25 20.44 -4.83 8.99
N CYS K 26 20.18 -3.53 9.13
CA CYS K 26 19.31 -2.79 8.23
C CYS K 26 20.04 -1.51 7.83
N TYR K 27 20.49 -1.43 6.58
CA TYR K 27 21.27 -0.30 6.09
C TYR K 27 20.34 0.70 5.42
N VAL K 28 20.15 1.86 6.05
CA VAL K 28 19.32 2.93 5.52
C VAL K 28 20.26 4.04 5.06
N SER K 29 20.15 4.42 3.79
CA SER K 29 21.11 5.36 3.20
C SER K 29 20.41 6.19 2.14
N GLY K 30 21.09 7.27 1.73
CA GLY K 30 20.64 8.09 0.63
C GLY K 30 19.41 8.94 0.91
N PHE K 31 19.11 9.21 2.17
CA PHE K 31 17.90 9.95 2.52
C PHE K 31 18.25 11.34 3.08
N HIS K 32 17.28 12.24 2.97
CA HIS K 32 17.36 13.60 3.47
C HIS K 32 15.93 14.10 3.68
N PRO K 33 15.60 14.72 4.82
CA PRO K 33 16.49 15.08 5.94
C PRO K 33 16.85 13.92 6.89
N SER K 34 17.39 14.28 8.06
CA SER K 34 17.97 13.30 8.96
C SER K 34 16.94 12.55 9.80
N ASP K 35 15.83 13.20 10.15
CA ASP K 35 14.83 12.57 11.00
C ASP K 35 14.17 11.40 10.29
N ILE K 36 14.29 10.21 10.87
CA ILE K 36 13.73 8.99 10.30
C ILE K 36 13.48 8.01 11.44
N GLU K 37 12.42 7.20 11.30
CA GLU K 37 12.06 6.21 12.29
C GLU K 37 12.18 4.82 11.67
N VAL K 38 12.98 3.96 12.28
CA VAL K 38 13.28 2.63 11.78
C VAL K 38 13.03 1.63 12.89
N ASP K 39 12.18 0.63 12.62
CA ASP K 39 11.91 -0.44 13.55
C ASP K 39 12.25 -1.77 12.91
N LEU K 40 12.84 -2.67 13.70
CA LEU K 40 13.08 -4.04 13.26
C LEU K 40 11.92 -4.92 13.72
N LEU K 41 11.51 -5.85 12.86
CA LEU K 41 10.33 -6.67 13.08
C LEU K 41 10.70 -8.14 13.07
N LYS K 42 10.05 -8.90 13.95
CA LYS K 42 10.14 -10.35 13.99
C LYS K 42 8.72 -10.90 13.91
N ASN K 43 8.40 -11.53 12.77
CA ASN K 43 7.05 -12.01 12.50
C ASN K 43 6.02 -10.88 12.58
N GLY K 44 6.46 -9.65 12.30
CA GLY K 44 5.60 -8.50 12.32
C GLY K 44 5.45 -7.82 13.67
N GLU K 45 6.30 -8.15 14.64
CA GLU K 45 6.27 -7.51 15.95
C GLU K 45 7.57 -6.75 16.20
N ARG K 46 7.44 -5.62 16.88
CA ARG K 46 8.56 -4.72 17.14
C ARG K 46 9.60 -5.32 18.09
N ILE K 47 10.85 -5.37 17.63
CA ILE K 47 11.96 -5.80 18.48
C ILE K 47 12.45 -4.62 19.31
N GLU K 48 12.57 -4.84 20.61
CA GLU K 48 13.10 -3.84 21.53
C GLU K 48 14.62 -3.95 21.64
N LYS K 49 15.23 -2.95 22.29
CA LYS K 49 16.67 -2.90 22.55
C LYS K 49 17.50 -2.79 21.27
N VAL K 50 16.88 -2.39 20.15
CA VAL K 50 17.61 -2.24 18.90
C VAL K 50 18.59 -1.09 18.99
N GLU K 51 19.82 -1.31 18.50
CA GLU K 51 20.85 -0.29 18.47
C GLU K 51 21.06 0.15 17.02
N HIS K 52 21.76 1.27 16.86
CA HIS K 52 22.00 1.82 15.53
C HIS K 52 23.30 2.61 15.53
N SER K 53 23.87 2.76 14.34
CA SER K 53 25.10 3.52 14.18
C SER K 53 24.82 5.01 14.32
N ASP K 54 25.90 5.77 14.49
CA ASP K 54 25.82 7.23 14.58
C ASP K 54 25.61 7.84 13.19
N LEU K 55 24.95 9.00 13.18
CA LEU K 55 24.57 9.65 11.92
C LEU K 55 25.78 10.18 11.16
N SER K 56 25.76 9.98 9.84
CA SER K 56 26.74 10.57 8.93
C SER K 56 26.07 10.72 7.57
N PHE K 57 26.75 11.39 6.64
CA PHE K 57 26.19 11.65 5.33
C PHE K 57 27.22 11.39 4.25
N SER K 58 26.73 11.29 3.01
CA SER K 58 27.47 10.84 1.85
C SER K 58 28.03 12.03 1.06
N LYS K 59 28.42 11.77 -0.20
CA LYS K 59 28.92 12.82 -1.08
C LYS K 59 27.80 13.77 -1.51
N ASP K 60 26.65 13.22 -1.87
CA ASP K 60 25.48 14.00 -2.23
C ASP K 60 24.71 14.53 -1.03
N TRP K 61 25.37 14.65 0.12
CA TRP K 61 24.82 15.25 1.33
C TRP K 61 23.77 14.35 1.98
N SER K 62 23.43 13.25 1.32
CA SER K 62 22.45 12.32 1.83
C SER K 62 23.03 11.48 2.97
N PHE K 63 22.18 11.17 3.95
CA PHE K 63 22.60 10.50 5.17
C PHE K 63 22.58 8.99 4.98
N TYR K 64 23.23 8.28 5.90
CA TYR K 64 23.17 6.83 5.92
C TYR K 64 23.22 6.35 7.37
N LEU K 65 22.40 5.33 7.69
CA LEU K 65 22.33 4.80 9.04
C LEU K 65 22.14 3.29 9.00
N LEU K 66 22.78 2.60 9.94
CA LEU K 66 22.68 1.15 10.10
C LEU K 66 22.04 0.83 11.44
N TYR K 67 20.90 0.13 11.40
CA TYR K 67 20.22 -0.34 12.60
C TYR K 67 20.48 -1.83 12.76
N TYR K 68 20.96 -2.24 13.93
CA TYR K 68 21.43 -3.60 14.11
C TYR K 68 21.17 -4.06 15.54
N THR K 69 20.96 -5.37 15.68
CA THR K 69 20.89 -6.01 16.99
C THR K 69 21.35 -7.45 16.88
N GLU K 70 21.85 -8.00 17.99
CA GLU K 70 22.27 -9.39 18.02
C GLU K 70 21.04 -10.29 18.08
N PHE K 71 21.11 -11.44 17.39
CA PHE K 71 19.99 -12.37 17.34
C PHE K 71 20.51 -13.76 16.99
N THR K 72 19.60 -14.73 17.06
CA THR K 72 19.88 -16.10 16.63
C THR K 72 18.76 -16.55 15.69
N PRO K 73 19.03 -16.78 14.40
CA PRO K 73 17.97 -17.17 13.49
C PRO K 73 17.52 -18.59 13.75
N THR K 74 16.24 -18.85 13.44
CA THR K 74 15.67 -20.19 13.58
C THR K 74 15.01 -20.61 12.27
N GLU K 75 14.48 -21.84 12.30
CA GLU K 75 13.87 -22.42 11.10
C GLU K 75 12.62 -21.67 10.66
N LYS K 76 11.85 -21.14 11.60
CA LYS K 76 10.50 -20.66 11.30
C LYS K 76 10.34 -19.15 11.35
N ASP K 77 11.22 -18.44 12.05
CA ASP K 77 11.11 -17.00 12.17
C ASP K 77 11.46 -16.26 10.88
N GLU K 78 10.56 -15.39 10.42
CA GLU K 78 10.82 -14.49 9.31
C GLU K 78 10.93 -13.06 9.82
N TYR K 79 11.82 -12.27 9.20
CA TYR K 79 12.16 -10.93 9.68
C TYR K 79 12.03 -9.91 8.55
N ALA K 80 11.92 -8.64 8.95
CA ALA K 80 11.82 -7.53 8.03
C ALA K 80 12.28 -6.25 8.74
N CYS K 81 12.51 -5.21 7.96
CA CYS K 81 12.87 -3.89 8.47
C CYS K 81 11.79 -2.89 8.10
N ARG K 82 11.31 -2.14 9.09
CA ARG K 82 10.26 -1.15 8.92
C ARG K 82 10.83 0.25 9.10
N VAL K 83 10.61 1.11 8.11
CA VAL K 83 11.17 2.47 8.09
C VAL K 83 10.06 3.47 7.79
N ASN K 84 9.98 4.52 8.60
CA ASN K 84 9.11 5.66 8.34
C ASN K 84 9.93 6.91 8.06
N HIS K 85 9.49 7.70 7.08
CA HIS K 85 10.20 8.91 6.72
C HIS K 85 9.23 9.87 6.02
N VAL K 86 9.52 11.16 6.14
CA VAL K 86 8.66 12.21 5.58
C VAL K 86 8.48 12.04 4.07
N THR K 87 9.48 11.47 3.39
CA THR K 87 9.41 11.26 1.95
C THR K 87 8.48 10.12 1.56
N LEU K 88 8.01 9.33 2.52
CA LEU K 88 7.23 8.13 2.24
C LEU K 88 5.74 8.40 2.41
N SER K 89 4.95 8.01 1.41
CA SER K 89 3.50 8.10 1.54
C SER K 89 2.99 7.10 2.56
N GLN K 90 3.73 6.00 2.76
CA GLN K 90 3.45 5.00 3.77
C GLN K 90 4.77 4.35 4.15
N PRO K 91 4.82 3.66 5.29
CA PRO K 91 6.05 2.96 5.67
C PRO K 91 6.45 1.90 4.64
N LYS K 92 7.74 1.83 4.35
CA LYS K 92 8.28 0.83 3.44
C LYS K 92 8.95 -0.28 4.24
N ILE K 93 8.41 -1.49 4.13
CA ILE K 93 8.92 -2.66 4.82
C ILE K 93 9.62 -3.55 3.80
N VAL K 94 10.83 -4.01 4.14
CA VAL K 94 11.62 -4.86 3.26
C VAL K 94 11.96 -6.14 4.03
N LYS K 95 11.45 -7.27 3.55
CA LYS K 95 11.63 -8.54 4.22
C LYS K 95 13.05 -9.07 4.02
N TRP K 96 13.57 -9.71 5.07
CA TRP K 96 14.94 -10.24 5.05
C TRP K 96 15.05 -11.47 4.18
N ASP K 97 16.07 -11.49 3.32
CA ASP K 97 16.41 -12.64 2.50
C ASP K 97 17.80 -13.13 2.89
N ARG K 98 17.95 -14.44 3.04
CA ARG K 98 19.20 -14.99 3.54
C ARG K 98 20.34 -14.88 2.54
N ASP K 99 20.06 -14.72 1.26
CA ASP K 99 21.10 -14.70 0.23
C ASP K 99 21.11 -13.36 -0.53
N MET K 100 20.74 -12.28 0.14
CA MET K 100 20.75 -10.96 -0.51
C MET K 100 21.20 -9.87 0.44
N VAL L 1 41.75 15.83 14.55
CA VAL L 1 41.15 16.85 15.40
C VAL L 1 40.23 17.77 14.59
N VAL L 2 39.34 18.46 15.28
CA VAL L 2 38.45 19.43 14.64
C VAL L 2 39.18 20.76 14.52
N VAL L 3 38.66 21.67 13.69
CA VAL L 3 39.27 22.98 13.51
C VAL L 3 39.14 23.78 14.80
N GLY L 4 40.17 24.56 15.12
CA GLY L 4 40.15 25.41 16.29
C GLY L 4 39.21 26.59 16.16
N GLY L 7 35.28 29.99 14.33
CA GLY L 7 34.29 29.86 13.28
C GLY L 7 33.64 31.17 12.90
N VAL L 8 33.68 31.50 11.62
CA VAL L 8 33.18 32.78 11.11
C VAL L 8 31.77 32.55 10.56
N GLY L 9 30.84 33.42 10.97
CA GLY L 9 29.46 33.24 10.56
C GLY L 9 29.26 33.39 9.07
N LYS L 10 28.17 32.79 8.59
CA LYS L 10 27.82 32.80 7.18
C LYS L 10 27.00 34.03 6.82
#